data_2KAF
#
_entry.id   2KAF
#
_entity_poly.entity_id   1
_entity_poly.type   'polypeptide(L)'
_entity_poly.pdbx_seq_one_letter_code
;GSEEHFVETVSLAGSYRDWSYSGQRTELGVEFLKRGDKIVYHTLESPVEFHLDGEVLSLDKLKSLLS
;
_entity_poly.pdbx_strand_id   A
#
# COMPACT_ATOMS: atom_id res chain seq x y z
N GLY A 1 -8.96 1.66 12.13
CA GLY A 1 -8.40 0.33 11.86
C GLY A 1 -6.91 0.42 11.58
N SER A 2 -6.10 -0.52 12.07
CA SER A 2 -4.64 -0.47 11.99
C SER A 2 -4.15 -0.33 10.56
N GLU A 3 -4.60 -1.26 9.75
CA GLU A 3 -4.21 -1.37 8.35
C GLU A 3 -4.69 -0.11 7.60
N GLU A 4 -5.93 0.30 7.82
CA GLU A 4 -6.51 1.51 7.23
C GLU A 4 -5.67 2.75 7.58
N HIS A 5 -5.21 2.83 8.83
CA HIS A 5 -4.40 3.94 9.31
C HIS A 5 -3.05 3.98 8.59
N PHE A 6 -2.56 2.84 8.09
CA PHE A 6 -1.37 2.82 7.27
C PHE A 6 -1.61 3.50 5.92
N VAL A 7 -2.73 3.19 5.25
CA VAL A 7 -3.14 3.90 4.04
C VAL A 7 -3.22 5.40 4.34
N GLU A 8 -3.85 5.72 5.45
CA GLU A 8 -4.10 7.08 5.90
C GLU A 8 -2.78 7.83 6.02
N THR A 9 -1.80 7.28 6.74
CA THR A 9 -0.55 7.97 7.04
C THR A 9 0.27 8.25 5.80
N VAL A 10 0.36 7.27 4.89
CA VAL A 10 1.14 7.43 3.68
C VAL A 10 0.48 8.50 2.82
N SER A 11 -0.86 8.60 2.77
CA SER A 11 -1.55 9.65 2.02
C SER A 11 -1.08 11.04 2.47
N LEU A 12 -0.87 11.23 3.78
CA LEU A 12 -0.53 12.55 4.28
C LEU A 12 0.90 12.94 3.88
N ALA A 13 1.81 11.96 3.82
CA ALA A 13 3.16 12.18 3.31
C ALA A 13 3.19 12.18 1.77
N GLY A 14 2.20 11.58 1.11
CA GLY A 14 2.23 11.27 -0.31
C GLY A 14 3.31 10.24 -0.67
N SER A 15 3.89 9.53 0.31
CA SER A 15 5.06 8.68 0.08
C SER A 15 5.38 7.90 1.36
N TYR A 16 6.22 6.88 1.26
CA TYR A 16 6.76 6.12 2.40
C TYR A 16 8.17 5.66 2.10
N ARG A 17 9.14 5.84 3.01
CA ARG A 17 10.58 5.57 2.86
C ARG A 17 11.16 6.20 1.59
N ASP A 18 10.97 5.53 0.47
CA ASP A 18 11.52 5.86 -0.85
C ASP A 18 10.46 5.73 -1.95
N TRP A 19 9.25 5.31 -1.58
CA TRP A 19 8.12 5.08 -2.47
C TRP A 19 7.28 6.35 -2.54
N SER A 20 6.28 6.33 -3.41
CA SER A 20 5.35 7.39 -3.74
C SER A 20 3.95 6.84 -3.56
N TYR A 21 3.04 7.55 -2.89
CA TYR A 21 1.62 7.23 -2.87
C TYR A 21 1.02 7.33 -4.29
N SER A 22 -0.19 6.82 -4.48
CA SER A 22 -0.98 6.89 -5.70
C SER A 22 -2.44 7.12 -5.30
N GLY A 23 -3.35 6.16 -5.47
CA GLY A 23 -4.76 6.28 -5.08
C GLY A 23 -5.71 5.98 -6.22
N GLN A 24 -5.18 5.48 -7.34
CA GLN A 24 -5.93 5.08 -8.50
C GLN A 24 -6.57 3.73 -8.22
N ARG A 25 -7.86 3.70 -7.92
CA ARG A 25 -8.60 2.44 -7.89
C ARG A 25 -8.54 1.80 -9.27
N THR A 26 -8.36 0.50 -9.33
CA THR A 26 -8.45 -0.29 -10.55
C THR A 26 -9.25 -1.54 -10.20
N GLU A 27 -9.31 -2.50 -11.11
CA GLU A 27 -9.91 -3.81 -10.85
C GLU A 27 -9.27 -4.48 -9.62
N LEU A 28 -7.97 -4.24 -9.42
CA LEU A 28 -7.13 -5.08 -8.58
C LEU A 28 -6.89 -4.49 -7.20
N GLY A 29 -7.69 -3.49 -6.84
CA GLY A 29 -7.63 -2.82 -5.56
C GLY A 29 -7.55 -1.33 -5.81
N VAL A 30 -6.79 -0.62 -4.98
CA VAL A 30 -6.33 0.72 -5.31
C VAL A 30 -4.81 0.75 -5.26
N GLU A 31 -4.20 1.45 -6.23
CA GLU A 31 -2.77 1.64 -6.37
C GLU A 31 -2.28 2.37 -5.13
N PHE A 32 -1.33 1.76 -4.43
CA PHE A 32 -0.81 2.23 -3.17
C PHE A 32 0.49 2.98 -3.35
N LEU A 33 1.49 2.35 -2.83
CA LEU A 33 2.88 2.78 -2.89
C LEU A 33 3.46 2.28 -4.20
N LYS A 34 3.97 3.20 -5.02
CA LYS A 34 4.77 2.93 -6.19
C LYS A 34 6.24 3.24 -5.90
N ARG A 35 7.17 2.38 -6.31
CA ARG A 35 8.60 2.66 -6.30
C ARG A 35 9.18 1.88 -7.46
N GLY A 36 9.88 2.55 -8.38
CA GLY A 36 10.29 1.95 -9.64
C GLY A 36 9.13 1.19 -10.28
N ASP A 37 9.33 -0.12 -10.48
CA ASP A 37 8.39 -1.08 -11.06
C ASP A 37 7.44 -1.70 -10.04
N LYS A 38 7.63 -1.44 -8.74
CA LYS A 38 6.91 -2.09 -7.67
C LYS A 38 5.68 -1.25 -7.40
N ILE A 39 4.51 -1.86 -7.52
CA ILE A 39 3.23 -1.24 -7.25
C ILE A 39 2.58 -2.08 -6.16
N VAL A 40 2.51 -1.51 -4.96
CA VAL A 40 1.72 -2.10 -3.89
C VAL A 40 0.28 -1.71 -4.20
N TYR A 41 -0.64 -2.60 -3.91
CA TYR A 41 -2.08 -2.35 -3.91
C TYR A 41 -2.57 -2.45 -2.48
N HIS A 42 -3.75 -1.91 -2.20
CA HIS A 42 -4.48 -2.23 -1.00
C HIS A 42 -5.94 -2.42 -1.38
N THR A 43 -6.67 -3.20 -0.57
CA THR A 43 -8.09 -3.36 -0.76
C THR A 43 -8.80 -2.13 -0.21
N LEU A 44 -9.96 -1.83 -0.81
CA LEU A 44 -10.83 -0.78 -0.31
C LEU A 44 -11.39 -1.17 1.06
N GLU A 45 -11.83 -2.41 1.21
CA GLU A 45 -12.49 -2.89 2.43
C GLU A 45 -11.49 -3.62 3.34
N SER A 46 -11.95 -3.96 4.55
CA SER A 46 -11.15 -4.49 5.64
C SER A 46 -11.26 -6.01 5.79
N PRO A 47 -10.25 -6.68 6.38
CA PRO A 47 -8.95 -6.10 6.68
C PRO A 47 -8.26 -5.73 5.38
N VAL A 48 -7.49 -4.65 5.43
CA VAL A 48 -6.92 -4.11 4.24
C VAL A 48 -5.77 -5.04 3.88
N GLU A 49 -6.02 -5.84 2.85
CA GLU A 49 -5.04 -6.72 2.29
C GLU A 49 -4.18 -5.85 1.38
N PHE A 50 -2.96 -5.65 1.82
CA PHE A 50 -1.93 -5.03 1.01
C PHE A 50 -1.42 -6.12 0.08
N HIS A 51 -1.13 -5.81 -1.18
CA HIS A 51 -0.49 -6.75 -2.09
C HIS A 51 0.71 -6.07 -2.71
N LEU A 52 1.65 -6.85 -3.22
CA LEU A 52 2.69 -6.35 -4.11
C LEU A 52 3.03 -7.42 -5.12
N ASP A 53 2.92 -7.11 -6.41
CA ASP A 53 3.33 -7.90 -7.58
C ASP A 53 2.48 -9.16 -7.77
N GLY A 54 1.85 -9.63 -6.68
CA GLY A 54 0.98 -10.78 -6.59
C GLY A 54 1.05 -11.42 -5.20
N GLU A 55 1.95 -10.99 -4.33
CA GLU A 55 2.04 -11.43 -2.94
C GLU A 55 1.14 -10.53 -2.13
N VAL A 56 0.06 -11.09 -1.60
CA VAL A 56 -0.65 -10.47 -0.48
C VAL A 56 0.32 -10.46 0.70
N LEU A 57 0.51 -9.29 1.31
CA LEU A 57 1.42 -9.05 2.42
C LEU A 57 0.60 -8.93 3.71
N SER A 58 1.27 -8.72 4.83
CA SER A 58 0.66 -8.32 6.08
C SER A 58 1.25 -6.98 6.50
N LEU A 59 0.62 -6.31 7.47
CA LEU A 59 0.86 -4.89 7.75
C LEU A 59 2.28 -4.70 8.26
N ASP A 60 2.71 -5.59 9.16
CA ASP A 60 4.01 -5.51 9.80
C ASP A 60 5.12 -5.84 8.79
N LYS A 61 4.87 -6.81 7.92
CA LYS A 61 5.74 -7.19 6.81
C LYS A 61 5.89 -6.00 5.89
N LEU A 62 4.79 -5.44 5.41
CA LEU A 62 4.75 -4.38 4.43
C LEU A 62 5.77 -3.31 4.78
N LYS A 63 5.75 -2.76 6.00
CA LYS A 63 6.72 -1.72 6.36
C LYS A 63 8.16 -2.16 6.12
N SER A 64 8.48 -3.36 6.58
CA SER A 64 9.79 -3.97 6.44
C SER A 64 10.15 -4.13 4.96
N LEU A 65 9.20 -4.50 4.11
CA LEU A 65 9.36 -4.69 2.67
C LEU A 65 9.51 -3.37 1.92
N LEU A 66 8.89 -2.30 2.42
CA LEU A 66 8.97 -0.98 1.82
C LEU A 66 10.33 -0.34 2.05
N SER A 67 11.09 -0.82 3.03
CA SER A 67 12.50 -0.50 3.15
C SER A 67 13.25 -1.03 1.91
N GLY A 1 -9.04 1.23 11.67
CA GLY A 1 -8.23 0.02 11.57
C GLY A 1 -6.75 0.35 11.49
N SER A 2 -5.87 -0.52 11.98
CA SER A 2 -4.42 -0.31 11.96
C SER A 2 -3.92 -0.24 10.51
N GLU A 3 -4.49 -1.10 9.68
CA GLU A 3 -4.13 -1.26 8.29
C GLU A 3 -4.66 -0.04 7.51
N GLU A 4 -5.90 0.35 7.76
CA GLU A 4 -6.52 1.56 7.20
C GLU A 4 -5.68 2.79 7.53
N HIS A 5 -5.21 2.87 8.77
CA HIS A 5 -4.38 3.95 9.27
C HIS A 5 -3.07 4.01 8.47
N PHE A 6 -2.53 2.88 8.01
CA PHE A 6 -1.36 2.90 7.16
C PHE A 6 -1.67 3.59 5.82
N VAL A 7 -2.81 3.26 5.20
CA VAL A 7 -3.21 3.92 3.96
C VAL A 7 -3.25 5.43 4.19
N GLU A 8 -3.93 5.86 5.26
CA GLU A 8 -4.06 7.27 5.56
C GLU A 8 -2.69 7.91 5.76
N THR A 9 -1.83 7.37 6.64
CA THR A 9 -0.59 8.02 7.01
C THR A 9 0.30 8.27 5.79
N VAL A 10 0.39 7.31 4.88
CA VAL A 10 1.18 7.48 3.68
C VAL A 10 0.51 8.54 2.80
N SER A 11 -0.83 8.62 2.75
CA SER A 11 -1.53 9.68 2.04
C SER A 11 -1.17 11.07 2.57
N LEU A 12 -0.89 11.19 3.86
CA LEU A 12 -0.55 12.47 4.46
C LEU A 12 0.84 12.92 4.01
N ALA A 13 1.80 12.01 3.95
CA ALA A 13 3.15 12.28 3.43
C ALA A 13 3.19 12.32 1.90
N GLY A 14 2.27 11.63 1.23
CA GLY A 14 2.33 11.31 -0.18
C GLY A 14 3.40 10.26 -0.52
N SER A 15 4.01 9.60 0.47
CA SER A 15 5.14 8.70 0.23
C SER A 15 5.46 7.91 1.50
N TYR A 16 6.26 6.83 1.36
CA TYR A 16 6.76 6.02 2.48
C TYR A 16 8.17 5.54 2.18
N ARG A 17 9.12 5.80 3.09
CA ARG A 17 10.56 5.54 2.96
C ARG A 17 11.13 6.15 1.68
N ASP A 18 10.96 5.46 0.56
CA ASP A 18 11.51 5.79 -0.75
C ASP A 18 10.42 5.74 -1.83
N TRP A 19 9.24 5.23 -1.48
CA TRP A 19 8.11 5.00 -2.37
C TRP A 19 7.22 6.25 -2.40
N SER A 20 6.27 6.26 -3.32
CA SER A 20 5.37 7.34 -3.64
C SER A 20 3.94 6.81 -3.50
N TYR A 21 3.06 7.53 -2.80
CA TYR A 21 1.63 7.26 -2.80
C TYR A 21 1.04 7.52 -4.19
N SER A 22 -0.13 6.94 -4.46
CA SER A 22 -0.91 7.09 -5.69
C SER A 22 -2.40 7.23 -5.29
N GLY A 23 -3.27 6.26 -5.58
CA GLY A 23 -4.66 6.28 -5.12
C GLY A 23 -5.69 6.08 -6.24
N GLN A 24 -5.25 5.71 -7.43
CA GLN A 24 -6.11 5.29 -8.51
C GLN A 24 -6.69 3.94 -8.13
N ARG A 25 -8.01 3.84 -8.02
CA ARG A 25 -8.69 2.55 -7.98
C ARG A 25 -8.51 1.83 -9.32
N THR A 26 -8.15 0.56 -9.30
CA THR A 26 -7.89 -0.25 -10.49
C THR A 26 -8.71 -1.54 -10.40
N GLU A 27 -8.48 -2.49 -11.32
CA GLU A 27 -8.99 -3.84 -11.22
C GLU A 27 -8.51 -4.53 -9.92
N LEU A 28 -7.23 -4.35 -9.57
CA LEU A 28 -6.55 -5.03 -8.47
C LEU A 28 -6.71 -4.35 -7.14
N GLY A 29 -7.42 -3.22 -7.11
CA GLY A 29 -7.53 -2.42 -5.92
C GLY A 29 -6.89 -1.06 -6.14
N VAL A 30 -6.76 -0.28 -5.07
CA VAL A 30 -6.28 1.08 -5.21
C VAL A 30 -4.74 1.06 -5.22
N GLU A 31 -4.11 1.70 -6.21
CA GLU A 31 -2.67 1.91 -6.30
C GLU A 31 -2.18 2.53 -4.98
N PHE A 32 -1.43 1.78 -4.19
CA PHE A 32 -0.86 2.24 -2.93
C PHE A 32 0.41 3.02 -3.16
N LEU A 33 1.45 2.38 -2.70
CA LEU A 33 2.85 2.79 -2.83
C LEU A 33 3.38 2.28 -4.16
N LYS A 34 3.94 3.18 -4.96
CA LYS A 34 4.71 2.91 -6.16
C LYS A 34 6.18 3.20 -5.89
N ARG A 35 7.09 2.36 -6.37
CA ARG A 35 8.53 2.61 -6.38
C ARG A 35 9.15 1.69 -7.42
N GLY A 36 10.06 2.18 -8.25
CA GLY A 36 10.79 1.35 -9.20
C GLY A 36 9.81 0.77 -10.19
N ASP A 37 9.65 -0.55 -10.19
CA ASP A 37 8.64 -1.27 -10.96
C ASP A 37 7.82 -2.13 -10.01
N LYS A 38 7.50 -1.61 -8.82
CA LYS A 38 6.69 -2.26 -7.81
C LYS A 38 5.52 -1.34 -7.50
N ILE A 39 4.31 -1.90 -7.53
CA ILE A 39 3.06 -1.22 -7.23
C ILE A 39 2.41 -2.06 -6.14
N VAL A 40 2.37 -1.51 -4.94
CA VAL A 40 1.56 -2.06 -3.87
C VAL A 40 0.14 -1.58 -4.18
N TYR A 41 -0.84 -2.38 -3.84
CA TYR A 41 -2.25 -2.04 -3.87
C TYR A 41 -2.78 -2.17 -2.45
N HIS A 42 -3.93 -1.59 -2.18
CA HIS A 42 -4.67 -1.85 -0.96
C HIS A 42 -6.11 -2.17 -1.33
N THR A 43 -6.71 -3.04 -0.52
CA THR A 43 -8.12 -3.32 -0.63
C THR A 43 -8.91 -2.12 -0.13
N LEU A 44 -10.11 -1.95 -0.68
CA LEU A 44 -11.09 -1.04 -0.13
C LEU A 44 -11.51 -1.51 1.27
N GLU A 45 -11.69 -2.82 1.45
CA GLU A 45 -12.27 -3.41 2.65
C GLU A 45 -11.17 -3.72 3.67
N SER A 46 -11.57 -3.89 4.93
CA SER A 46 -10.70 -4.13 6.08
C SER A 46 -10.82 -5.56 6.63
N PRO A 47 -9.81 -6.09 7.31
CA PRO A 47 -8.49 -5.49 7.42
C PRO A 47 -7.83 -5.45 6.05
N VAL A 48 -7.13 -4.35 5.82
CA VAL A 48 -6.68 -3.99 4.50
C VAL A 48 -5.54 -4.95 4.16
N GLU A 49 -5.71 -5.66 3.05
CA GLU A 49 -4.74 -6.58 2.52
C GLU A 49 -3.92 -5.79 1.51
N PHE A 50 -2.61 -5.73 1.75
CA PHE A 50 -1.71 -4.89 0.98
C PHE A 50 -1.01 -5.75 -0.05
N HIS A 51 -1.58 -5.89 -1.23
CA HIS A 51 -0.96 -6.74 -2.24
C HIS A 51 0.26 -6.01 -2.81
N LEU A 52 1.31 -6.73 -3.18
CA LEU A 52 2.40 -6.23 -4.01
C LEU A 52 2.73 -7.29 -5.03
N ASP A 53 2.65 -6.94 -6.30
CA ASP A 53 3.09 -7.79 -7.42
C ASP A 53 2.34 -9.13 -7.42
N GLY A 54 1.13 -9.11 -6.86
CA GLY A 54 0.23 -10.24 -6.75
C GLY A 54 0.43 -11.06 -5.48
N GLU A 55 1.33 -10.69 -4.59
CA GLU A 55 1.52 -11.29 -3.29
C GLU A 55 0.82 -10.41 -2.27
N VAL A 56 -0.22 -10.94 -1.65
CA VAL A 56 -0.88 -10.29 -0.52
C VAL A 56 0.17 -10.17 0.61
N LEU A 57 0.30 -9.01 1.25
CA LEU A 57 1.28 -8.79 2.31
C LEU A 57 0.58 -8.36 3.60
N SER A 58 1.22 -8.67 4.72
CA SER A 58 0.73 -8.31 6.06
C SER A 58 1.13 -6.88 6.40
N LEU A 59 0.57 -6.30 7.46
CA LEU A 59 0.81 -4.90 7.80
C LEU A 59 2.25 -4.74 8.25
N ASP A 60 2.61 -5.58 9.20
CA ASP A 60 3.92 -5.59 9.82
C ASP A 60 4.99 -5.93 8.79
N LYS A 61 4.68 -6.90 7.91
CA LYS A 61 5.58 -7.31 6.85
C LYS A 61 5.74 -6.15 5.87
N LEU A 62 4.65 -5.57 5.39
CA LEU A 62 4.64 -4.50 4.39
C LEU A 62 5.66 -3.44 4.77
N LYS A 63 5.61 -2.89 5.98
CA LYS A 63 6.52 -1.81 6.37
C LYS A 63 7.98 -2.24 6.21
N SER A 64 8.30 -3.46 6.61
CA SER A 64 9.61 -4.06 6.47
C SER A 64 9.98 -4.23 4.99
N LEU A 65 9.04 -4.66 4.15
CA LEU A 65 9.26 -4.87 2.72
C LEU A 65 9.54 -3.57 1.98
N LEU A 66 8.86 -2.48 2.37
CA LEU A 66 9.00 -1.19 1.72
C LEU A 66 10.36 -0.57 2.03
N SER A 67 11.02 -1.04 3.08
CA SER A 67 12.25 -0.54 3.67
C SER A 67 13.44 -1.29 3.06
N GLY A 1 -8.89 0.42 11.94
CA GLY A 1 -8.04 -0.63 11.39
C GLY A 1 -6.58 -0.25 11.49
N SER A 2 -5.76 -1.18 11.96
CA SER A 2 -4.30 -1.07 11.96
C SER A 2 -3.76 -0.81 10.57
N GLU A 3 -4.28 -1.61 9.67
CA GLU A 3 -4.04 -1.54 8.24
C GLU A 3 -4.57 -0.21 7.74
N GLU A 4 -5.84 0.13 8.03
CA GLU A 4 -6.49 1.35 7.53
C GLU A 4 -5.70 2.60 7.87
N HIS A 5 -5.13 2.64 9.08
CA HIS A 5 -4.27 3.71 9.56
C HIS A 5 -3.04 3.82 8.64
N PHE A 6 -2.49 2.71 8.15
CA PHE A 6 -1.41 2.76 7.17
C PHE A 6 -1.80 3.49 5.87
N VAL A 7 -2.99 3.24 5.30
CA VAL A 7 -3.48 4.06 4.17
C VAL A 7 -3.38 5.52 4.59
N GLU A 8 -4.02 5.83 5.71
CA GLU A 8 -4.24 7.18 6.15
C GLU A 8 -2.95 7.91 6.51
N THR A 9 -1.88 7.22 6.90
CA THR A 9 -0.61 7.86 7.19
C THR A 9 0.10 8.22 5.88
N VAL A 10 0.20 7.25 4.96
CA VAL A 10 0.97 7.45 3.73
C VAL A 10 0.30 8.57 2.90
N SER A 11 -1.03 8.63 2.83
CA SER A 11 -1.77 9.69 2.14
C SER A 11 -1.26 11.09 2.53
N LEU A 12 -0.95 11.33 3.81
CA LEU A 12 -0.52 12.65 4.30
C LEU A 12 0.91 12.93 3.86
N ALA A 13 1.78 11.93 3.94
CA ALA A 13 3.18 12.05 3.55
C ALA A 13 3.33 12.09 2.03
N GLY A 14 2.35 11.58 1.29
CA GLY A 14 2.40 11.38 -0.14
C GLY A 14 3.44 10.33 -0.54
N SER A 15 4.06 9.63 0.40
CA SER A 15 5.23 8.81 0.16
C SER A 15 5.52 7.95 1.40
N TYR A 16 6.43 6.97 1.25
CA TYR A 16 6.95 6.19 2.37
C TYR A 16 8.37 5.75 2.06
N ARG A 17 9.33 6.11 2.90
CA ARG A 17 10.77 5.89 2.76
C ARG A 17 11.31 6.51 1.48
N ASP A 18 11.08 5.81 0.38
CA ASP A 18 11.59 6.06 -0.97
C ASP A 18 10.46 5.95 -1.99
N TRP A 19 9.35 5.34 -1.60
CA TRP A 19 8.17 5.09 -2.40
C TRP A 19 7.29 6.33 -2.43
N SER A 20 6.35 6.32 -3.37
CA SER A 20 5.48 7.40 -3.78
C SER A 20 4.04 6.91 -3.64
N TYR A 21 3.18 7.68 -2.96
CA TYR A 21 1.74 7.42 -2.94
C TYR A 21 1.15 7.67 -4.32
N SER A 22 0.18 6.84 -4.72
CA SER A 22 -0.68 6.96 -5.90
C SER A 22 -2.10 7.25 -5.40
N GLY A 23 -3.07 6.32 -5.55
CA GLY A 23 -4.41 6.52 -4.99
C GLY A 23 -5.55 6.30 -6.01
N GLN A 24 -5.26 5.58 -7.11
CA GLN A 24 -6.22 5.30 -8.17
C GLN A 24 -6.81 3.89 -7.98
N ARG A 25 -8.15 3.76 -7.91
CA ARG A 25 -8.76 2.42 -7.89
C ARG A 25 -8.56 1.75 -9.24
N THR A 26 -8.14 0.49 -9.22
CA THR A 26 -8.07 -0.37 -10.39
C THR A 26 -8.70 -1.71 -10.04
N GLU A 27 -8.85 -2.59 -11.03
CA GLU A 27 -9.43 -3.92 -10.85
C GLU A 27 -8.72 -4.73 -9.76
N LEU A 28 -7.41 -4.50 -9.60
CA LEU A 28 -6.54 -5.25 -8.69
C LEU A 28 -6.37 -4.53 -7.36
N GLY A 29 -7.24 -3.56 -7.11
CA GLY A 29 -7.25 -2.75 -5.91
C GLY A 29 -6.86 -1.33 -6.26
N VAL A 30 -6.91 -0.48 -5.26
CA VAL A 30 -6.36 0.86 -5.40
C VAL A 30 -4.84 0.84 -5.28
N GLU A 31 -4.19 1.53 -6.21
CA GLU A 31 -2.75 1.74 -6.23
C GLU A 31 -2.32 2.41 -4.93
N PHE A 32 -1.39 1.77 -4.24
CA PHE A 32 -0.79 2.24 -3.01
C PHE A 32 0.50 2.96 -3.33
N LEU A 33 1.54 2.33 -2.89
CA LEU A 33 2.91 2.80 -2.95
C LEU A 33 3.54 2.27 -4.22
N LYS A 34 3.96 3.18 -5.08
CA LYS A 34 4.83 2.93 -6.22
C LYS A 34 6.28 3.19 -5.82
N ARG A 35 7.22 2.37 -6.28
CA ARG A 35 8.66 2.67 -6.26
C ARG A 35 9.33 1.80 -7.30
N GLY A 36 10.18 2.37 -8.13
CA GLY A 36 10.94 1.67 -9.14
C GLY A 36 10.03 0.78 -9.97
N ASP A 37 10.16 -0.54 -9.81
CA ASP A 37 9.39 -1.54 -10.55
C ASP A 37 8.44 -2.35 -9.65
N LYS A 38 8.03 -1.74 -8.53
CA LYS A 38 7.14 -2.31 -7.53
C LYS A 38 5.91 -1.41 -7.42
N ILE A 39 4.72 -2.00 -7.27
CA ILE A 39 3.46 -1.28 -7.04
C ILE A 39 2.68 -2.07 -5.99
N VAL A 40 2.53 -1.51 -4.80
CA VAL A 40 1.66 -2.07 -3.78
C VAL A 40 0.24 -1.66 -4.14
N TYR A 41 -0.73 -2.51 -3.83
CA TYR A 41 -2.16 -2.28 -3.93
C TYR A 41 -2.79 -2.47 -2.56
N HIS A 42 -3.99 -1.96 -2.35
CA HIS A 42 -4.81 -2.25 -1.18
C HIS A 42 -6.27 -2.42 -1.62
N THR A 43 -7.03 -3.18 -0.84
CA THR A 43 -8.45 -3.40 -1.10
C THR A 43 -9.26 -2.16 -0.71
N LEU A 44 -10.46 -2.05 -1.30
CA LEU A 44 -11.36 -0.93 -1.08
C LEU A 44 -12.17 -1.04 0.22
N GLU A 45 -12.26 -2.23 0.80
CA GLU A 45 -13.00 -2.51 2.02
C GLU A 45 -12.05 -2.88 3.16
N SER A 46 -12.58 -3.05 4.37
CA SER A 46 -11.82 -3.59 5.49
C SER A 46 -12.20 -5.06 5.70
N PRO A 47 -11.31 -5.87 6.29
CA PRO A 47 -9.93 -5.54 6.61
C PRO A 47 -9.11 -5.43 5.32
N VAL A 48 -8.36 -4.33 5.26
CA VAL A 48 -7.66 -3.97 4.05
C VAL A 48 -6.50 -4.95 3.90
N GLU A 49 -6.34 -5.52 2.71
CA GLU A 49 -5.27 -6.44 2.39
C GLU A 49 -4.34 -5.73 1.41
N PHE A 50 -3.09 -5.56 1.84
CA PHE A 50 -2.03 -4.99 1.03
C PHE A 50 -1.53 -6.11 0.11
N HIS A 51 -1.32 -5.84 -1.17
CA HIS A 51 -0.71 -6.81 -2.07
C HIS A 51 0.47 -6.16 -2.78
N LEU A 52 1.41 -6.95 -3.25
CA LEU A 52 2.53 -6.48 -4.06
C LEU A 52 2.96 -7.59 -5.00
N ASP A 53 2.96 -7.31 -6.30
CA ASP A 53 3.43 -8.18 -7.39
C ASP A 53 2.62 -9.48 -7.55
N GLY A 54 1.53 -9.61 -6.79
CA GLY A 54 0.66 -10.77 -6.69
C GLY A 54 0.63 -11.37 -5.29
N GLU A 55 1.54 -10.97 -4.39
CA GLU A 55 1.62 -11.50 -3.03
C GLU A 55 0.87 -10.57 -2.12
N VAL A 56 -0.14 -11.12 -1.44
CA VAL A 56 -0.77 -10.48 -0.29
C VAL A 56 0.30 -10.37 0.81
N LEU A 57 0.51 -9.17 1.35
CA LEU A 57 1.50 -8.90 2.40
C LEU A 57 0.80 -8.56 3.71
N SER A 58 1.46 -8.88 4.82
CA SER A 58 0.97 -8.50 6.14
C SER A 58 1.30 -7.02 6.37
N LEU A 59 0.62 -6.36 7.32
CA LEU A 59 0.84 -4.95 7.64
C LEU A 59 2.27 -4.73 8.12
N ASP A 60 2.70 -5.51 9.10
CA ASP A 60 4.01 -5.30 9.68
C ASP A 60 5.08 -5.67 8.68
N LYS A 61 4.81 -6.71 7.87
CA LYS A 61 5.70 -7.19 6.85
C LYS A 61 5.87 -6.10 5.82
N LEU A 62 4.78 -5.47 5.38
CA LEU A 62 4.76 -4.40 4.41
C LEU A 62 5.79 -3.35 4.80
N LYS A 63 5.71 -2.79 6.01
CA LYS A 63 6.66 -1.79 6.47
C LYS A 63 8.11 -2.26 6.35
N SER A 64 8.43 -3.51 6.67
CA SER A 64 9.75 -4.07 6.43
C SER A 64 10.06 -4.16 4.93
N LEU A 65 9.14 -4.65 4.10
CA LEU A 65 9.34 -4.81 2.67
C LEU A 65 9.51 -3.46 1.94
N LEU A 66 9.05 -2.37 2.52
CA LEU A 66 9.16 -1.03 1.95
C LEU A 66 10.40 -0.29 2.43
N SER A 67 11.04 -0.76 3.50
CA SER A 67 12.28 -0.21 3.97
C SER A 67 13.34 -0.40 2.89
N GLY A 1 -9.01 1.43 11.70
CA GLY A 1 -8.11 0.35 12.15
C GLY A 1 -6.69 0.54 11.64
N SER A 2 -5.72 -0.27 12.10
CA SER A 2 -4.29 -0.11 11.86
C SER A 2 -3.97 -0.13 10.37
N GLU A 3 -4.63 -1.00 9.62
CA GLU A 3 -4.34 -1.20 8.21
C GLU A 3 -4.86 0.02 7.44
N GLU A 4 -6.08 0.43 7.71
CA GLU A 4 -6.70 1.64 7.17
C GLU A 4 -5.83 2.87 7.50
N HIS A 5 -5.34 2.94 8.74
CA HIS A 5 -4.51 4.04 9.25
C HIS A 5 -3.18 4.07 8.50
N PHE A 6 -2.72 2.93 7.96
CA PHE A 6 -1.49 2.89 7.17
C PHE A 6 -1.72 3.54 5.81
N VAL A 7 -2.83 3.23 5.14
CA VAL A 7 -3.21 3.91 3.89
C VAL A 7 -3.29 5.42 4.15
N GLU A 8 -3.92 5.77 5.27
CA GLU A 8 -4.14 7.14 5.68
C GLU A 8 -2.80 7.86 5.83
N THR A 9 -1.89 7.31 6.64
CA THR A 9 -0.64 7.99 6.97
C THR A 9 0.20 8.22 5.72
N VAL A 10 0.33 7.21 4.87
CA VAL A 10 1.13 7.33 3.68
C VAL A 10 0.53 8.41 2.77
N SER A 11 -0.80 8.55 2.70
CA SER A 11 -1.41 9.62 1.92
C SER A 11 -0.94 10.99 2.38
N LEU A 12 -0.71 11.17 3.69
CA LEU A 12 -0.26 12.46 4.20
C LEU A 12 1.22 12.70 3.91
N ALA A 13 2.01 11.63 3.89
CA ALA A 13 3.42 11.69 3.50
C ALA A 13 3.58 11.75 1.98
N GLY A 14 2.54 11.42 1.20
CA GLY A 14 2.56 11.30 -0.25
C GLY A 14 3.55 10.24 -0.72
N SER A 15 4.01 9.35 0.19
CA SER A 15 5.23 8.59 0.05
C SER A 15 5.41 7.78 1.32
N TYR A 16 6.29 6.78 1.29
CA TYR A 16 6.71 6.06 2.49
C TYR A 16 8.09 5.46 2.29
N ARG A 17 8.99 5.63 3.26
CA ARG A 17 10.41 5.27 3.21
C ARG A 17 11.08 5.83 1.96
N ASP A 18 11.00 5.10 0.84
CA ASP A 18 11.63 5.40 -0.43
C ASP A 18 10.64 5.38 -1.60
N TRP A 19 9.36 5.13 -1.32
CA TRP A 19 8.27 4.96 -2.29
C TRP A 19 7.44 6.24 -2.40
N SER A 20 6.55 6.30 -3.39
CA SER A 20 5.59 7.35 -3.66
C SER A 20 4.22 6.77 -3.38
N TYR A 21 3.30 7.55 -2.81
CA TYR A 21 1.87 7.26 -2.87
C TYR A 21 1.37 7.40 -4.33
N SER A 22 0.19 6.83 -4.60
CA SER A 22 -0.60 6.98 -5.82
C SER A 22 -2.05 7.16 -5.33
N GLY A 23 -2.95 6.20 -5.56
CA GLY A 23 -4.30 6.19 -5.00
C GLY A 23 -5.39 6.13 -6.07
N GLN A 24 -4.99 5.90 -7.33
CA GLN A 24 -5.89 5.59 -8.41
C GLN A 24 -6.55 4.25 -8.13
N ARG A 25 -7.80 4.11 -8.55
CA ARG A 25 -8.57 2.89 -8.33
C ARG A 25 -8.47 2.04 -9.58
N THR A 26 -8.36 0.72 -9.43
CA THR A 26 -8.07 -0.18 -10.54
C THR A 26 -8.84 -1.48 -10.34
N GLU A 27 -8.81 -2.36 -11.35
CA GLU A 27 -9.29 -3.73 -11.30
C GLU A 27 -8.76 -4.46 -10.05
N LEU A 28 -7.49 -4.23 -9.73
CA LEU A 28 -6.68 -4.94 -8.74
C LEU A 28 -6.75 -4.31 -7.35
N GLY A 29 -7.60 -3.29 -7.19
CA GLY A 29 -7.63 -2.51 -5.98
C GLY A 29 -7.00 -1.16 -6.22
N VAL A 30 -6.88 -0.37 -5.17
CA VAL A 30 -6.33 0.97 -5.30
C VAL A 30 -4.81 0.87 -5.39
N GLU A 31 -4.17 1.60 -6.32
CA GLU A 31 -2.72 1.79 -6.42
C GLU A 31 -2.24 2.40 -5.12
N PHE A 32 -1.40 1.70 -4.38
CA PHE A 32 -0.88 2.16 -3.11
C PHE A 32 0.40 2.94 -3.27
N LEU A 33 1.41 2.33 -2.77
CA LEU A 33 2.80 2.75 -2.85
C LEU A 33 3.34 2.26 -4.18
N LYS A 34 3.96 3.15 -4.92
CA LYS A 34 4.75 2.86 -6.10
C LYS A 34 6.21 3.17 -5.79
N ARG A 35 7.11 2.36 -6.33
CA ARG A 35 8.54 2.64 -6.38
C ARG A 35 9.05 1.97 -7.66
N GLY A 36 10.35 2.03 -7.96
CA GLY A 36 10.95 1.37 -9.10
C GLY A 36 10.45 -0.05 -9.26
N ASP A 37 9.59 -0.18 -10.25
CA ASP A 37 8.94 -1.33 -10.86
C ASP A 37 7.81 -1.95 -10.07
N LYS A 38 7.51 -1.43 -8.89
CA LYS A 38 6.79 -2.13 -7.85
C LYS A 38 5.56 -1.30 -7.53
N ILE A 39 4.38 -1.91 -7.56
CA ILE A 39 3.13 -1.26 -7.25
C ILE A 39 2.47 -2.12 -6.18
N VAL A 40 2.34 -1.55 -4.99
CA VAL A 40 1.52 -2.11 -3.93
C VAL A 40 0.08 -1.74 -4.27
N TYR A 41 -0.88 -2.58 -3.90
CA TYR A 41 -2.30 -2.28 -3.97
C TYR A 41 -2.87 -2.39 -2.57
N HIS A 42 -4.06 -1.85 -2.36
CA HIS A 42 -4.83 -2.09 -1.15
C HIS A 42 -6.28 -2.33 -1.53
N THR A 43 -6.98 -3.10 -0.71
CA THR A 43 -8.39 -3.37 -0.86
C THR A 43 -9.21 -2.15 -0.47
N LEU A 44 -10.43 -2.08 -1.00
CA LEU A 44 -11.47 -1.17 -0.53
C LEU A 44 -12.14 -1.63 0.76
N GLU A 45 -11.83 -2.81 1.27
CA GLU A 45 -12.46 -3.44 2.43
C GLU A 45 -11.43 -3.84 3.50
N SER A 46 -11.92 -4.08 4.71
CA SER A 46 -11.12 -4.35 5.90
C SER A 46 -11.06 -5.86 6.24
N PRO A 47 -10.03 -6.30 6.98
CA PRO A 47 -8.78 -5.59 7.16
C PRO A 47 -8.13 -5.44 5.79
N VAL A 48 -7.43 -4.31 5.64
CA VAL A 48 -6.96 -3.91 4.34
C VAL A 48 -5.86 -4.89 3.95
N GLU A 49 -6.06 -5.58 2.84
CA GLU A 49 -5.10 -6.51 2.29
C GLU A 49 -4.26 -5.73 1.32
N PHE A 50 -3.02 -5.55 1.73
CA PHE A 50 -1.98 -4.92 0.96
C PHE A 50 -1.44 -5.97 0.01
N HIS A 51 -1.70 -5.87 -1.29
CA HIS A 51 -1.07 -6.76 -2.25
C HIS A 51 0.19 -6.09 -2.80
N LEU A 52 1.12 -6.88 -3.35
CA LEU A 52 2.28 -6.40 -4.07
C LEU A 52 2.79 -7.48 -5.01
N ASP A 53 2.92 -7.15 -6.28
CA ASP A 53 3.45 -7.94 -7.39
C ASP A 53 2.46 -9.03 -7.78
N GLY A 54 2.13 -9.86 -6.80
CA GLY A 54 1.02 -10.76 -6.80
C GLY A 54 0.90 -11.49 -5.47
N GLU A 55 1.53 -11.00 -4.40
CA GLU A 55 1.51 -11.55 -3.06
C GLU A 55 0.70 -10.58 -2.23
N VAL A 56 -0.38 -11.05 -1.63
CA VAL A 56 -0.99 -10.35 -0.50
C VAL A 56 0.02 -10.42 0.65
N LEU A 57 0.52 -9.27 1.09
CA LEU A 57 1.42 -9.10 2.22
C LEU A 57 0.61 -8.78 3.48
N SER A 58 1.29 -8.55 4.60
CA SER A 58 0.71 -8.21 5.90
C SER A 58 1.15 -6.80 6.28
N LEU A 59 0.49 -6.15 7.25
CA LEU A 59 0.69 -4.73 7.55
C LEU A 59 2.11 -4.50 8.07
N ASP A 60 2.52 -5.33 9.01
CA ASP A 60 3.84 -5.22 9.63
C ASP A 60 4.93 -5.55 8.63
N LYS A 61 4.66 -6.61 7.86
CA LYS A 61 5.59 -7.12 6.90
C LYS A 61 5.83 -6.09 5.84
N LEU A 62 4.75 -5.54 5.28
CA LEU A 62 4.75 -4.51 4.27
C LEU A 62 5.75 -3.44 4.67
N LYS A 63 5.69 -2.91 5.90
CA LYS A 63 6.65 -1.90 6.33
C LYS A 63 8.11 -2.36 6.14
N SER A 64 8.45 -3.58 6.58
CA SER A 64 9.76 -4.21 6.36
C SER A 64 10.09 -4.40 4.87
N LEU A 65 9.09 -4.67 4.04
CA LEU A 65 9.22 -4.90 2.60
C LEU A 65 9.29 -3.60 1.81
N LEU A 66 8.89 -2.46 2.40
CA LEU A 66 8.96 -1.13 1.82
C LEU A 66 10.24 -0.40 2.24
N SER A 67 10.95 -0.97 3.21
CA SER A 67 12.29 -0.57 3.58
C SER A 67 13.19 -0.73 2.36
N GLY A 1 -8.95 1.13 11.75
CA GLY A 1 -8.05 -0.01 11.96
C GLY A 1 -6.61 0.36 11.64
N SER A 2 -5.65 -0.42 12.15
CA SER A 2 -4.22 -0.16 12.00
C SER A 2 -3.82 -0.10 10.52
N GLU A 3 -4.48 -0.91 9.71
CA GLU A 3 -4.24 -1.07 8.29
C GLU A 3 -4.77 0.15 7.55
N GLU A 4 -6.01 0.56 7.83
CA GLU A 4 -6.64 1.74 7.24
C GLU A 4 -5.81 2.98 7.59
N HIS A 5 -5.35 3.05 8.85
CA HIS A 5 -4.49 4.12 9.34
C HIS A 5 -3.19 4.14 8.55
N PHE A 6 -2.66 2.98 8.13
CA PHE A 6 -1.48 2.94 7.30
C PHE A 6 -1.74 3.58 5.92
N VAL A 7 -2.87 3.28 5.29
CA VAL A 7 -3.26 3.90 4.02
C VAL A 7 -3.43 5.42 4.20
N GLU A 8 -3.98 5.82 5.34
CA GLU A 8 -4.15 7.20 5.72
C GLU A 8 -2.78 7.86 5.81
N THR A 9 -1.85 7.31 6.59
CA THR A 9 -0.60 7.98 6.92
C THR A 9 0.20 8.27 5.65
N VAL A 10 0.30 7.27 4.77
CA VAL A 10 1.02 7.45 3.53
C VAL A 10 0.30 8.48 2.65
N SER A 11 -1.03 8.60 2.72
CA SER A 11 -1.74 9.63 1.97
C SER A 11 -1.39 11.03 2.44
N LEU A 12 -0.97 11.17 3.70
CA LEU A 12 -0.59 12.46 4.24
C LEU A 12 0.77 12.82 3.64
N ALA A 13 1.75 11.94 3.84
CA ALA A 13 3.12 12.10 3.37
C ALA A 13 3.22 12.13 1.84
N GLY A 14 2.29 11.48 1.15
CA GLY A 14 2.38 11.17 -0.27
C GLY A 14 3.48 10.15 -0.58
N SER A 15 4.10 9.51 0.43
CA SER A 15 5.27 8.66 0.22
C SER A 15 5.55 7.86 1.50
N TYR A 16 6.14 6.67 1.36
CA TYR A 16 6.59 5.83 2.48
C TYR A 16 8.03 5.45 2.23
N ARG A 17 8.92 5.81 3.16
CA ARG A 17 10.37 5.82 2.99
C ARG A 17 10.79 6.46 1.66
N ASP A 18 10.84 5.65 0.62
CA ASP A 18 11.46 5.85 -0.68
C ASP A 18 10.47 5.48 -1.80
N TRP A 19 9.23 5.16 -1.42
CA TRP A 19 8.12 4.87 -2.28
C TRP A 19 7.22 6.10 -2.34
N SER A 20 6.35 6.14 -3.32
CA SER A 20 5.43 7.22 -3.63
C SER A 20 4.02 6.67 -3.47
N TYR A 21 3.12 7.43 -2.85
CA TYR A 21 1.69 7.14 -2.82
C TYR A 21 1.13 7.16 -4.25
N SER A 22 -0.07 6.65 -4.44
CA SER A 22 -0.80 6.66 -5.70
C SER A 22 -2.26 6.99 -5.36
N GLY A 23 -3.19 6.05 -5.49
CA GLY A 23 -4.60 6.20 -5.12
C GLY A 23 -5.54 5.97 -6.30
N GLN A 24 -4.96 5.71 -7.48
CA GLN A 24 -5.59 5.29 -8.71
C GLN A 24 -6.26 3.96 -8.42
N ARG A 25 -7.58 3.96 -8.37
CA ARG A 25 -8.35 2.73 -8.26
C ARG A 25 -8.37 2.05 -9.62
N THR A 26 -8.18 0.74 -9.63
CA THR A 26 -8.26 -0.14 -10.79
C THR A 26 -8.96 -1.42 -10.34
N GLU A 27 -9.08 -2.39 -11.25
CA GLU A 27 -9.60 -3.71 -10.88
C GLU A 27 -8.64 -4.44 -9.95
N LEU A 28 -7.35 -4.06 -9.96
CA LEU A 28 -6.38 -4.67 -9.07
C LEU A 28 -6.48 -4.12 -7.66
N GLY A 29 -7.39 -3.18 -7.43
CA GLY A 29 -7.57 -2.51 -6.18
C GLY A 29 -7.13 -1.08 -6.31
N VAL A 30 -6.94 -0.40 -5.20
CA VAL A 30 -6.39 0.95 -5.24
C VAL A 30 -4.89 0.84 -5.19
N GLU A 31 -4.22 1.38 -6.21
CA GLU A 31 -2.77 1.55 -6.24
C GLU A 31 -2.34 2.24 -4.95
N PHE A 32 -1.39 1.64 -4.26
CA PHE A 32 -0.79 2.14 -3.05
C PHE A 32 0.53 2.76 -3.37
N LEU A 33 1.53 2.12 -2.85
CA LEU A 33 2.90 2.58 -2.90
C LEU A 33 3.49 2.10 -4.20
N LYS A 34 3.91 3.03 -5.04
CA LYS A 34 4.77 2.81 -6.18
C LYS A 34 6.22 2.99 -5.74
N ARG A 35 7.13 2.18 -6.27
CA ARG A 35 8.56 2.46 -6.25
C ARG A 35 9.22 1.57 -7.29
N GLY A 36 10.20 2.06 -8.05
CA GLY A 36 10.91 1.23 -9.01
C GLY A 36 9.94 0.72 -10.05
N ASP A 37 9.66 -0.57 -10.01
CA ASP A 37 8.67 -1.30 -10.81
C ASP A 37 7.80 -2.15 -9.88
N LYS A 38 7.61 -1.71 -8.64
CA LYS A 38 6.85 -2.38 -7.59
C LYS A 38 5.69 -1.47 -7.26
N ILE A 39 4.48 -2.00 -7.31
CA ILE A 39 3.24 -1.29 -7.09
C ILE A 39 2.45 -2.12 -6.10
N VAL A 40 2.31 -1.60 -4.89
CA VAL A 40 1.48 -2.19 -3.86
C VAL A 40 0.03 -1.77 -4.19
N TYR A 41 -0.98 -2.59 -3.87
CA TYR A 41 -2.41 -2.32 -4.01
C TYR A 41 -3.11 -2.65 -2.71
N HIS A 42 -4.04 -1.81 -2.22
CA HIS A 42 -4.74 -2.07 -0.96
C HIS A 42 -6.17 -2.53 -1.26
N THR A 43 -6.70 -3.38 -0.37
CA THR A 43 -8.09 -3.78 -0.46
C THR A 43 -8.97 -2.60 -0.08
N LEU A 44 -10.09 -2.44 -0.79
CA LEU A 44 -11.12 -1.50 -0.37
C LEU A 44 -11.68 -1.90 0.99
N GLU A 45 -11.88 -3.20 1.21
CA GLU A 45 -12.47 -3.72 2.43
C GLU A 45 -11.41 -3.95 3.51
N SER A 46 -11.88 -4.08 4.74
CA SER A 46 -11.12 -4.13 5.97
C SER A 46 -11.12 -5.54 6.59
N PRO A 47 -10.10 -5.90 7.38
CA PRO A 47 -8.86 -5.15 7.50
C PRO A 47 -8.16 -5.13 6.16
N VAL A 48 -7.46 -4.02 5.92
CA VAL A 48 -6.91 -3.75 4.62
C VAL A 48 -5.70 -4.67 4.48
N GLU A 49 -5.76 -5.56 3.48
CA GLU A 49 -4.62 -6.30 3.03
C GLU A 49 -3.93 -5.48 1.95
N PHE A 50 -2.66 -5.79 1.74
CA PHE A 50 -1.74 -4.95 1.02
C PHE A 50 -1.03 -5.87 0.04
N HIS A 51 -1.56 -6.02 -1.16
CA HIS A 51 -0.93 -6.85 -2.17
C HIS A 51 0.23 -6.08 -2.76
N LEU A 52 1.23 -6.77 -3.27
CA LEU A 52 2.34 -6.19 -4.00
C LEU A 52 2.64 -7.10 -5.16
N ASP A 53 2.37 -6.61 -6.37
CA ASP A 53 2.67 -7.29 -7.61
C ASP A 53 2.05 -8.69 -7.67
N GLY A 54 0.98 -8.90 -6.91
CA GLY A 54 0.25 -10.16 -6.83
C GLY A 54 0.54 -10.99 -5.59
N GLU A 55 1.52 -10.62 -4.75
CA GLU A 55 1.71 -11.23 -3.43
C GLU A 55 0.89 -10.44 -2.42
N VAL A 56 -0.12 -11.04 -1.80
CA VAL A 56 -0.73 -10.49 -0.60
C VAL A 56 0.38 -10.35 0.45
N LEU A 57 0.50 -9.19 1.09
CA LEU A 57 1.36 -8.94 2.22
C LEU A 57 0.46 -8.60 3.41
N SER A 58 1.05 -8.48 4.59
CA SER A 58 0.36 -8.10 5.81
C SER A 58 0.98 -6.80 6.33
N LEU A 59 0.32 -6.12 7.28
CA LEU A 59 0.67 -4.76 7.67
C LEU A 59 2.10 -4.68 8.20
N ASP A 60 2.49 -5.71 8.94
CA ASP A 60 3.75 -5.80 9.64
C ASP A 60 4.89 -6.13 8.69
N LYS A 61 4.67 -7.08 7.77
CA LYS A 61 5.64 -7.40 6.72
C LYS A 61 5.81 -6.19 5.84
N LEU A 62 4.71 -5.57 5.41
CA LEU A 62 4.70 -4.45 4.49
C LEU A 62 5.71 -3.39 4.93
N LYS A 63 5.70 -2.94 6.18
CA LYS A 63 6.66 -1.91 6.59
C LYS A 63 8.09 -2.36 6.32
N SER A 64 8.39 -3.60 6.68
CA SER A 64 9.70 -4.18 6.50
C SER A 64 10.05 -4.35 5.01
N LEU A 65 9.08 -4.73 4.17
CA LEU A 65 9.26 -4.82 2.73
C LEU A 65 9.48 -3.44 2.11
N LEU A 66 8.78 -2.41 2.57
CA LEU A 66 8.91 -1.08 2.00
C LEU A 66 10.24 -0.41 2.36
N SER A 67 10.99 -0.97 3.31
CA SER A 67 12.43 -0.77 3.43
C SER A 67 13.10 -1.57 2.29
N GLY A 1 -8.99 1.47 11.46
CA GLY A 1 -8.07 0.48 12.07
C GLY A 1 -6.62 0.72 11.68
N SER A 2 -5.73 -0.12 12.18
CA SER A 2 -4.27 -0.08 12.00
C SER A 2 -3.83 0.01 10.55
N GLU A 3 -4.38 -0.90 9.78
CA GLU A 3 -4.14 -1.05 8.36
C GLU A 3 -4.68 0.18 7.62
N GLU A 4 -5.92 0.56 7.89
CA GLU A 4 -6.59 1.69 7.23
C GLU A 4 -5.80 2.98 7.50
N HIS A 5 -5.33 3.11 8.73
CA HIS A 5 -4.50 4.20 9.20
C HIS A 5 -3.15 4.19 8.47
N PHE A 6 -2.63 3.03 8.07
CA PHE A 6 -1.40 2.98 7.29
C PHE A 6 -1.61 3.57 5.91
N VAL A 7 -2.72 3.23 5.24
CA VAL A 7 -3.10 3.88 3.99
C VAL A 7 -3.12 5.40 4.19
N GLU A 8 -3.75 5.82 5.28
CA GLU A 8 -3.97 7.22 5.56
C GLU A 8 -2.63 7.93 5.77
N THR A 9 -1.76 7.40 6.61
CA THR A 9 -0.52 8.06 6.97
C THR A 9 0.37 8.27 5.74
N VAL A 10 0.42 7.27 4.86
CA VAL A 10 1.22 7.37 3.66
C VAL A 10 0.58 8.43 2.75
N SER A 11 -0.75 8.58 2.72
CA SER A 11 -1.38 9.67 2.00
C SER A 11 -0.87 11.02 2.53
N LEU A 12 -0.72 11.15 3.85
CA LEU A 12 -0.27 12.41 4.46
C LEU A 12 1.21 12.69 4.24
N ALA A 13 1.98 11.64 3.93
CA ALA A 13 3.37 11.76 3.50
C ALA A 13 3.46 11.91 1.98
N GLY A 14 2.44 11.48 1.24
CA GLY A 14 2.49 11.28 -0.20
C GLY A 14 3.48 10.19 -0.60
N SER A 15 4.02 9.40 0.35
CA SER A 15 5.21 8.59 0.14
C SER A 15 5.48 7.75 1.39
N TYR A 16 6.38 6.78 1.29
CA TYR A 16 6.91 6.02 2.43
C TYR A 16 8.28 5.47 2.05
N ARG A 17 9.29 5.63 2.91
CA ARG A 17 10.69 5.24 2.72
C ARG A 17 11.30 5.82 1.46
N ASP A 18 11.10 5.14 0.35
CA ASP A 18 11.70 5.36 -0.95
C ASP A 18 10.63 5.20 -2.05
N TRP A 19 9.36 5.12 -1.66
CA TRP A 19 8.20 4.96 -2.51
C TRP A 19 7.31 6.20 -2.45
N SER A 20 6.37 6.27 -3.39
CA SER A 20 5.42 7.34 -3.62
C SER A 20 4.03 6.76 -3.47
N TYR A 21 3.13 7.47 -2.81
CA TYR A 21 1.70 7.18 -2.82
C TYR A 21 1.15 7.34 -4.25
N SER A 22 -0.03 6.80 -4.51
CA SER A 22 -0.83 6.97 -5.70
C SER A 22 -2.27 7.14 -5.24
N GLY A 23 -3.16 6.18 -5.51
CA GLY A 23 -4.53 6.17 -5.02
C GLY A 23 -5.52 5.95 -6.16
N GLN A 24 -5.02 5.66 -7.36
CA GLN A 24 -5.84 5.32 -8.51
C GLN A 24 -6.48 3.97 -8.26
N ARG A 25 -7.80 3.92 -8.37
CA ARG A 25 -8.56 2.69 -8.16
C ARG A 25 -8.48 1.88 -9.44
N THR A 26 -8.31 0.56 -9.33
CA THR A 26 -8.22 -0.35 -10.45
C THR A 26 -8.94 -1.65 -10.07
N GLU A 27 -9.06 -2.58 -11.03
CA GLU A 27 -9.59 -3.91 -10.80
C GLU A 27 -8.77 -4.74 -9.80
N LEU A 28 -7.53 -4.32 -9.53
CA LEU A 28 -6.60 -4.99 -8.62
C LEU A 28 -6.72 -4.46 -7.21
N GLY A 29 -7.54 -3.43 -7.02
CA GLY A 29 -7.56 -2.67 -5.79
C GLY A 29 -7.03 -1.27 -6.08
N VAL A 30 -6.80 -0.49 -5.03
CA VAL A 30 -6.27 0.86 -5.21
C VAL A 30 -4.74 0.83 -5.25
N GLU A 31 -4.12 1.49 -6.24
CA GLU A 31 -2.68 1.67 -6.35
C GLU A 31 -2.18 2.40 -5.11
N PHE A 32 -1.32 1.75 -4.34
CA PHE A 32 -0.80 2.23 -3.08
C PHE A 32 0.50 2.98 -3.28
N LEU A 33 1.51 2.36 -2.74
CA LEU A 33 2.90 2.75 -2.85
C LEU A 33 3.39 2.27 -4.19
N LYS A 34 3.77 3.18 -5.06
CA LYS A 34 4.55 2.93 -6.26
C LYS A 34 6.00 3.19 -5.91
N ARG A 35 6.90 2.42 -6.49
CA ARG A 35 8.32 2.72 -6.60
C ARG A 35 8.77 2.16 -7.94
N GLY A 36 10.05 2.31 -8.28
CA GLY A 36 10.67 1.69 -9.45
C GLY A 36 10.30 0.23 -9.53
N ASP A 37 9.43 0.00 -10.48
CA ASP A 37 8.94 -1.24 -11.06
C ASP A 37 7.94 -1.98 -10.17
N LYS A 38 7.53 -1.38 -9.06
CA LYS A 38 6.83 -2.05 -7.99
C LYS A 38 5.58 -1.23 -7.68
N ILE A 39 4.42 -1.88 -7.63
CA ILE A 39 3.16 -1.23 -7.28
C ILE A 39 2.52 -2.09 -6.20
N VAL A 40 2.42 -1.52 -5.01
CA VAL A 40 1.63 -2.06 -3.92
C VAL A 40 0.18 -1.66 -4.23
N TYR A 41 -0.78 -2.46 -3.79
CA TYR A 41 -2.21 -2.17 -3.82
C TYR A 41 -2.76 -2.27 -2.40
N HIS A 42 -3.96 -1.75 -2.18
CA HIS A 42 -4.76 -2.03 -1.00
C HIS A 42 -6.20 -2.28 -1.41
N THR A 43 -6.90 -3.08 -0.62
CA THR A 43 -8.31 -3.33 -0.78
C THR A 43 -9.10 -2.05 -0.48
N LEU A 44 -10.30 -1.95 -1.03
CA LEU A 44 -11.30 -0.95 -0.65
C LEU A 44 -11.94 -1.24 0.72
N GLU A 45 -11.66 -2.39 1.30
CA GLU A 45 -12.42 -2.98 2.39
C GLU A 45 -11.45 -3.47 3.47
N SER A 46 -11.97 -3.65 4.69
CA SER A 46 -11.22 -4.12 5.84
C SER A 46 -11.48 -5.61 6.09
N PRO A 47 -10.52 -6.35 6.66
CA PRO A 47 -9.20 -5.86 7.03
C PRO A 47 -8.34 -5.69 5.80
N VAL A 48 -7.65 -4.55 5.76
CA VAL A 48 -7.02 -4.12 4.53
C VAL A 48 -5.88 -5.09 4.24
N GLU A 49 -5.89 -5.60 3.01
CA GLU A 49 -4.91 -6.53 2.50
C GLU A 49 -4.10 -5.75 1.47
N PHE A 50 -2.78 -5.82 1.63
CA PHE A 50 -1.83 -4.94 0.97
C PHE A 50 -1.06 -5.80 -0.01
N HIS A 51 -1.46 -5.79 -1.28
CA HIS A 51 -0.85 -6.67 -2.26
C HIS A 51 0.39 -5.99 -2.80
N LEU A 52 1.39 -6.74 -3.23
CA LEU A 52 2.51 -6.24 -4.02
C LEU A 52 2.94 -7.36 -4.92
N ASP A 53 3.24 -7.06 -6.19
CA ASP A 53 3.78 -7.98 -7.19
C ASP A 53 2.79 -9.06 -7.61
N GLY A 54 1.70 -9.26 -6.85
CA GLY A 54 0.75 -10.34 -6.97
C GLY A 54 0.64 -11.17 -5.69
N GLU A 55 1.36 -10.80 -4.62
CA GLU A 55 1.34 -11.42 -3.30
C GLU A 55 0.68 -10.46 -2.34
N VAL A 56 -0.42 -10.89 -1.74
CA VAL A 56 -1.03 -10.23 -0.60
C VAL A 56 -0.06 -10.33 0.58
N LEU A 57 0.33 -9.20 1.16
CA LEU A 57 1.28 -9.06 2.26
C LEU A 57 0.52 -8.76 3.56
N SER A 58 1.20 -8.80 4.73
CA SER A 58 0.63 -8.27 5.97
C SER A 58 1.07 -6.83 6.15
N LEU A 59 0.44 -6.14 7.10
CA LEU A 59 0.76 -4.75 7.43
C LEU A 59 2.15 -4.66 8.05
N ASP A 60 2.45 -5.56 8.99
CA ASP A 60 3.72 -5.52 9.71
C ASP A 60 4.84 -5.92 8.75
N LYS A 61 4.59 -6.93 7.92
CA LYS A 61 5.53 -7.34 6.88
C LYS A 61 5.74 -6.19 5.92
N LEU A 62 4.68 -5.59 5.39
CA LEU A 62 4.72 -4.49 4.43
C LEU A 62 5.74 -3.45 4.85
N LYS A 63 5.66 -2.93 6.08
CA LYS A 63 6.59 -1.89 6.54
C LYS A 63 8.05 -2.33 6.43
N SER A 64 8.33 -3.61 6.68
CA SER A 64 9.64 -4.21 6.45
C SER A 64 9.94 -4.28 4.95
N LEU A 65 9.03 -4.83 4.14
CA LEU A 65 9.21 -5.08 2.70
C LEU A 65 9.41 -3.81 1.88
N LEU A 66 8.86 -2.68 2.34
CA LEU A 66 9.02 -1.37 1.71
C LEU A 66 10.40 -0.79 1.95
N SER A 67 11.08 -1.21 3.02
CA SER A 67 12.50 -0.94 3.17
C SER A 67 13.25 -1.54 1.99
N GLY A 1 -8.58 2.18 12.12
CA GLY A 1 -7.91 0.88 12.32
C GLY A 1 -6.48 0.93 11.80
N SER A 2 -5.54 0.12 12.31
CA SER A 2 -4.11 0.24 11.97
C SER A 2 -3.83 0.06 10.49
N GLU A 3 -4.51 -0.90 9.85
CA GLU A 3 -4.30 -1.21 8.44
C GLU A 3 -4.86 -0.05 7.61
N GLU A 4 -6.09 0.36 7.89
CA GLU A 4 -6.76 1.50 7.26
C GLU A 4 -5.92 2.78 7.42
N HIS A 5 -5.35 2.95 8.61
CA HIS A 5 -4.53 4.08 9.01
C HIS A 5 -3.23 4.08 8.23
N PHE A 6 -2.67 2.94 7.82
CA PHE A 6 -1.50 2.95 6.97
C PHE A 6 -1.82 3.67 5.66
N VAL A 7 -2.99 3.36 5.07
CA VAL A 7 -3.41 4.03 3.85
C VAL A 7 -3.52 5.55 4.08
N GLU A 8 -4.05 5.97 5.22
CA GLU A 8 -4.13 7.39 5.56
C GLU A 8 -2.72 7.98 5.72
N THR A 9 -1.83 7.39 6.53
CA THR A 9 -0.57 7.99 6.91
C THR A 9 0.29 8.31 5.69
N VAL A 10 0.31 7.38 4.74
CA VAL A 10 1.10 7.57 3.54
C VAL A 10 0.43 8.62 2.66
N SER A 11 -0.89 8.80 2.69
CA SER A 11 -1.55 9.89 1.98
C SER A 11 -1.05 11.24 2.49
N LEU A 12 -0.89 11.39 3.81
CA LEU A 12 -0.52 12.67 4.40
C LEU A 12 0.92 13.04 4.07
N ALA A 13 1.79 12.05 3.86
CA ALA A 13 3.17 12.25 3.44
C ALA A 13 3.31 12.21 1.91
N GLY A 14 2.33 11.66 1.20
CA GLY A 14 2.38 11.28 -0.21
C GLY A 14 3.48 10.25 -0.53
N SER A 15 4.12 9.63 0.47
CA SER A 15 5.24 8.74 0.24
C SER A 15 5.53 7.94 1.51
N TYR A 16 6.29 6.86 1.38
CA TYR A 16 6.76 6.06 2.51
C TYR A 16 8.14 5.49 2.22
N ARG A 17 9.09 5.73 3.12
CA ARG A 17 10.50 5.37 3.04
C ARG A 17 11.14 5.94 1.78
N ASP A 18 11.02 5.22 0.68
CA ASP A 18 11.62 5.50 -0.62
C ASP A 18 10.57 5.45 -1.75
N TRP A 19 9.32 5.13 -1.42
CA TRP A 19 8.20 4.95 -2.35
C TRP A 19 7.29 6.18 -2.36
N SER A 20 6.40 6.22 -3.33
CA SER A 20 5.52 7.32 -3.73
C SER A 20 4.09 6.81 -3.67
N TYR A 21 3.18 7.56 -3.07
CA TYR A 21 1.73 7.32 -3.13
C TYR A 21 1.20 7.41 -4.58
N SER A 22 0.00 6.87 -4.82
CA SER A 22 -0.81 6.95 -6.04
C SER A 22 -2.26 7.24 -5.57
N GLY A 23 -3.19 6.30 -5.74
CA GLY A 23 -4.60 6.47 -5.43
C GLY A 23 -5.52 6.23 -6.61
N GLN A 24 -4.97 5.82 -7.75
CA GLN A 24 -5.76 5.39 -8.89
C GLN A 24 -6.44 4.08 -8.54
N ARG A 25 -7.76 4.05 -8.68
CA ARG A 25 -8.57 2.87 -8.41
C ARG A 25 -8.51 2.00 -9.64
N THR A 26 -8.33 0.70 -9.46
CA THR A 26 -8.24 -0.25 -10.54
C THR A 26 -8.92 -1.55 -10.13
N GLU A 27 -9.02 -2.51 -11.05
CA GLU A 27 -9.55 -3.84 -10.80
C GLU A 27 -8.81 -4.56 -9.66
N LEU A 28 -7.53 -4.22 -9.48
CA LEU A 28 -6.65 -4.82 -8.50
C LEU A 28 -6.71 -4.11 -7.16
N GLY A 29 -7.49 -3.04 -7.05
CA GLY A 29 -7.51 -2.21 -5.87
C GLY A 29 -7.04 -0.80 -6.20
N VAL A 30 -6.92 0.03 -5.17
CA VAL A 30 -6.33 1.35 -5.28
C VAL A 30 -4.82 1.22 -5.23
N GLU A 31 -4.14 1.66 -6.30
CA GLU A 31 -2.69 1.77 -6.34
C GLU A 31 -2.20 2.51 -5.09
N PHE A 32 -1.45 1.81 -4.26
CA PHE A 32 -0.93 2.29 -2.99
C PHE A 32 0.35 3.05 -3.20
N LEU A 33 1.37 2.43 -2.69
CA LEU A 33 2.75 2.82 -2.84
C LEU A 33 3.27 2.29 -4.15
N LYS A 34 4.08 3.10 -4.81
CA LYS A 34 4.84 2.77 -5.98
C LYS A 34 6.31 3.09 -5.75
N ARG A 35 7.20 2.22 -6.21
CA ARG A 35 8.62 2.49 -6.32
C ARG A 35 9.13 1.49 -7.34
N GLY A 36 10.02 1.82 -8.26
CA GLY A 36 10.83 0.76 -8.85
C GLY A 36 10.16 -0.20 -9.80
N ASP A 37 9.04 0.24 -10.31
CA ASP A 37 8.09 -0.54 -11.07
C ASP A 37 7.23 -1.44 -10.19
N LYS A 38 7.47 -1.42 -8.89
CA LYS A 38 6.72 -2.15 -7.87
C LYS A 38 5.48 -1.30 -7.59
N ILE A 39 4.33 -1.94 -7.40
CA ILE A 39 3.05 -1.28 -7.14
C ILE A 39 2.32 -2.09 -6.07
N VAL A 40 2.16 -1.52 -4.89
CA VAL A 40 1.37 -2.09 -3.82
C VAL A 40 -0.09 -1.77 -4.14
N TYR A 41 -0.97 -2.72 -3.83
CA TYR A 41 -2.41 -2.58 -3.93
C TYR A 41 -2.99 -2.92 -2.58
N HIS A 42 -3.72 -2.00 -1.93
CA HIS A 42 -4.50 -2.34 -0.75
C HIS A 42 -5.89 -2.86 -1.10
N THR A 43 -6.69 -3.27 -0.11
CA THR A 43 -8.10 -3.52 -0.32
C THR A 43 -8.91 -2.40 0.31
N LEU A 44 -9.94 -1.95 -0.40
CA LEU A 44 -10.77 -0.82 -0.01
C LEU A 44 -11.62 -1.11 1.24
N GLU A 45 -11.71 -2.36 1.64
CA GLU A 45 -12.53 -2.87 2.73
C GLU A 45 -11.62 -3.21 3.91
N SER A 46 -12.17 -3.82 4.97
CA SER A 46 -11.40 -4.16 6.16
C SER A 46 -11.52 -5.65 6.51
N PRO A 47 -10.46 -6.26 7.06
CA PRO A 47 -9.14 -5.67 7.23
C PRO A 47 -8.47 -5.52 5.88
N VAL A 48 -7.68 -4.46 5.78
CA VAL A 48 -6.97 -4.12 4.56
C VAL A 48 -5.88 -5.19 4.38
N GLU A 49 -6.01 -5.95 3.30
CA GLU A 49 -4.92 -6.70 2.71
C GLU A 49 -4.13 -5.71 1.83
N PHE A 50 -2.84 -5.99 1.64
CA PHE A 50 -1.86 -5.18 0.94
C PHE A 50 -1.08 -6.12 0.02
N HIS A 51 -1.49 -6.24 -1.23
CA HIS A 51 -0.81 -7.08 -2.20
C HIS A 51 0.35 -6.30 -2.80
N LEU A 52 1.35 -6.99 -3.30
CA LEU A 52 2.47 -6.44 -4.07
C LEU A 52 3.04 -7.58 -4.88
N ASP A 53 3.36 -7.36 -6.15
CA ASP A 53 3.87 -8.38 -7.09
C ASP A 53 2.74 -9.32 -7.53
N GLY A 54 1.55 -9.20 -6.90
CA GLY A 54 0.48 -10.18 -6.93
C GLY A 54 0.53 -11.12 -5.73
N GLU A 55 1.48 -10.90 -4.81
CA GLU A 55 1.65 -11.59 -3.54
C GLU A 55 0.98 -10.73 -2.46
N VAL A 56 0.04 -11.33 -1.76
CA VAL A 56 -0.67 -10.75 -0.61
C VAL A 56 0.31 -10.60 0.57
N LEU A 57 0.42 -9.42 1.21
CA LEU A 57 1.40 -9.12 2.27
C LEU A 57 0.72 -8.56 3.52
N SER A 58 1.28 -8.83 4.68
CA SER A 58 0.70 -8.40 5.96
C SER A 58 1.04 -6.93 6.24
N LEU A 59 0.37 -6.27 7.19
CA LEU A 59 0.58 -4.84 7.49
C LEU A 59 2.01 -4.65 7.97
N ASP A 60 2.40 -5.49 8.91
CA ASP A 60 3.74 -5.52 9.46
C ASP A 60 4.75 -5.84 8.37
N LYS A 61 4.51 -6.95 7.65
CA LYS A 61 5.48 -7.46 6.69
C LYS A 61 5.72 -6.43 5.61
N LEU A 62 4.64 -5.84 5.07
CA LEU A 62 4.67 -4.75 4.13
C LEU A 62 5.67 -3.70 4.59
N LYS A 63 5.56 -3.20 5.82
CA LYS A 63 6.46 -2.13 6.29
C LYS A 63 7.93 -2.55 6.23
N SER A 64 8.26 -3.80 6.56
CA SER A 64 9.60 -4.34 6.39
C SER A 64 9.99 -4.49 4.92
N LEU A 65 9.08 -4.93 4.05
CA LEU A 65 9.35 -5.11 2.63
C LEU A 65 9.62 -3.77 1.94
N LEU A 66 8.98 -2.69 2.40
CA LEU A 66 9.13 -1.36 1.84
C LEU A 66 10.41 -0.69 2.36
N SER A 67 11.00 -1.22 3.44
CA SER A 67 12.17 -0.67 4.10
C SER A 67 13.43 -1.06 3.31
N GLY A 1 -9.38 0.19 12.12
CA GLY A 1 -8.31 -0.57 11.48
C GLY A 1 -6.95 0.07 11.66
N SER A 2 -5.94 -0.76 11.95
CA SER A 2 -4.51 -0.42 11.99
C SER A 2 -3.98 -0.21 10.57
N GLU A 3 -4.46 -1.08 9.68
CA GLU A 3 -4.21 -1.20 8.27
C GLU A 3 -4.78 0.04 7.56
N GLU A 4 -6.01 0.43 7.91
CA GLU A 4 -6.68 1.65 7.42
C GLU A 4 -5.84 2.88 7.75
N HIS A 5 -5.23 2.89 8.93
CA HIS A 5 -4.39 3.98 9.40
C HIS A 5 -3.10 4.05 8.56
N PHE A 6 -2.55 2.93 8.10
CA PHE A 6 -1.41 2.99 7.18
C PHE A 6 -1.81 3.70 5.88
N VAL A 7 -2.98 3.35 5.35
CA VAL A 7 -3.53 3.97 4.16
C VAL A 7 -3.73 5.47 4.36
N GLU A 8 -4.12 5.92 5.56
CA GLU A 8 -4.13 7.34 5.85
C GLU A 8 -2.72 7.90 5.86
N THR A 9 -1.79 7.33 6.64
CA THR A 9 -0.53 8.00 6.95
C THR A 9 0.29 8.25 5.68
N VAL A 10 0.29 7.29 4.76
CA VAL A 10 0.97 7.45 3.49
C VAL A 10 0.25 8.49 2.62
N SER A 11 -1.08 8.57 2.67
CA SER A 11 -1.83 9.62 1.97
C SER A 11 -1.39 11.00 2.44
N LEU A 12 -1.13 11.16 3.74
CA LEU A 12 -0.69 12.43 4.29
C LEU A 12 0.68 12.79 3.73
N ALA A 13 1.62 11.85 3.72
CA ALA A 13 2.95 12.06 3.18
C ALA A 13 2.93 12.23 1.65
N GLY A 14 1.97 11.62 0.97
CA GLY A 14 2.02 11.37 -0.47
C GLY A 14 3.09 10.33 -0.82
N SER A 15 3.67 9.63 0.16
CA SER A 15 4.86 8.82 -0.07
C SER A 15 5.17 7.95 1.17
N TYR A 16 6.16 7.06 1.09
CA TYR A 16 6.60 6.26 2.22
C TYR A 16 7.99 5.70 1.99
N ARG A 17 8.91 5.80 2.96
CA ARG A 17 10.30 5.32 2.88
C ARG A 17 11.07 5.98 1.75
N ASP A 18 10.93 5.41 0.57
CA ASP A 18 11.45 5.90 -0.71
C ASP A 18 10.45 5.74 -1.86
N TRP A 19 9.23 5.32 -1.54
CA TRP A 19 8.14 5.07 -2.46
C TRP A 19 7.27 6.31 -2.52
N SER A 20 6.41 6.36 -3.54
CA SER A 20 5.43 7.38 -3.81
C SER A 20 4.05 6.77 -3.59
N TYR A 21 3.10 7.52 -3.06
CA TYR A 21 1.69 7.17 -3.07
C TYR A 21 1.11 7.22 -4.50
N SER A 22 -0.15 6.81 -4.64
CA SER A 22 -0.97 6.86 -5.86
C SER A 22 -2.41 7.19 -5.42
N GLY A 23 -3.36 6.26 -5.54
CA GLY A 23 -4.78 6.50 -5.30
C GLY A 23 -5.65 6.16 -6.52
N GLN A 24 -5.09 5.55 -7.55
CA GLN A 24 -5.80 5.03 -8.72
C GLN A 24 -6.57 3.78 -8.29
N ARG A 25 -7.89 3.86 -8.15
CA ARG A 25 -8.68 2.63 -8.02
C ARG A 25 -8.57 1.83 -9.31
N THR A 26 -8.44 0.51 -9.20
CA THR A 26 -8.40 -0.40 -10.33
C THR A 26 -9.16 -1.68 -9.95
N GLU A 27 -9.32 -2.59 -10.91
CA GLU A 27 -9.74 -3.96 -10.68
C GLU A 27 -8.90 -4.69 -9.62
N LEU A 28 -7.62 -4.35 -9.53
CA LEU A 28 -6.62 -5.00 -8.69
C LEU A 28 -6.55 -4.38 -7.30
N GLY A 29 -7.52 -3.53 -6.96
CA GLY A 29 -7.49 -2.75 -5.73
C GLY A 29 -7.09 -1.33 -6.08
N VAL A 30 -7.04 -0.43 -5.10
CA VAL A 30 -6.45 0.89 -5.37
C VAL A 30 -4.92 0.78 -5.30
N GLU A 31 -4.22 1.47 -6.22
CA GLU A 31 -2.77 1.62 -6.22
C GLU A 31 -2.36 2.30 -4.91
N PHE A 32 -1.52 1.63 -4.14
CA PHE A 32 -0.89 2.14 -2.93
C PHE A 32 0.38 2.88 -3.28
N LEU A 33 1.44 2.27 -2.85
CA LEU A 33 2.80 2.74 -2.97
C LEU A 33 3.39 2.22 -4.27
N LYS A 34 3.98 3.11 -5.06
CA LYS A 34 4.77 2.84 -6.25
C LYS A 34 6.23 3.20 -5.96
N ARG A 35 7.17 2.30 -6.23
CA ARG A 35 8.60 2.59 -6.24
C ARG A 35 9.15 1.91 -7.48
N GLY A 36 9.61 2.68 -8.46
CA GLY A 36 10.24 2.21 -9.67
C GLY A 36 9.30 1.35 -10.46
N ASP A 37 9.42 0.04 -10.31
CA ASP A 37 8.69 -0.99 -11.05
C ASP A 37 7.83 -1.85 -10.12
N LYS A 38 7.74 -1.46 -8.83
CA LYS A 38 7.04 -2.18 -7.77
C LYS A 38 5.76 -1.40 -7.50
N ILE A 39 4.63 -2.09 -7.36
CA ILE A 39 3.32 -1.49 -7.10
C ILE A 39 2.63 -2.29 -5.99
N VAL A 40 2.53 -1.67 -4.83
CA VAL A 40 1.65 -2.15 -3.78
C VAL A 40 0.25 -1.65 -4.15
N TYR A 41 -0.75 -2.47 -3.87
CA TYR A 41 -2.17 -2.17 -3.93
C TYR A 41 -2.71 -2.32 -2.50
N HIS A 42 -3.86 -1.72 -2.22
CA HIS A 42 -4.57 -1.96 -0.96
C HIS A 42 -6.06 -2.16 -1.23
N THR A 43 -6.74 -2.88 -0.33
CA THR A 43 -8.16 -3.15 -0.49
C THR A 43 -8.99 -1.98 0.05
N LEU A 44 -10.23 -1.91 -0.40
CA LEU A 44 -11.23 -0.88 -0.07
C LEU A 44 -12.10 -1.20 1.18
N GLU A 45 -11.76 -2.27 1.86
CA GLU A 45 -12.39 -2.80 3.08
C GLU A 45 -11.35 -3.37 4.05
N SER A 46 -11.77 -3.61 5.32
CA SER A 46 -10.93 -4.10 6.40
C SER A 46 -10.94 -5.64 6.50
N PRO A 47 -9.88 -6.26 7.06
CA PRO A 47 -8.58 -5.64 7.24
C PRO A 47 -8.01 -5.34 5.87
N VAL A 48 -7.46 -4.14 5.74
CA VAL A 48 -6.90 -3.70 4.49
C VAL A 48 -5.75 -4.66 4.21
N GLU A 49 -5.93 -5.47 3.17
CA GLU A 49 -4.86 -6.26 2.64
C GLU A 49 -4.02 -5.35 1.77
N PHE A 50 -2.78 -5.76 1.58
CA PHE A 50 -1.78 -5.00 0.89
C PHE A 50 -1.11 -5.99 -0.04
N HIS A 51 -1.16 -5.76 -1.36
CA HIS A 51 -0.65 -6.71 -2.31
C HIS A 51 0.45 -6.04 -3.09
N LEU A 52 1.66 -6.52 -2.95
CA LEU A 52 2.78 -6.03 -3.74
C LEU A 52 2.98 -6.97 -4.92
N ASP A 53 2.73 -6.46 -6.12
CA ASP A 53 3.20 -7.03 -7.38
C ASP A 53 2.48 -8.33 -7.74
N GLY A 54 1.58 -8.80 -6.87
CA GLY A 54 0.90 -10.08 -6.97
C GLY A 54 0.92 -10.85 -5.65
N GLU A 55 1.88 -10.57 -4.76
CA GLU A 55 2.00 -11.18 -3.45
C GLU A 55 1.28 -10.30 -2.45
N VAL A 56 0.16 -10.78 -1.95
CA VAL A 56 -0.45 -10.22 -0.76
C VAL A 56 0.40 -10.49 0.48
N LEU A 57 0.68 -9.39 1.15
CA LEU A 57 1.59 -9.28 2.28
C LEU A 57 0.77 -9.17 3.57
N SER A 58 1.43 -9.30 4.73
CA SER A 58 0.84 -8.85 5.99
C SER A 58 1.04 -7.34 6.08
N LEU A 59 0.29 -6.64 6.94
CA LEU A 59 0.47 -5.20 7.15
C LEU A 59 1.85 -4.98 7.72
N ASP A 60 2.09 -5.64 8.84
CA ASP A 60 3.28 -5.35 9.62
C ASP A 60 4.53 -5.78 8.83
N LYS A 61 4.40 -6.85 8.03
CA LYS A 61 5.38 -7.29 7.05
C LYS A 61 5.61 -6.21 6.03
N LEU A 62 4.54 -5.69 5.39
CA LEU A 62 4.59 -4.68 4.36
C LEU A 62 5.52 -3.55 4.79
N LYS A 63 5.34 -3.01 6.00
CA LYS A 63 6.19 -1.92 6.46
C LYS A 63 7.66 -2.32 6.33
N SER A 64 8.02 -3.51 6.83
CA SER A 64 9.36 -4.07 6.75
C SER A 64 9.78 -4.40 5.30
N LEU A 65 8.86 -4.54 4.34
CA LEU A 65 9.16 -4.76 2.92
C LEU A 65 9.23 -3.45 2.13
N LEU A 66 8.85 -2.33 2.73
CA LEU A 66 9.01 -1.02 2.12
C LEU A 66 10.28 -0.34 2.63
N SER A 67 10.80 -0.82 3.76
CA SER A 67 12.01 -0.37 4.42
C SER A 67 13.12 -0.27 3.37
N GLY A 1 -9.16 0.06 12.13
CA GLY A 1 -8.10 -0.91 11.81
C GLY A 1 -6.76 -0.20 11.65
N SER A 2 -5.65 -0.86 12.01
CA SER A 2 -4.31 -0.31 11.81
C SER A 2 -3.97 -0.22 10.34
N GLU A 3 -4.55 -1.13 9.56
CA GLU A 3 -4.36 -1.29 8.13
C GLU A 3 -4.86 -0.03 7.42
N GLU A 4 -6.08 0.42 7.73
CA GLU A 4 -6.69 1.63 7.19
C GLU A 4 -5.82 2.86 7.51
N HIS A 5 -5.32 2.90 8.74
CA HIS A 5 -4.50 4.00 9.21
C HIS A 5 -3.14 4.00 8.49
N PHE A 6 -2.67 2.86 7.97
CA PHE A 6 -1.47 2.87 7.18
C PHE A 6 -1.69 3.59 5.85
N VAL A 7 -2.85 3.33 5.21
CA VAL A 7 -3.26 4.03 4.01
C VAL A 7 -3.25 5.53 4.29
N GLU A 8 -3.86 5.91 5.42
CA GLU A 8 -3.96 7.30 5.83
C GLU A 8 -2.56 7.88 5.95
N THR A 9 -1.68 7.30 6.77
CA THR A 9 -0.40 7.92 7.09
C THR A 9 0.44 8.16 5.83
N VAL A 10 0.41 7.20 4.91
CA VAL A 10 1.13 7.32 3.65
C VAL A 10 0.46 8.39 2.80
N SER A 11 -0.88 8.50 2.78
CA SER A 11 -1.54 9.60 2.07
C SER A 11 -1.10 10.96 2.60
N LEU A 12 -0.83 11.06 3.91
CA LEU A 12 -0.44 12.31 4.53
C LEU A 12 1.02 12.67 4.25
N ALA A 13 1.85 11.69 3.87
CA ALA A 13 3.16 11.94 3.30
C ALA A 13 3.09 12.14 1.78
N GLY A 14 2.15 11.48 1.13
CA GLY A 14 2.21 11.17 -0.29
C GLY A 14 3.37 10.22 -0.62
N SER A 15 3.95 9.50 0.35
CA SER A 15 5.15 8.69 0.15
C SER A 15 5.37 7.75 1.33
N TYR A 16 6.32 6.82 1.21
CA TYR A 16 6.76 5.99 2.33
C TYR A 16 8.19 5.49 2.12
N ARG A 17 9.11 5.75 3.07
CA ARG A 17 10.54 5.42 3.02
C ARG A 17 11.19 5.98 1.77
N ASP A 18 11.09 5.26 0.68
CA ASP A 18 11.73 5.49 -0.61
C ASP A 18 10.68 5.60 -1.73
N TRP A 19 9.43 5.26 -1.43
CA TRP A 19 8.30 5.04 -2.31
C TRP A 19 7.41 6.28 -2.37
N SER A 20 6.54 6.31 -3.36
CA SER A 20 5.58 7.36 -3.66
C SER A 20 4.19 6.78 -3.48
N TYR A 21 3.26 7.53 -2.92
CA TYR A 21 1.85 7.20 -2.92
C TYR A 21 1.24 7.26 -4.33
N SER A 22 0.02 6.77 -4.46
CA SER A 22 -0.87 6.82 -5.61
C SER A 22 -2.28 7.08 -5.05
N GLY A 23 -3.20 6.11 -5.11
CA GLY A 23 -4.58 6.21 -4.65
C GLY A 23 -5.58 5.99 -5.77
N GLN A 24 -5.13 5.49 -6.92
CA GLN A 24 -5.98 5.19 -8.06
C GLN A 24 -6.62 3.83 -7.84
N ARG A 25 -7.95 3.76 -7.65
CA ARG A 25 -8.63 2.46 -7.66
C ARG A 25 -8.48 1.80 -9.02
N THR A 26 -8.28 0.48 -9.02
CA THR A 26 -8.21 -0.35 -10.20
C THR A 26 -9.00 -1.63 -9.91
N GLU A 27 -9.13 -2.49 -10.92
CA GLU A 27 -9.62 -3.85 -10.82
C GLU A 27 -8.88 -4.61 -9.71
N LEU A 28 -7.57 -4.38 -9.59
CA LEU A 28 -6.63 -5.13 -8.77
C LEU A 28 -6.51 -4.57 -7.35
N GLY A 29 -7.45 -3.71 -6.96
CA GLY A 29 -7.39 -2.98 -5.72
C GLY A 29 -7.01 -1.54 -6.02
N VAL A 30 -6.93 -0.68 -5.01
CA VAL A 30 -6.40 0.66 -5.21
C VAL A 30 -4.88 0.60 -5.13
N GLU A 31 -4.23 1.35 -6.02
CA GLU A 31 -2.78 1.52 -6.00
C GLU A 31 -2.40 2.15 -4.66
N PHE A 32 -1.31 1.63 -4.10
CA PHE A 32 -0.74 2.09 -2.86
C PHE A 32 0.52 2.86 -3.14
N LEU A 33 1.58 2.25 -2.70
CA LEU A 33 2.94 2.73 -2.84
C LEU A 33 3.49 2.23 -4.16
N LYS A 34 3.94 3.15 -5.01
CA LYS A 34 4.75 2.88 -6.19
C LYS A 34 6.20 3.17 -5.84
N ARG A 35 7.15 2.49 -6.48
CA ARG A 35 8.55 2.85 -6.44
C ARG A 35 9.20 2.21 -7.65
N GLY A 36 9.49 3.01 -8.67
CA GLY A 36 10.06 2.49 -9.88
C GLY A 36 9.07 1.50 -10.48
N ASP A 37 9.59 0.32 -10.81
CA ASP A 37 8.84 -0.80 -11.39
C ASP A 37 7.92 -1.50 -10.38
N LYS A 38 7.97 -1.19 -9.07
CA LYS A 38 7.19 -1.86 -8.04
C LYS A 38 5.88 -1.12 -7.81
N ILE A 39 4.78 -1.85 -7.55
CA ILE A 39 3.49 -1.28 -7.15
C ILE A 39 2.88 -2.16 -6.06
N VAL A 40 2.64 -1.57 -4.88
CA VAL A 40 1.80 -2.11 -3.84
C VAL A 40 0.35 -1.72 -4.16
N TYR A 41 -0.61 -2.56 -3.79
CA TYR A 41 -2.05 -2.35 -3.83
C TYR A 41 -2.61 -2.51 -2.43
N HIS A 42 -3.84 -2.04 -2.19
CA HIS A 42 -4.60 -2.35 -0.99
C HIS A 42 -6.09 -2.49 -1.34
N THR A 43 -6.85 -3.15 -0.47
CA THR A 43 -8.28 -3.38 -0.70
C THR A 43 -9.08 -2.11 -0.32
N LEU A 44 -10.28 -1.97 -0.88
CA LEU A 44 -11.17 -0.81 -0.67
C LEU A 44 -11.98 -0.88 0.63
N GLU A 45 -11.84 -1.96 1.37
CA GLU A 45 -12.62 -2.35 2.52
C GLU A 45 -11.70 -2.97 3.57
N SER A 46 -12.22 -3.10 4.79
CA SER A 46 -11.49 -3.65 5.91
C SER A 46 -11.80 -5.15 6.09
N PRO A 47 -10.84 -5.95 6.59
CA PRO A 47 -9.48 -5.52 6.82
C PRO A 47 -8.82 -5.21 5.50
N VAL A 48 -8.00 -4.17 5.53
CA VAL A 48 -7.26 -3.78 4.36
C VAL A 48 -6.17 -4.82 4.23
N GLU A 49 -6.31 -5.70 3.25
CA GLU A 49 -5.20 -6.48 2.77
C GLU A 49 -4.41 -5.59 1.84
N PHE A 50 -3.14 -5.90 1.71
CA PHE A 50 -2.17 -5.18 0.91
C PHE A 50 -1.51 -6.21 0.05
N HIS A 51 -1.17 -5.87 -1.19
CA HIS A 51 -0.50 -6.80 -2.07
C HIS A 51 0.63 -6.08 -2.78
N LEU A 52 1.59 -6.83 -3.26
CA LEU A 52 2.76 -6.35 -3.97
C LEU A 52 3.26 -7.49 -4.82
N ASP A 53 3.31 -7.26 -6.13
CA ASP A 53 3.79 -8.24 -7.11
C ASP A 53 2.94 -9.53 -7.08
N GLY A 54 1.66 -9.39 -6.70
CA GLY A 54 0.70 -10.47 -6.57
C GLY A 54 0.83 -11.22 -5.26
N GLU A 55 1.88 -10.96 -4.47
CA GLU A 55 2.03 -11.52 -3.16
C GLU A 55 1.31 -10.58 -2.21
N VAL A 56 0.50 -11.11 -1.34
CA VAL A 56 -0.10 -10.38 -0.24
C VAL A 56 0.83 -10.37 0.95
N LEU A 57 0.78 -9.22 1.61
CA LEU A 57 1.66 -8.92 2.73
C LEU A 57 0.86 -8.78 4.01
N SER A 58 1.49 -9.06 5.15
CA SER A 58 0.92 -8.65 6.44
C SER A 58 1.19 -7.14 6.56
N LEU A 59 0.47 -6.38 7.39
CA LEU A 59 0.64 -4.93 7.52
C LEU A 59 2.05 -4.60 7.95
N ASP A 60 2.54 -5.36 8.92
CA ASP A 60 3.82 -5.10 9.55
C ASP A 60 4.97 -5.61 8.65
N LYS A 61 4.72 -6.72 7.94
CA LYS A 61 5.61 -7.29 6.93
C LYS A 61 5.78 -6.28 5.82
N LEU A 62 4.67 -5.77 5.30
CA LEU A 62 4.57 -4.85 4.19
C LEU A 62 5.60 -3.79 4.37
N LYS A 63 5.55 -3.08 5.51
CA LYS A 63 6.39 -1.94 5.63
C LYS A 63 7.88 -2.33 5.58
N SER A 64 8.24 -3.51 6.11
CA SER A 64 9.58 -4.08 5.99
C SER A 64 9.99 -4.34 4.54
N LEU A 65 9.03 -4.57 3.64
CA LEU A 65 9.26 -4.77 2.20
C LEU A 65 9.50 -3.42 1.50
N LEU A 66 9.04 -2.32 2.09
CA LEU A 66 9.28 -0.95 1.61
C LEU A 66 10.55 -0.32 2.18
N SER A 67 11.16 -1.02 3.14
CA SER A 67 12.50 -0.74 3.62
C SER A 67 13.48 -0.87 2.45
N GLY A 1 -8.82 1.54 12.19
CA GLY A 1 -8.19 0.23 12.06
C GLY A 1 -6.75 0.35 11.60
N SER A 2 -5.95 -0.67 11.87
CA SER A 2 -4.50 -0.68 11.77
C SER A 2 -3.97 -0.33 10.39
N GLU A 3 -4.49 -1.06 9.42
CA GLU A 3 -4.04 -1.07 8.04
C GLU A 3 -4.56 0.19 7.36
N GLU A 4 -5.81 0.55 7.66
CA GLU A 4 -6.51 1.74 7.21
C GLU A 4 -5.70 2.98 7.59
N HIS A 5 -5.14 2.98 8.81
CA HIS A 5 -4.32 4.04 9.33
C HIS A 5 -3.02 4.15 8.54
N PHE A 6 -2.42 3.02 8.14
CA PHE A 6 -1.22 3.01 7.30
C PHE A 6 -1.49 3.67 5.94
N VAL A 7 -2.64 3.37 5.32
CA VAL A 7 -3.05 4.04 4.08
C VAL A 7 -3.20 5.54 4.31
N GLU A 8 -3.67 5.94 5.48
CA GLU A 8 -3.84 7.34 5.82
C GLU A 8 -2.48 8.01 5.97
N THR A 9 -1.57 7.42 6.74
CA THR A 9 -0.31 8.07 7.11
C THR A 9 0.51 8.38 5.84
N VAL A 10 0.54 7.43 4.91
CA VAL A 10 1.23 7.59 3.64
C VAL A 10 0.55 8.66 2.78
N SER A 11 -0.78 8.79 2.81
CA SER A 11 -1.49 9.84 2.08
C SER A 11 -0.93 11.22 2.49
N LEU A 12 -0.74 11.44 3.79
CA LEU A 12 -0.29 12.73 4.31
C LEU A 12 1.12 13.03 3.83
N ALA A 13 1.98 12.01 3.79
CA ALA A 13 3.37 12.09 3.34
C ALA A 13 3.51 12.10 1.81
N GLY A 14 2.47 11.67 1.09
CA GLY A 14 2.50 11.40 -0.34
C GLY A 14 3.52 10.33 -0.72
N SER A 15 4.10 9.58 0.23
CA SER A 15 5.25 8.73 0.00
C SER A 15 5.53 7.87 1.24
N TYR A 16 6.39 6.85 1.11
CA TYR A 16 6.89 6.03 2.23
C TYR A 16 8.29 5.53 1.88
N ARG A 17 9.27 5.70 2.76
CA ARG A 17 10.69 5.35 2.59
C ARG A 17 11.30 5.96 1.33
N ASP A 18 11.19 5.31 0.17
CA ASP A 18 11.59 5.84 -1.15
C ASP A 18 10.49 5.68 -2.19
N TRP A 19 9.35 5.15 -1.77
CA TRP A 19 8.17 4.91 -2.57
C TRP A 19 7.31 6.17 -2.60
N SER A 20 6.44 6.24 -3.59
CA SER A 20 5.55 7.34 -3.92
C SER A 20 4.12 6.83 -3.72
N TYR A 21 3.28 7.60 -3.04
CA TYR A 21 1.85 7.34 -3.01
C TYR A 21 1.27 7.45 -4.43
N SER A 22 0.07 6.92 -4.59
CA SER A 22 -0.71 6.89 -5.82
C SER A 22 -2.13 7.28 -5.43
N GLY A 23 -3.10 6.36 -5.51
CA GLY A 23 -4.49 6.67 -5.19
C GLY A 23 -5.38 6.57 -6.41
N GLN A 24 -4.93 5.92 -7.49
CA GLN A 24 -5.81 5.46 -8.57
C GLN A 24 -6.54 4.22 -8.06
N ARG A 25 -7.70 3.89 -8.64
CA ARG A 25 -8.42 2.65 -8.36
C ARG A 25 -8.22 1.74 -9.55
N THR A 26 -8.20 0.44 -9.31
CA THR A 26 -8.12 -0.55 -10.37
C THR A 26 -8.85 -1.83 -9.96
N GLU A 27 -8.92 -2.78 -10.90
CA GLU A 27 -9.29 -4.17 -10.72
C GLU A 27 -8.47 -4.85 -9.62
N LEU A 28 -7.22 -4.42 -9.44
CA LEU A 28 -6.24 -4.95 -8.49
C LEU A 28 -6.33 -4.31 -7.11
N GLY A 29 -7.27 -3.39 -6.94
CA GLY A 29 -7.45 -2.63 -5.74
C GLY A 29 -7.04 -1.19 -6.01
N VAL A 30 -7.07 -0.36 -4.97
CA VAL A 30 -6.54 1.00 -5.06
C VAL A 30 -5.00 0.90 -5.14
N GLU A 31 -4.38 1.61 -6.09
CA GLU A 31 -2.93 1.75 -6.19
C GLU A 31 -2.42 2.44 -4.94
N PHE A 32 -1.38 1.87 -4.32
CA PHE A 32 -0.82 2.35 -3.08
C PHE A 32 0.49 3.06 -3.31
N LEU A 33 1.49 2.43 -2.81
CA LEU A 33 2.89 2.83 -2.90
C LEU A 33 3.44 2.26 -4.19
N LYS A 34 3.99 3.12 -5.03
CA LYS A 34 4.83 2.74 -6.16
C LYS A 34 6.29 2.98 -5.83
N ARG A 35 7.18 2.23 -6.46
CA ARG A 35 8.62 2.47 -6.51
C ARG A 35 9.11 1.82 -7.81
N GLY A 36 10.40 1.95 -8.15
CA GLY A 36 10.96 1.41 -9.38
C GLY A 36 10.67 -0.07 -9.56
N ASP A 37 9.72 -0.29 -10.44
CA ASP A 37 9.12 -1.48 -10.98
C ASP A 37 8.11 -2.17 -10.05
N LYS A 38 7.71 -1.50 -8.96
CA LYS A 38 6.94 -2.07 -7.88
C LYS A 38 5.67 -1.28 -7.68
N ILE A 39 4.56 -1.96 -7.38
CA ILE A 39 3.28 -1.34 -7.09
C ILE A 39 2.61 -2.15 -5.99
N VAL A 40 2.49 -1.55 -4.81
CA VAL A 40 1.64 -2.02 -3.75
C VAL A 40 0.22 -1.57 -4.09
N TYR A 41 -0.76 -2.35 -3.67
CA TYR A 41 -2.19 -2.02 -3.69
C TYR A 41 -2.75 -2.12 -2.28
N HIS A 42 -3.97 -1.64 -2.09
CA HIS A 42 -4.76 -1.93 -0.91
C HIS A 42 -6.20 -2.13 -1.36
N THR A 43 -6.94 -2.93 -0.60
CA THR A 43 -8.32 -3.24 -0.92
C THR A 43 -9.27 -2.16 -0.38
N LEU A 44 -10.50 -2.23 -0.86
CA LEU A 44 -11.60 -1.34 -0.50
C LEU A 44 -12.31 -1.72 0.81
N GLU A 45 -12.02 -2.90 1.37
CA GLU A 45 -12.81 -3.54 2.42
C GLU A 45 -11.93 -3.87 3.64
N SER A 46 -12.47 -4.50 4.70
CA SER A 46 -11.73 -4.78 5.92
C SER A 46 -11.70 -6.27 6.32
N PRO A 47 -10.59 -6.76 6.90
CA PRO A 47 -9.32 -6.05 6.99
C PRO A 47 -8.80 -5.82 5.59
N VAL A 48 -8.17 -4.67 5.39
CA VAL A 48 -7.53 -4.32 4.14
C VAL A 48 -6.48 -5.41 3.89
N GLU A 49 -6.16 -5.68 2.64
CA GLU A 49 -5.12 -6.58 2.20
C GLU A 49 -4.17 -5.75 1.34
N PHE A 50 -2.88 -5.68 1.71
CA PHE A 50 -1.88 -4.90 1.01
C PHE A 50 -1.21 -5.80 0.00
N HIS A 51 -1.66 -5.80 -1.25
CA HIS A 51 -0.98 -6.63 -2.23
C HIS A 51 0.29 -5.91 -2.71
N LEU A 52 1.25 -6.66 -3.26
CA LEU A 52 2.41 -6.16 -3.97
C LEU A 52 2.79 -7.20 -5.00
N ASP A 53 2.79 -6.83 -6.28
CA ASP A 53 3.20 -7.59 -7.45
C ASP A 53 2.28 -8.77 -7.78
N GLY A 54 1.49 -9.19 -6.80
CA GLY A 54 0.63 -10.35 -6.82
C GLY A 54 0.73 -11.20 -5.57
N GLU A 55 1.49 -10.80 -4.54
CA GLU A 55 1.33 -11.34 -3.21
C GLU A 55 0.52 -10.36 -2.41
N VAL A 56 -0.36 -10.89 -1.61
CA VAL A 56 -1.12 -10.23 -0.56
C VAL A 56 -0.27 -10.25 0.71
N LEU A 57 -0.08 -9.10 1.34
CA LEU A 57 0.84 -8.96 2.48
C LEU A 57 0.18 -8.50 3.78
N SER A 58 0.97 -8.53 4.86
CA SER A 58 0.59 -8.07 6.18
C SER A 58 1.05 -6.62 6.35
N LEU A 59 0.60 -5.97 7.41
CA LEU A 59 0.95 -4.59 7.72
C LEU A 59 2.36 -4.52 8.29
N ASP A 60 2.68 -5.49 9.15
CA ASP A 60 3.97 -5.61 9.81
C ASP A 60 5.02 -5.92 8.75
N LYS A 61 4.77 -6.92 7.91
CA LYS A 61 5.73 -7.33 6.91
C LYS A 61 5.88 -6.25 5.86
N LEU A 62 4.78 -5.66 5.37
CA LEU A 62 4.80 -4.54 4.43
C LEU A 62 5.81 -3.49 4.86
N LYS A 63 5.75 -3.00 6.10
CA LYS A 63 6.66 -1.97 6.58
C LYS A 63 8.13 -2.38 6.37
N SER A 64 8.48 -3.61 6.72
CA SER A 64 9.81 -4.16 6.46
C SER A 64 10.11 -4.28 4.97
N LEU A 65 9.16 -4.73 4.14
CA LEU A 65 9.40 -4.94 2.72
C LEU A 65 9.62 -3.63 1.97
N LEU A 66 9.14 -2.51 2.51
CA LEU A 66 9.30 -1.20 1.88
C LEU A 66 10.65 -0.59 2.28
N SER A 67 11.20 -1.01 3.42
CA SER A 67 12.49 -0.58 3.94
C SER A 67 13.61 -1.15 3.09
N GLY A 1 -8.78 1.10 12.19
CA GLY A 1 -8.21 -0.23 11.94
C GLY A 1 -6.75 -0.12 11.56
N SER A 2 -5.92 -1.04 12.06
CA SER A 2 -4.48 -1.05 11.92
C SER A 2 -4.02 -0.87 10.48
N GLU A 3 -4.64 -1.61 9.56
CA GLU A 3 -4.26 -1.64 8.16
C GLU A 3 -4.76 -0.35 7.50
N GLU A 4 -6.00 0.04 7.78
CA GLU A 4 -6.59 1.31 7.31
C GLU A 4 -5.69 2.49 7.68
N HIS A 5 -5.16 2.48 8.91
CA HIS A 5 -4.32 3.53 9.46
C HIS A 5 -3.04 3.64 8.63
N PHE A 6 -2.51 2.54 8.10
CA PHE A 6 -1.35 2.62 7.23
C PHE A 6 -1.69 3.37 5.92
N VAL A 7 -2.83 3.06 5.30
CA VAL A 7 -3.27 3.77 4.09
C VAL A 7 -3.38 5.26 4.40
N GLU A 8 -4.02 5.58 5.52
CA GLU A 8 -4.22 6.92 6.01
C GLU A 8 -2.86 7.63 6.14
N THR A 9 -1.92 7.05 6.86
CA THR A 9 -0.67 7.72 7.18
C THR A 9 0.13 8.05 5.93
N VAL A 10 0.26 7.09 5.02
CA VAL A 10 1.05 7.31 3.81
C VAL A 10 0.39 8.39 2.97
N SER A 11 -0.95 8.49 2.94
CA SER A 11 -1.63 9.57 2.25
C SER A 11 -1.15 10.93 2.75
N LEU A 12 -0.90 11.06 4.06
CA LEU A 12 -0.51 12.33 4.64
C LEU A 12 0.93 12.70 4.29
N ALA A 13 1.80 11.72 4.05
CA ALA A 13 3.14 11.95 3.54
C ALA A 13 3.13 12.07 2.02
N GLY A 14 2.16 11.47 1.34
CA GLY A 14 2.20 11.16 -0.08
C GLY A 14 3.31 10.15 -0.42
N SER A 15 3.98 9.52 0.57
CA SER A 15 5.14 8.70 0.29
C SER A 15 5.51 7.83 1.51
N TYR A 16 6.39 6.84 1.32
CA TYR A 16 6.92 5.99 2.40
C TYR A 16 8.34 5.54 2.05
N ARG A 17 9.32 5.87 2.89
CA ARG A 17 10.76 5.72 2.71
C ARG A 17 11.21 6.36 1.39
N ASP A 18 11.14 5.61 0.29
CA ASP A 18 11.46 6.03 -1.06
C ASP A 18 10.19 6.16 -1.90
N TRP A 19 9.19 5.32 -1.60
CA TRP A 19 8.05 5.03 -2.45
C TRP A 19 7.07 6.19 -2.46
N SER A 20 6.22 6.21 -3.47
CA SER A 20 5.27 7.22 -3.82
C SER A 20 3.87 6.68 -3.50
N TYR A 21 3.05 7.40 -2.75
CA TYR A 21 1.61 7.12 -2.67
C TYR A 21 0.97 7.24 -4.07
N SER A 22 -0.23 6.72 -4.24
CA SER A 22 -1.04 6.77 -5.43
C SER A 22 -2.49 6.98 -5.00
N GLY A 23 -3.38 6.00 -5.17
CA GLY A 23 -4.79 6.08 -4.76
C GLY A 23 -5.72 5.76 -5.92
N GLN A 24 -5.16 5.40 -7.07
CA GLN A 24 -5.88 5.04 -8.27
C GLN A 24 -6.48 3.66 -8.10
N ARG A 25 -7.79 3.57 -7.95
CA ARG A 25 -8.50 2.30 -8.06
C ARG A 25 -8.26 1.68 -9.44
N THR A 26 -8.10 0.37 -9.49
CA THR A 26 -8.00 -0.40 -10.72
C THR A 26 -8.95 -1.59 -10.57
N GLU A 27 -8.86 -2.59 -11.43
CA GLU A 27 -9.41 -3.92 -11.16
C GLU A 27 -8.84 -4.51 -9.87
N LEU A 28 -7.51 -4.55 -9.74
CA LEU A 28 -6.77 -5.41 -8.80
C LEU A 28 -6.60 -4.73 -7.44
N GLY A 29 -7.53 -3.84 -7.12
CA GLY A 29 -7.46 -2.99 -5.96
C GLY A 29 -6.98 -1.61 -6.36
N VAL A 30 -6.69 -0.78 -5.36
CA VAL A 30 -6.20 0.57 -5.56
C VAL A 30 -4.68 0.58 -5.42
N GLU A 31 -3.99 1.33 -6.27
CA GLU A 31 -2.56 1.57 -6.20
C GLU A 31 -2.24 2.20 -4.84
N PHE A 32 -1.36 1.55 -4.08
CA PHE A 32 -0.78 2.04 -2.86
C PHE A 32 0.49 2.80 -3.14
N LEU A 33 1.53 2.19 -2.67
CA LEU A 33 2.89 2.68 -2.77
C LEU A 33 3.44 2.16 -4.09
N LYS A 34 4.04 3.05 -4.86
CA LYS A 34 4.74 2.78 -6.09
C LYS A 34 6.20 3.12 -5.95
N ARG A 35 7.10 2.27 -6.44
CA ARG A 35 8.52 2.57 -6.49
C ARG A 35 9.17 1.74 -7.57
N GLY A 36 9.71 2.37 -8.61
CA GLY A 36 10.46 1.67 -9.65
C GLY A 36 9.49 0.93 -10.55
N ASP A 37 9.37 -0.37 -10.31
CA ASP A 37 8.50 -1.29 -11.06
C ASP A 37 7.51 -1.93 -10.09
N LYS A 38 7.52 -1.53 -8.82
CA LYS A 38 6.80 -2.20 -7.75
C LYS A 38 5.61 -1.35 -7.45
N ILE A 39 4.44 -1.98 -7.45
CA ILE A 39 3.18 -1.36 -7.15
C ILE A 39 2.57 -2.22 -6.05
N VAL A 40 2.52 -1.65 -4.86
CA VAL A 40 1.73 -2.22 -3.79
C VAL A 40 0.31 -1.80 -4.13
N TYR A 41 -0.64 -2.68 -3.90
CA TYR A 41 -2.05 -2.36 -3.93
C TYR A 41 -2.57 -2.49 -2.52
N HIS A 42 -3.75 -1.91 -2.28
CA HIS A 42 -4.52 -2.19 -1.08
C HIS A 42 -5.98 -2.39 -1.46
N THR A 43 -6.77 -3.01 -0.60
CA THR A 43 -8.19 -3.21 -0.85
C THR A 43 -8.95 -1.93 -0.51
N LEU A 44 -10.10 -1.73 -1.17
CA LEU A 44 -10.96 -0.58 -0.91
C LEU A 44 -11.72 -0.69 0.40
N GLU A 45 -11.71 -1.87 1.03
CA GLU A 45 -12.53 -2.23 2.17
C GLU A 45 -11.63 -2.86 3.25
N SER A 46 -12.17 -3.02 4.47
CA SER A 46 -11.38 -3.42 5.63
C SER A 46 -11.66 -4.87 6.08
N PRO A 47 -10.69 -5.54 6.73
CA PRO A 47 -9.33 -5.05 6.94
C PRO A 47 -8.60 -4.97 5.62
N VAL A 48 -7.77 -3.94 5.52
CA VAL A 48 -7.12 -3.62 4.28
C VAL A 48 -6.02 -4.65 4.07
N GLU A 49 -6.17 -5.45 3.03
CA GLU A 49 -5.12 -6.34 2.60
C GLU A 49 -4.22 -5.53 1.67
N PHE A 50 -2.92 -5.56 1.94
CA PHE A 50 -1.88 -5.06 1.07
C PHE A 50 -1.52 -6.17 0.12
N HIS A 51 -1.21 -5.83 -1.13
CA HIS A 51 -0.68 -6.79 -2.08
C HIS A 51 0.56 -6.19 -2.72
N LEU A 52 1.39 -7.02 -3.33
CA LEU A 52 2.44 -6.57 -4.24
C LEU A 52 2.59 -7.55 -5.36
N ASP A 53 2.26 -7.14 -6.58
CA ASP A 53 2.55 -7.88 -7.82
C ASP A 53 1.76 -9.19 -7.95
N GLY A 54 1.10 -9.60 -6.86
CA GLY A 54 0.28 -10.79 -6.74
C GLY A 54 0.40 -11.44 -5.36
N GLU A 55 1.38 -11.06 -4.52
CA GLU A 55 1.55 -11.56 -3.18
C GLU A 55 0.73 -10.65 -2.26
N VAL A 56 -0.21 -11.20 -1.49
CA VAL A 56 -0.83 -10.51 -0.36
C VAL A 56 0.22 -10.47 0.78
N LEU A 57 0.36 -9.33 1.45
CA LEU A 57 1.28 -9.12 2.57
C LEU A 57 0.56 -9.25 3.93
N SER A 58 1.22 -8.79 5.00
CA SER A 58 0.57 -8.18 6.16
C SER A 58 1.08 -6.75 6.31
N LEU A 59 0.53 -6.05 7.30
CA LEU A 59 0.82 -4.66 7.64
C LEU A 59 2.25 -4.55 8.12
N ASP A 60 2.61 -5.46 9.03
CA ASP A 60 3.89 -5.36 9.69
C ASP A 60 4.98 -5.72 8.68
N LYS A 61 4.71 -6.74 7.86
CA LYS A 61 5.63 -7.20 6.82
C LYS A 61 5.85 -6.08 5.83
N LEU A 62 4.76 -5.50 5.30
CA LEU A 62 4.82 -4.41 4.33
C LEU A 62 5.83 -3.36 4.75
N LYS A 63 5.72 -2.84 5.98
CA LYS A 63 6.63 -1.81 6.47
C LYS A 63 8.09 -2.23 6.39
N SER A 64 8.41 -3.48 6.76
CA SER A 64 9.76 -4.02 6.64
C SER A 64 10.19 -4.08 5.17
N LEU A 65 9.31 -4.52 4.27
CA LEU A 65 9.64 -4.72 2.87
C LEU A 65 9.98 -3.41 2.17
N LEU A 66 9.26 -2.35 2.54
CA LEU A 66 9.43 -1.04 1.93
C LEU A 66 10.67 -0.32 2.46
N SER A 67 11.21 -0.77 3.60
CA SER A 67 12.26 -0.09 4.34
C SER A 67 13.60 -0.46 3.73
N GLY A 1 -9.07 1.60 11.38
CA GLY A 1 -8.35 0.33 11.53
C GLY A 1 -6.84 0.53 11.50
N SER A 2 -6.04 -0.42 11.99
CA SER A 2 -4.57 -0.40 11.95
C SER A 2 -4.06 -0.30 10.52
N GLU A 3 -4.53 -1.23 9.69
CA GLU A 3 -4.22 -1.30 8.27
C GLU A 3 -4.72 -0.03 7.59
N GLU A 4 -5.97 0.36 7.85
CA GLU A 4 -6.58 1.57 7.27
C GLU A 4 -5.73 2.81 7.56
N HIS A 5 -5.25 2.95 8.80
CA HIS A 5 -4.43 4.07 9.23
C HIS A 5 -3.11 4.07 8.45
N PHE A 6 -2.60 2.91 8.05
CA PHE A 6 -1.36 2.87 7.27
C PHE A 6 -1.56 3.50 5.89
N VAL A 7 -2.68 3.20 5.23
CA VAL A 7 -3.04 3.89 4.00
C VAL A 7 -3.05 5.39 4.26
N GLU A 8 -3.72 5.78 5.34
CA GLU A 8 -4.05 7.16 5.60
C GLU A 8 -2.77 7.95 5.86
N THR A 9 -1.83 7.42 6.64
CA THR A 9 -0.56 8.06 6.96
C THR A 9 0.27 8.32 5.70
N VAL A 10 0.38 7.31 4.83
CA VAL A 10 1.11 7.44 3.58
C VAL A 10 0.45 8.53 2.72
N SER A 11 -0.88 8.60 2.69
CA SER A 11 -1.60 9.59 1.91
C SER A 11 -1.29 11.02 2.34
N LEU A 12 -0.97 11.23 3.63
CA LEU A 12 -0.48 12.51 4.11
C LEU A 12 0.86 12.81 3.45
N ALA A 13 1.85 11.92 3.61
CA ALA A 13 3.20 12.11 3.11
C ALA A 13 3.23 12.22 1.58
N GLY A 14 2.30 11.57 0.89
CA GLY A 14 2.37 11.34 -0.54
C GLY A 14 3.49 10.35 -0.88
N SER A 15 4.03 9.62 0.08
CA SER A 15 5.20 8.78 -0.11
C SER A 15 5.45 7.92 1.12
N TYR A 16 6.44 7.02 1.05
CA TYR A 16 6.85 6.20 2.19
C TYR A 16 8.26 5.66 1.98
N ARG A 17 9.21 6.00 2.86
CA ARG A 17 10.63 5.64 2.80
C ARG A 17 11.27 6.19 1.52
N ASP A 18 11.13 5.45 0.43
CA ASP A 18 11.66 5.70 -0.91
C ASP A 18 10.57 5.52 -1.98
N TRP A 19 9.35 5.14 -1.58
CA TRP A 19 8.21 4.91 -2.46
C TRP A 19 7.38 6.19 -2.57
N SER A 20 6.51 6.24 -3.58
CA SER A 20 5.56 7.30 -3.89
C SER A 20 4.17 6.75 -3.65
N TYR A 21 3.30 7.53 -3.03
CA TYR A 21 1.86 7.26 -2.95
C TYR A 21 1.22 7.36 -4.34
N SER A 22 0.00 6.84 -4.48
CA SER A 22 -0.90 6.91 -5.62
C SER A 22 -2.29 7.09 -5.00
N GLY A 23 -3.17 6.09 -5.09
CA GLY A 23 -4.54 6.13 -4.57
C GLY A 23 -5.57 5.96 -5.68
N GLN A 24 -5.13 5.58 -6.88
CA GLN A 24 -5.98 5.32 -8.03
C GLN A 24 -6.67 3.98 -7.86
N ARG A 25 -7.98 3.96 -7.67
CA ARG A 25 -8.74 2.71 -7.75
C ARG A 25 -8.52 2.03 -9.10
N THR A 26 -8.34 0.72 -9.08
CA THR A 26 -8.34 -0.12 -10.27
C THR A 26 -9.19 -1.35 -9.96
N GLU A 27 -9.45 -2.20 -10.95
CA GLU A 27 -10.07 -3.51 -10.73
C GLU A 27 -9.37 -4.29 -9.61
N LEU A 28 -8.03 -4.31 -9.63
CA LEU A 28 -7.15 -5.13 -8.79
C LEU A 28 -7.02 -4.59 -7.38
N GLY A 29 -7.70 -3.49 -7.09
CA GLY A 29 -7.58 -2.78 -5.86
C GLY A 29 -7.10 -1.37 -6.16
N VAL A 30 -7.02 -0.54 -5.13
CA VAL A 30 -6.51 0.81 -5.32
C VAL A 30 -4.98 0.73 -5.26
N GLU A 31 -4.32 1.40 -6.21
CA GLU A 31 -2.88 1.56 -6.23
C GLU A 31 -2.44 2.18 -4.90
N PHE A 32 -1.30 1.73 -4.39
CA PHE A 32 -0.75 2.18 -3.14
C PHE A 32 0.55 2.91 -3.37
N LEU A 33 1.55 2.25 -2.87
CA LEU A 33 2.93 2.72 -2.96
C LEU A 33 3.53 2.16 -4.24
N LYS A 34 4.12 3.04 -5.03
CA LYS A 34 4.93 2.74 -6.19
C LYS A 34 6.37 3.12 -5.89
N ARG A 35 7.33 2.22 -6.07
CA ARG A 35 8.76 2.53 -6.00
C ARG A 35 9.37 1.95 -7.25
N GLY A 36 9.82 2.81 -8.16
CA GLY A 36 10.42 2.35 -9.40
C GLY A 36 9.40 1.51 -10.15
N ASP A 37 9.67 0.21 -10.21
CA ASP A 37 8.93 -0.81 -10.97
C ASP A 37 8.09 -1.70 -10.04
N LYS A 38 7.88 -1.30 -8.78
CA LYS A 38 7.21 -2.09 -7.73
C LYS A 38 5.93 -1.39 -7.37
N ILE A 39 4.80 -2.11 -7.31
CA ILE A 39 3.47 -1.55 -7.07
C ILE A 39 2.78 -2.35 -5.97
N VAL A 40 2.57 -1.71 -4.83
CA VAL A 40 1.66 -2.18 -3.82
C VAL A 40 0.26 -1.70 -4.19
N TYR A 41 -0.76 -2.51 -3.86
CA TYR A 41 -2.18 -2.23 -3.88
C TYR A 41 -2.73 -2.41 -2.47
N HIS A 42 -3.94 -1.93 -2.20
CA HIS A 42 -4.68 -2.29 -0.99
C HIS A 42 -6.15 -2.51 -1.29
N THR A 43 -6.84 -3.22 -0.39
CA THR A 43 -8.26 -3.50 -0.56
C THR A 43 -9.07 -2.28 -0.11
N LEU A 44 -10.24 -2.10 -0.71
CA LEU A 44 -11.16 -1.00 -0.40
C LEU A 44 -11.94 -1.20 0.89
N GLU A 45 -11.78 -2.35 1.53
CA GLU A 45 -12.52 -2.78 2.71
C GLU A 45 -11.58 -3.45 3.70
N SER A 46 -12.10 -3.69 4.90
CA SER A 46 -11.39 -4.16 6.06
C SER A 46 -11.60 -5.67 6.24
N PRO A 47 -10.57 -6.45 6.61
CA PRO A 47 -9.20 -6.00 6.82
C PRO A 47 -8.57 -5.57 5.50
N VAL A 48 -7.82 -4.46 5.59
CA VAL A 48 -7.13 -3.93 4.43
C VAL A 48 -5.90 -4.80 4.25
N GLU A 49 -6.01 -5.70 3.28
CA GLU A 49 -4.86 -6.44 2.81
C GLU A 49 -4.11 -5.57 1.81
N PHE A 50 -2.83 -5.84 1.68
CA PHE A 50 -1.86 -5.05 0.96
C PHE A 50 -1.17 -6.01 0.03
N HIS A 51 -1.16 -5.78 -1.26
CA HIS A 51 -0.62 -6.75 -2.21
C HIS A 51 0.46 -6.04 -3.00
N LEU A 52 1.70 -6.47 -2.85
CA LEU A 52 2.81 -5.98 -3.65
C LEU A 52 3.00 -6.95 -4.78
N ASP A 53 2.85 -6.50 -6.03
CA ASP A 53 3.18 -7.25 -7.26
C ASP A 53 2.17 -8.39 -7.53
N GLY A 54 1.41 -8.78 -6.51
CA GLY A 54 0.48 -9.90 -6.47
C GLY A 54 0.69 -10.73 -5.20
N GLU A 55 1.82 -10.55 -4.52
CA GLU A 55 2.12 -11.10 -3.22
C GLU A 55 1.42 -10.24 -2.21
N VAL A 56 0.33 -10.78 -1.71
CA VAL A 56 -0.38 -10.27 -0.56
C VAL A 56 0.41 -10.45 0.74
N LEU A 57 0.57 -9.32 1.40
CA LEU A 57 1.48 -9.07 2.51
C LEU A 57 0.68 -8.80 3.78
N SER A 58 1.34 -8.98 4.93
CA SER A 58 0.80 -8.49 6.18
C SER A 58 1.14 -7.02 6.33
N LEU A 59 0.43 -6.29 7.20
CA LEU A 59 0.72 -4.89 7.50
C LEU A 59 2.10 -4.77 8.12
N ASP A 60 2.45 -5.74 8.97
CA ASP A 60 3.72 -5.77 9.69
C ASP A 60 4.85 -6.07 8.70
N LYS A 61 4.65 -7.06 7.83
CA LYS A 61 5.61 -7.39 6.79
C LYS A 61 5.80 -6.20 5.87
N LEU A 62 4.71 -5.59 5.43
CA LEU A 62 4.69 -4.53 4.44
C LEU A 62 5.72 -3.48 4.78
N LYS A 63 5.69 -2.93 6.00
CA LYS A 63 6.62 -1.89 6.40
C LYS A 63 8.07 -2.38 6.20
N SER A 64 8.38 -3.59 6.67
CA SER A 64 9.68 -4.23 6.49
C SER A 64 10.06 -4.46 5.02
N LEU A 65 9.08 -4.62 4.12
CA LEU A 65 9.29 -4.80 2.68
C LEU A 65 9.45 -3.48 1.95
N LEU A 66 8.92 -2.40 2.51
CA LEU A 66 9.00 -1.08 1.88
C LEU A 66 10.32 -0.41 2.24
N SER A 67 10.97 -0.86 3.32
CA SER A 67 12.25 -0.37 3.77
C SER A 67 13.39 -0.87 2.87
N GLY A 1 -8.50 -0.76 12.13
CA GLY A 1 -7.31 -1.56 11.84
C GLY A 1 -6.06 -0.70 11.80
N SER A 2 -4.91 -1.33 12.00
CA SER A 2 -3.58 -0.76 11.77
C SER A 2 -3.39 -0.39 10.30
N GLU A 3 -4.13 -1.09 9.44
CA GLU A 3 -3.95 -1.15 8.02
C GLU A 3 -4.57 0.08 7.37
N GLU A 4 -5.82 0.40 7.75
CA GLU A 4 -6.54 1.61 7.32
C GLU A 4 -5.70 2.83 7.67
N HIS A 5 -5.14 2.81 8.89
CA HIS A 5 -4.29 3.88 9.38
C HIS A 5 -3.05 4.00 8.48
N PHE A 6 -2.49 2.90 7.98
CA PHE A 6 -1.36 2.99 7.06
C PHE A 6 -1.77 3.66 5.76
N VAL A 7 -2.91 3.28 5.20
CA VAL A 7 -3.43 3.88 3.97
C VAL A 7 -3.63 5.38 4.18
N GLU A 8 -4.09 5.79 5.35
CA GLU A 8 -4.24 7.19 5.69
C GLU A 8 -2.87 7.86 5.77
N THR A 9 -1.91 7.32 6.54
CA THR A 9 -0.69 8.04 6.87
C THR A 9 0.15 8.33 5.63
N VAL A 10 0.21 7.36 4.71
CA VAL A 10 0.96 7.54 3.49
C VAL A 10 0.28 8.58 2.60
N SER A 11 -1.04 8.75 2.69
CA SER A 11 -1.74 9.83 1.99
C SER A 11 -1.27 11.21 2.49
N LEU A 12 -0.93 11.28 3.78
CA LEU A 12 -0.47 12.50 4.41
C LEU A 12 0.89 12.90 3.85
N ALA A 13 1.84 11.96 3.78
CA ALA A 13 3.15 12.23 3.22
C ALA A 13 3.11 12.34 1.69
N GLY A 14 2.19 11.62 1.05
CA GLY A 14 2.25 11.35 -0.38
C GLY A 14 3.34 10.34 -0.75
N SER A 15 3.92 9.62 0.23
CA SER A 15 5.06 8.72 0.02
C SER A 15 5.32 7.94 1.30
N TYR A 16 6.17 6.91 1.21
CA TYR A 16 6.65 6.15 2.36
C TYR A 16 8.04 5.61 2.09
N ARG A 17 8.99 5.75 3.02
CA ARG A 17 10.38 5.27 2.93
C ARG A 17 11.12 5.84 1.72
N ASP A 18 10.93 5.18 0.57
CA ASP A 18 11.56 5.44 -0.73
C ASP A 18 10.52 5.44 -1.85
N TRP A 19 9.25 5.21 -1.51
CA TRP A 19 8.13 4.98 -2.40
C TRP A 19 7.27 6.24 -2.46
N SER A 20 6.35 6.29 -3.41
CA SER A 20 5.41 7.35 -3.68
C SER A 20 4.02 6.79 -3.44
N TYR A 21 3.12 7.58 -2.88
CA TYR A 21 1.70 7.28 -2.91
C TYR A 21 1.17 7.40 -4.34
N SER A 22 0.00 6.83 -4.61
CA SER A 22 -0.78 6.95 -5.84
C SER A 22 -2.22 7.27 -5.42
N GLY A 23 -3.20 6.38 -5.58
CA GLY A 23 -4.60 6.67 -5.31
C GLY A 23 -5.53 6.41 -6.51
N GLN A 24 -4.96 5.96 -7.62
CA GLN A 24 -5.70 5.50 -8.79
C GLN A 24 -6.37 4.18 -8.43
N ARG A 25 -7.56 3.93 -8.96
CA ARG A 25 -8.30 2.70 -8.72
C ARG A 25 -8.08 1.79 -9.92
N THR A 26 -8.08 0.49 -9.71
CA THR A 26 -8.01 -0.51 -10.76
C THR A 26 -8.68 -1.79 -10.24
N GLU A 27 -8.63 -2.88 -11.00
CA GLU A 27 -9.10 -4.21 -10.61
C GLU A 27 -8.44 -4.79 -9.36
N LEU A 28 -7.24 -4.32 -9.06
CA LEU A 28 -6.42 -4.86 -7.99
C LEU A 28 -6.64 -4.14 -6.69
N GLY A 29 -7.40 -3.05 -6.71
CA GLY A 29 -7.58 -2.25 -5.51
C GLY A 29 -7.48 -0.78 -5.81
N VAL A 30 -7.05 0.02 -4.84
CA VAL A 30 -6.36 1.26 -5.18
C VAL A 30 -4.85 0.98 -5.27
N GLU A 31 -4.15 1.70 -6.15
CA GLU A 31 -2.71 1.79 -6.23
C GLU A 31 -2.22 2.45 -4.96
N PHE A 32 -1.48 1.70 -4.14
CA PHE A 32 -0.91 2.17 -2.89
C PHE A 32 0.36 2.94 -3.12
N LEU A 33 1.39 2.31 -2.65
CA LEU A 33 2.77 2.72 -2.79
C LEU A 33 3.28 2.21 -4.12
N LYS A 34 3.81 3.11 -4.94
CA LYS A 34 4.56 2.81 -6.14
C LYS A 34 6.00 3.16 -5.88
N ARG A 35 6.95 2.44 -6.46
CA ARG A 35 8.37 2.78 -6.40
C ARG A 35 9.05 2.10 -7.55
N GLY A 36 9.66 2.87 -8.44
CA GLY A 36 10.52 2.32 -9.45
C GLY A 36 9.71 1.55 -10.47
N ASP A 37 9.54 0.25 -10.26
CA ASP A 37 8.68 -0.60 -11.07
C ASP A 37 7.73 -1.44 -10.21
N LYS A 38 7.69 -1.15 -8.90
CA LYS A 38 6.92 -1.92 -7.91
C LYS A 38 5.61 -1.20 -7.62
N ILE A 39 4.53 -1.95 -7.41
CA ILE A 39 3.20 -1.41 -7.10
C ILE A 39 2.56 -2.24 -6.00
N VAL A 40 2.41 -1.64 -4.83
CA VAL A 40 1.57 -2.17 -3.78
C VAL A 40 0.14 -1.74 -4.09
N TYR A 41 -0.81 -2.58 -3.73
CA TYR A 41 -2.25 -2.32 -3.75
C TYR A 41 -2.75 -2.41 -2.32
N HIS A 42 -3.88 -1.78 -2.03
CA HIS A 42 -4.61 -2.00 -0.80
C HIS A 42 -6.05 -2.29 -1.19
N THR A 43 -6.73 -3.07 -0.35
CA THR A 43 -8.15 -3.29 -0.52
C THR A 43 -8.89 -2.12 0.13
N LEU A 44 -10.04 -1.79 -0.43
CA LEU A 44 -10.86 -0.68 0.04
C LEU A 44 -11.74 -1.09 1.21
N GLU A 45 -12.07 -2.38 1.29
CA GLU A 45 -12.87 -3.00 2.34
C GLU A 45 -11.94 -3.40 3.49
N SER A 46 -12.48 -3.65 4.69
CA SER A 46 -11.67 -3.93 5.87
C SER A 46 -11.84 -5.36 6.40
N PRO A 47 -10.80 -5.91 7.06
CA PRO A 47 -9.51 -5.28 7.29
C PRO A 47 -8.70 -5.22 5.99
N VAL A 48 -8.07 -4.08 5.77
CA VAL A 48 -7.35 -3.77 4.55
C VAL A 48 -6.21 -4.77 4.40
N GLU A 49 -6.21 -5.45 3.28
CA GLU A 49 -5.14 -6.30 2.82
C GLU A 49 -4.26 -5.46 1.91
N PHE A 50 -2.98 -5.84 1.84
CA PHE A 50 -1.96 -5.14 1.07
C PHE A 50 -1.37 -6.16 0.12
N HIS A 51 -1.35 -5.89 -1.18
CA HIS A 51 -0.76 -6.82 -2.13
C HIS A 51 0.40 -6.12 -2.80
N LEU A 52 1.32 -6.89 -3.36
CA LEU A 52 2.45 -6.40 -4.13
C LEU A 52 2.89 -7.46 -5.12
N ASP A 53 2.91 -7.10 -6.41
CA ASP A 53 3.34 -7.90 -7.56
C ASP A 53 2.28 -8.94 -7.91
N GLY A 54 1.78 -9.59 -6.87
CA GLY A 54 0.66 -10.50 -6.81
C GLY A 54 0.53 -11.14 -5.43
N GLU A 55 1.52 -10.96 -4.56
CA GLU A 55 1.57 -11.55 -3.23
C GLU A 55 0.94 -10.55 -2.29
N VAL A 56 -0.15 -10.95 -1.67
CA VAL A 56 -0.67 -10.32 -0.48
C VAL A 56 0.24 -10.53 0.74
N LEU A 57 0.70 -9.39 1.26
CA LEU A 57 1.70 -9.21 2.30
C LEU A 57 0.97 -8.90 3.60
N SER A 58 1.54 -9.24 4.76
CA SER A 58 0.98 -8.77 6.02
C SER A 58 1.29 -7.27 6.15
N LEU A 59 0.60 -6.53 7.02
CA LEU A 59 0.75 -5.10 7.16
C LEU A 59 2.09 -4.77 7.77
N ASP A 60 2.37 -5.45 8.87
CA ASP A 60 3.55 -5.17 9.64
C ASP A 60 4.78 -5.61 8.81
N LYS A 61 4.64 -6.71 8.06
CA LYS A 61 5.60 -7.17 7.05
C LYS A 61 5.77 -6.10 5.99
N LEU A 62 4.68 -5.58 5.42
CA LEU A 62 4.67 -4.62 4.33
C LEU A 62 5.63 -3.50 4.67
N LYS A 63 5.57 -2.95 5.88
CA LYS A 63 6.44 -1.85 6.25
C LYS A 63 7.91 -2.24 6.11
N SER A 64 8.29 -3.42 6.63
CA SER A 64 9.62 -3.98 6.43
C SER A 64 9.90 -4.13 4.93
N LEU A 65 8.97 -4.65 4.13
CA LEU A 65 9.16 -4.89 2.70
C LEU A 65 9.35 -3.59 1.92
N LEU A 66 8.83 -2.48 2.43
CA LEU A 66 8.98 -1.19 1.77
C LEU A 66 10.35 -0.58 2.08
N SER A 67 10.99 -1.03 3.16
CA SER A 67 12.22 -0.45 3.68
C SER A 67 13.46 -1.01 2.97
N GLY A 1 -9.32 -1.12 13.12
CA GLY A 1 -8.33 -1.39 12.08
C GLY A 1 -7.02 -0.70 12.38
N SER A 2 -5.93 -1.22 11.85
CA SER A 2 -4.62 -0.56 11.88
C SER A 2 -4.13 -0.34 10.45
N GLU A 3 -4.50 -1.25 9.54
CA GLU A 3 -4.15 -1.24 8.15
C GLU A 3 -4.76 0.02 7.48
N GLU A 4 -6.00 0.36 7.81
CA GLU A 4 -6.65 1.61 7.36
C GLU A 4 -5.80 2.83 7.70
N HIS A 5 -5.24 2.85 8.92
CA HIS A 5 -4.39 3.96 9.34
C HIS A 5 -3.12 4.01 8.48
N PHE A 6 -2.56 2.87 8.04
CA PHE A 6 -1.40 2.91 7.17
C PHE A 6 -1.76 3.55 5.83
N VAL A 7 -2.90 3.17 5.22
CA VAL A 7 -3.39 3.82 4.02
C VAL A 7 -3.43 5.32 4.23
N GLU A 8 -4.07 5.74 5.31
CA GLU A 8 -4.26 7.15 5.61
C GLU A 8 -2.91 7.86 5.76
N THR A 9 -1.95 7.32 6.51
CA THR A 9 -0.72 8.03 6.81
C THR A 9 0.10 8.28 5.54
N VAL A 10 0.14 7.29 4.66
CA VAL A 10 0.85 7.43 3.39
C VAL A 10 0.09 8.41 2.51
N SER A 11 -1.24 8.41 2.55
CA SER A 11 -2.06 9.41 1.87
C SER A 11 -1.67 10.82 2.31
N LEU A 12 -1.36 11.03 3.59
CA LEU A 12 -0.96 12.33 4.06
C LEU A 12 0.36 12.72 3.41
N ALA A 13 1.38 11.88 3.59
CA ALA A 13 2.74 12.15 3.13
C ALA A 13 2.83 12.20 1.61
N GLY A 14 1.90 11.56 0.91
CA GLY A 14 1.99 11.30 -0.52
C GLY A 14 3.10 10.28 -0.83
N SER A 15 3.65 9.57 0.17
CA SER A 15 4.86 8.78 -0.01
C SER A 15 5.16 7.93 1.23
N TYR A 16 6.15 7.04 1.15
CA TYR A 16 6.63 6.25 2.29
C TYR A 16 8.07 5.78 2.08
N ARG A 17 9.00 6.14 2.97
CA ARG A 17 10.43 5.80 2.93
C ARG A 17 11.09 6.39 1.68
N ASP A 18 10.96 5.72 0.55
CA ASP A 18 11.41 6.15 -0.78
C ASP A 18 10.35 5.90 -1.86
N TRP A 19 9.22 5.31 -1.48
CA TRP A 19 8.10 5.03 -2.35
C TRP A 19 7.20 6.27 -2.44
N SER A 20 6.37 6.29 -3.47
CA SER A 20 5.40 7.30 -3.83
C SER A 20 4.04 6.72 -3.53
N TYR A 21 3.13 7.50 -2.95
CA TYR A 21 1.71 7.16 -2.97
C TYR A 21 1.21 7.22 -4.42
N SER A 22 0.03 6.64 -4.63
CA SER A 22 -0.77 6.66 -5.84
C SER A 22 -2.16 7.07 -5.35
N GLY A 23 -3.15 6.18 -5.37
CA GLY A 23 -4.54 6.52 -5.10
C GLY A 23 -5.29 6.45 -6.42
N GLN A 24 -5.14 5.32 -7.08
CA GLN A 24 -5.82 4.99 -8.31
C GLN A 24 -6.43 3.63 -8.09
N ARG A 25 -7.68 3.66 -7.70
CA ARG A 25 -8.60 2.56 -7.79
C ARG A 25 -8.61 2.05 -9.22
N THR A 26 -8.35 0.77 -9.37
CA THR A 26 -8.44 0.03 -10.61
C THR A 26 -9.49 -1.06 -10.34
N GLU A 27 -9.58 -2.07 -11.20
CA GLU A 27 -10.22 -3.33 -10.89
C GLU A 27 -9.59 -4.01 -9.68
N LEU A 28 -8.25 -4.08 -9.67
CA LEU A 28 -7.47 -5.03 -8.89
C LEU A 28 -7.10 -4.50 -7.53
N GLY A 29 -7.82 -3.47 -7.11
CA GLY A 29 -7.64 -2.81 -5.84
C GLY A 29 -7.57 -1.31 -6.04
N VAL A 30 -6.85 -0.62 -5.17
CA VAL A 30 -6.35 0.72 -5.41
C VAL A 30 -4.84 0.69 -5.26
N GLU A 31 -4.14 1.33 -6.20
CA GLU A 31 -2.70 1.48 -6.18
C GLU A 31 -2.29 2.17 -4.87
N PHE A 32 -1.41 1.51 -4.11
CA PHE A 32 -0.81 2.01 -2.90
C PHE A 32 0.46 2.75 -3.21
N LEU A 33 1.53 2.16 -2.76
CA LEU A 33 2.89 2.63 -2.86
C LEU A 33 3.49 2.12 -4.17
N LYS A 34 3.98 3.04 -4.99
CA LYS A 34 4.79 2.78 -6.16
C LYS A 34 6.25 3.12 -5.85
N ARG A 35 7.18 2.21 -6.13
CA ARG A 35 8.62 2.54 -6.13
C ARG A 35 9.25 1.85 -7.32
N GLY A 36 9.73 2.62 -8.29
CA GLY A 36 10.44 2.13 -9.44
C GLY A 36 9.54 1.20 -10.23
N ASP A 37 9.79 -0.09 -10.10
CA ASP A 37 9.15 -1.17 -10.85
C ASP A 37 8.27 -2.03 -9.93
N LYS A 38 7.95 -1.52 -8.73
CA LYS A 38 7.20 -2.20 -7.69
C LYS A 38 5.90 -1.42 -7.49
N ILE A 39 4.78 -2.12 -7.35
CA ILE A 39 3.48 -1.51 -7.09
C ILE A 39 2.78 -2.33 -6.01
N VAL A 40 2.65 -1.73 -4.82
CA VAL A 40 1.77 -2.22 -3.79
C VAL A 40 0.37 -1.74 -4.15
N TYR A 41 -0.64 -2.53 -3.85
CA TYR A 41 -2.05 -2.21 -3.87
C TYR A 41 -2.57 -2.26 -2.44
N HIS A 42 -3.74 -1.70 -2.18
CA HIS A 42 -4.49 -1.98 -0.97
C HIS A 42 -5.94 -2.24 -1.36
N THR A 43 -6.65 -2.98 -0.54
CA THR A 43 -8.06 -3.26 -0.77
C THR A 43 -8.87 -2.07 -0.30
N LEU A 44 -10.02 -1.86 -0.95
CA LEU A 44 -10.95 -0.79 -0.58
C LEU A 44 -11.63 -1.03 0.76
N GLU A 45 -11.56 -2.24 1.30
CA GLU A 45 -12.28 -2.64 2.51
C GLU A 45 -11.39 -3.48 3.43
N SER A 46 -11.83 -3.63 4.68
CA SER A 46 -11.10 -4.28 5.76
C SER A 46 -11.14 -5.81 5.67
N PRO A 47 -10.16 -6.53 6.24
CA PRO A 47 -8.84 -5.98 6.57
C PRO A 47 -8.20 -5.48 5.29
N VAL A 48 -7.54 -4.34 5.39
CA VAL A 48 -6.94 -3.74 4.23
C VAL A 48 -5.68 -4.57 3.98
N GLU A 49 -5.76 -5.41 2.96
CA GLU A 49 -4.68 -6.29 2.60
C GLU A 49 -3.87 -5.60 1.53
N PHE A 50 -2.56 -5.71 1.66
CA PHE A 50 -1.61 -4.91 0.92
C PHE A 50 -0.89 -5.86 -0.03
N HIS A 51 -1.37 -6.00 -1.26
CA HIS A 51 -0.70 -6.91 -2.18
C HIS A 51 0.48 -6.17 -2.81
N LEU A 52 1.52 -6.88 -3.22
CA LEU A 52 2.65 -6.34 -3.97
C LEU A 52 3.07 -7.40 -4.96
N ASP A 53 3.26 -7.01 -6.23
CA ASP A 53 3.74 -7.85 -7.33
C ASP A 53 2.64 -8.84 -7.68
N GLY A 54 2.33 -9.73 -6.75
CA GLY A 54 1.00 -10.27 -6.62
C GLY A 54 0.79 -11.00 -5.30
N GLU A 55 1.72 -10.88 -4.36
CA GLU A 55 1.71 -11.50 -3.06
C GLU A 55 0.99 -10.56 -2.13
N VAL A 56 -0.05 -11.06 -1.50
CA VAL A 56 -0.63 -10.42 -0.33
C VAL A 56 0.48 -10.31 0.73
N LEU A 57 0.70 -9.10 1.26
CA LEU A 57 1.64 -8.83 2.33
C LEU A 57 0.86 -8.50 3.60
N SER A 58 1.48 -8.75 4.75
CA SER A 58 0.91 -8.44 6.05
C SER A 58 1.23 -6.98 6.38
N LEU A 59 0.55 -6.36 7.35
CA LEU A 59 0.75 -4.94 7.71
C LEU A 59 2.16 -4.73 8.22
N ASP A 60 2.56 -5.57 9.17
CA ASP A 60 3.88 -5.54 9.78
C ASP A 60 4.93 -5.76 8.71
N LYS A 61 4.71 -6.82 7.90
CA LYS A 61 5.64 -7.28 6.89
C LYS A 61 5.86 -6.18 5.89
N LEU A 62 4.77 -5.60 5.36
CA LEU A 62 4.77 -4.54 4.37
C LEU A 62 5.78 -3.48 4.77
N LYS A 63 5.70 -2.93 6.00
CA LYS A 63 6.64 -1.89 6.39
C LYS A 63 8.08 -2.34 6.22
N SER A 64 8.41 -3.53 6.72
CA SER A 64 9.74 -4.12 6.58
C SER A 64 10.12 -4.20 5.10
N LEU A 65 9.22 -4.64 4.22
CA LEU A 65 9.49 -4.82 2.80
C LEU A 65 9.68 -3.50 2.05
N LEU A 66 9.17 -2.40 2.60
CA LEU A 66 9.30 -1.05 2.04
C LEU A 66 10.57 -0.36 2.55
N SER A 67 11.19 -0.88 3.61
CA SER A 67 12.40 -0.34 4.19
C SER A 67 13.58 -0.79 3.34
N GLY A 1 -9.87 -0.93 11.72
CA GLY A 1 -8.59 -1.56 11.36
C GLY A 1 -7.41 -0.70 11.80
N SER A 2 -6.21 -1.28 11.80
CA SER A 2 -4.95 -0.52 11.87
C SER A 2 -4.32 -0.37 10.48
N GLU A 3 -4.74 -1.23 9.57
CA GLU A 3 -4.25 -1.31 8.22
C GLU A 3 -4.80 -0.11 7.44
N GLU A 4 -6.08 0.22 7.67
CA GLU A 4 -6.73 1.44 7.19
C GLU A 4 -5.87 2.67 7.53
N HIS A 5 -5.39 2.74 8.77
CA HIS A 5 -4.58 3.84 9.24
C HIS A 5 -3.24 3.88 8.50
N PHE A 6 -2.65 2.74 8.12
CA PHE A 6 -1.39 2.76 7.39
C PHE A 6 -1.53 3.36 5.99
N VAL A 7 -2.67 3.11 5.33
CA VAL A 7 -3.02 3.85 4.12
C VAL A 7 -3.03 5.33 4.44
N GLU A 8 -3.71 5.68 5.52
CA GLU A 8 -3.98 7.05 5.85
C GLU A 8 -2.67 7.80 6.09
N THR A 9 -1.73 7.25 6.85
CA THR A 9 -0.49 7.95 7.17
C THR A 9 0.29 8.28 5.91
N VAL A 10 0.43 7.31 5.01
CA VAL A 10 1.14 7.56 3.78
C VAL A 10 0.34 8.56 2.94
N SER A 11 -1.00 8.51 2.93
CA SER A 11 -1.79 9.48 2.17
C SER A 11 -1.45 10.91 2.54
N LEU A 12 -1.14 11.16 3.81
CA LEU A 12 -0.81 12.50 4.24
C LEU A 12 0.52 12.93 3.62
N ALA A 13 1.53 12.06 3.75
CA ALA A 13 2.90 12.29 3.29
C ALA A 13 2.98 12.33 1.76
N GLY A 14 2.13 11.59 1.06
CA GLY A 14 2.24 11.32 -0.36
C GLY A 14 3.33 10.29 -0.69
N SER A 15 3.92 9.60 0.30
CA SER A 15 4.97 8.63 0.08
C SER A 15 5.26 7.87 1.38
N TYR A 16 6.06 6.80 1.27
CA TYR A 16 6.64 6.08 2.39
C TYR A 16 8.08 5.72 2.06
N ARG A 17 9.02 6.08 2.93
CA ARG A 17 10.47 5.86 2.79
C ARG A 17 11.04 6.44 1.48
N ASP A 18 11.00 5.68 0.37
CA ASP A 18 11.45 6.04 -0.98
C ASP A 18 10.31 6.03 -2.00
N TRP A 19 9.19 5.41 -1.62
CA TRP A 19 8.06 5.14 -2.50
C TRP A 19 7.32 6.45 -2.77
N SER A 20 6.25 6.36 -3.54
CA SER A 20 5.31 7.38 -3.87
C SER A 20 3.94 6.78 -3.57
N TYR A 21 3.08 7.49 -2.86
CA TYR A 21 1.66 7.17 -2.82
C TYR A 21 1.07 7.39 -4.21
N SER A 22 -0.08 6.78 -4.49
CA SER A 22 -0.86 6.87 -5.69
C SER A 22 -2.31 7.18 -5.29
N GLY A 23 -3.27 6.26 -5.46
CA GLY A 23 -4.67 6.49 -5.10
C GLY A 23 -5.63 6.17 -6.26
N GLN A 24 -5.09 5.62 -7.34
CA GLN A 24 -5.83 5.18 -8.50
C GLN A 24 -6.44 3.81 -8.22
N ARG A 25 -7.77 3.73 -8.03
CA ARG A 25 -8.44 2.44 -8.01
C ARG A 25 -8.31 1.72 -9.35
N THR A 26 -8.25 0.39 -9.31
CA THR A 26 -8.13 -0.49 -10.47
C THR A 26 -9.00 -1.74 -10.24
N GLU A 27 -8.93 -2.73 -11.13
CA GLU A 27 -9.51 -4.04 -10.90
C GLU A 27 -8.85 -4.74 -9.71
N LEU A 28 -7.55 -4.52 -9.50
CA LEU A 28 -6.74 -5.27 -8.55
C LEU A 28 -6.61 -4.56 -7.23
N GLY A 29 -7.25 -3.41 -7.10
CA GLY A 29 -7.29 -2.64 -5.89
C GLY A 29 -6.85 -1.22 -6.19
N VAL A 30 -6.71 -0.39 -5.18
CA VAL A 30 -6.15 0.94 -5.40
C VAL A 30 -4.63 0.84 -5.39
N GLU A 31 -3.99 1.44 -6.39
CA GLU A 31 -2.55 1.63 -6.47
C GLU A 31 -2.13 2.37 -5.21
N PHE A 32 -1.25 1.73 -4.43
CA PHE A 32 -0.76 2.25 -3.18
C PHE A 32 0.56 2.97 -3.37
N LEU A 33 1.53 2.33 -2.79
CA LEU A 33 2.94 2.67 -2.82
C LEU A 33 3.47 2.16 -4.14
N LYS A 34 3.86 3.08 -5.01
CA LYS A 34 4.67 2.80 -6.18
C LYS A 34 6.11 3.19 -5.89
N ARG A 35 7.09 2.48 -6.46
CA ARG A 35 8.50 2.83 -6.32
C ARG A 35 9.28 2.19 -7.43
N GLY A 36 9.87 2.98 -8.32
CA GLY A 36 10.73 2.48 -9.37
C GLY A 36 9.91 1.65 -10.35
N ASP A 37 9.89 0.33 -10.16
CA ASP A 37 9.09 -0.60 -10.96
C ASP A 37 8.15 -1.43 -10.06
N LYS A 38 8.01 -1.06 -8.79
CA LYS A 38 7.26 -1.81 -7.78
C LYS A 38 5.90 -1.15 -7.56
N ILE A 39 4.85 -1.95 -7.33
CA ILE A 39 3.49 -1.45 -7.08
C ILE A 39 2.85 -2.27 -5.97
N VAL A 40 2.65 -1.63 -4.81
CA VAL A 40 1.76 -2.15 -3.78
C VAL A 40 0.35 -1.68 -4.14
N TYR A 41 -0.65 -2.45 -3.74
CA TYR A 41 -2.08 -2.22 -3.82
C TYR A 41 -2.66 -2.36 -2.41
N HIS A 42 -3.89 -1.90 -2.19
CA HIS A 42 -4.64 -2.22 -0.99
C HIS A 42 -6.13 -2.42 -1.28
N THR A 43 -6.83 -3.09 -0.37
CA THR A 43 -8.27 -3.29 -0.48
C THR A 43 -8.98 -2.02 0.00
N LEU A 44 -10.10 -1.67 -0.64
CA LEU A 44 -10.87 -0.49 -0.27
C LEU A 44 -11.67 -0.66 1.03
N GLU A 45 -11.83 -1.89 1.53
CA GLU A 45 -12.65 -2.20 2.69
C GLU A 45 -11.84 -2.98 3.72
N SER A 46 -12.31 -2.98 4.97
CA SER A 46 -11.61 -3.57 6.09
C SER A 46 -11.69 -5.10 6.07
N PRO A 47 -10.73 -5.80 6.71
CA PRO A 47 -9.41 -5.29 7.06
C PRO A 47 -8.64 -5.07 5.76
N VAL A 48 -7.83 -4.01 5.75
CA VAL A 48 -7.12 -3.63 4.56
C VAL A 48 -5.95 -4.60 4.39
N GLU A 49 -6.07 -5.41 3.35
CA GLU A 49 -4.99 -6.22 2.85
C GLU A 49 -4.10 -5.33 2.00
N PHE A 50 -2.83 -5.71 1.87
CA PHE A 50 -1.84 -5.01 1.06
C PHE A 50 -1.19 -6.05 0.16
N HIS A 51 -1.08 -5.78 -1.14
CA HIS A 51 -0.50 -6.74 -2.07
C HIS A 51 0.56 -6.02 -2.87
N LEU A 52 1.74 -6.60 -2.99
CA LEU A 52 2.85 -6.09 -3.79
C LEU A 52 3.07 -7.05 -4.93
N ASP A 53 2.79 -6.59 -6.15
CA ASP A 53 2.96 -7.26 -7.43
C ASP A 53 1.88 -8.32 -7.67
N GLY A 54 1.48 -8.97 -6.59
CA GLY A 54 0.51 -10.05 -6.52
C GLY A 54 0.69 -10.84 -5.22
N GLU A 55 1.82 -10.69 -4.53
CA GLU A 55 2.09 -11.26 -3.23
C GLU A 55 1.41 -10.35 -2.23
N VAL A 56 0.36 -10.85 -1.59
CA VAL A 56 -0.26 -10.23 -0.45
C VAL A 56 0.51 -10.48 0.84
N LEU A 57 0.61 -9.39 1.59
CA LEU A 57 1.52 -9.28 2.73
C LEU A 57 0.75 -9.26 4.05
N SER A 58 1.43 -8.91 5.14
CA SER A 58 0.85 -8.44 6.39
C SER A 58 1.32 -7.01 6.63
N LEU A 59 0.70 -6.29 7.57
CA LEU A 59 0.97 -4.87 7.85
C LEU A 59 2.37 -4.70 8.41
N ASP A 60 2.81 -5.68 9.19
CA ASP A 60 4.16 -5.81 9.71
C ASP A 60 5.13 -6.03 8.57
N LYS A 61 4.91 -7.09 7.78
CA LYS A 61 5.79 -7.50 6.69
C LYS A 61 5.99 -6.36 5.71
N LEU A 62 4.88 -5.72 5.35
CA LEU A 62 4.81 -4.59 4.44
C LEU A 62 5.88 -3.58 4.75
N LYS A 63 5.94 -3.09 5.99
CA LYS A 63 6.92 -2.08 6.39
C LYS A 63 8.35 -2.58 6.10
N SER A 64 8.66 -3.83 6.48
CA SER A 64 9.94 -4.46 6.15
C SER A 64 10.20 -4.50 4.63
N LEU A 65 9.18 -4.76 3.81
CA LEU A 65 9.31 -4.82 2.36
C LEU A 65 9.46 -3.43 1.73
N LEU A 66 8.93 -2.40 2.37
CA LEU A 66 9.03 -1.03 1.86
C LEU A 66 10.38 -0.41 2.24
N SER A 67 11.02 -0.93 3.29
CA SER A 67 12.38 -0.63 3.69
C SER A 67 13.36 -1.26 2.69
N GLY A 1 -9.61 -0.93 12.01
CA GLY A 1 -8.39 -1.56 11.51
C GLY A 1 -7.14 -1.01 12.16
N SER A 2 -5.99 -1.48 11.70
CA SER A 2 -4.68 -0.80 11.84
C SER A 2 -4.05 -0.51 10.47
N GLU A 3 -4.42 -1.35 9.50
CA GLU A 3 -3.98 -1.36 8.13
C GLU A 3 -4.57 -0.15 7.41
N GLU A 4 -5.85 0.16 7.68
CA GLU A 4 -6.55 1.38 7.26
C GLU A 4 -5.70 2.61 7.61
N HIS A 5 -5.20 2.65 8.84
CA HIS A 5 -4.41 3.76 9.35
C HIS A 5 -3.08 3.85 8.60
N PHE A 6 -2.53 2.73 8.14
CA PHE A 6 -1.31 2.80 7.36
C PHE A 6 -1.53 3.46 6.01
N VAL A 7 -2.64 3.14 5.34
CA VAL A 7 -3.04 3.82 4.10
C VAL A 7 -3.12 5.32 4.37
N GLU A 8 -3.81 5.67 5.44
CA GLU A 8 -4.07 7.04 5.87
C GLU A 8 -2.74 7.78 5.99
N THR A 9 -1.80 7.25 6.77
CA THR A 9 -0.56 7.93 7.08
C THR A 9 0.28 8.19 5.82
N VAL A 10 0.38 7.19 4.95
CA VAL A 10 1.16 7.33 3.73
C VAL A 10 0.50 8.40 2.84
N SER A 11 -0.83 8.48 2.77
CA SER A 11 -1.53 9.50 1.99
C SER A 11 -1.09 10.91 2.38
N LEU A 12 -0.88 11.13 3.68
CA LEU A 12 -0.47 12.43 4.16
C LEU A 12 0.91 12.75 3.59
N ALA A 13 1.88 11.86 3.77
CA ALA A 13 3.23 12.03 3.26
C ALA A 13 3.28 12.05 1.72
N GLY A 14 2.30 11.44 1.06
CA GLY A 14 2.32 11.19 -0.38
C GLY A 14 3.40 10.18 -0.76
N SER A 15 3.96 9.44 0.19
CA SER A 15 5.09 8.54 -0.02
C SER A 15 5.36 7.77 1.28
N TYR A 16 6.15 6.70 1.18
CA TYR A 16 6.64 5.96 2.33
C TYR A 16 8.08 5.54 2.09
N ARG A 17 9.01 5.90 2.98
CA ARG A 17 10.44 5.59 2.92
C ARG A 17 11.10 6.16 1.67
N ASP A 18 10.97 5.42 0.57
CA ASP A 18 11.56 5.68 -0.75
C ASP A 18 10.49 5.63 -1.86
N TRP A 19 9.31 5.12 -1.51
CA TRP A 19 8.19 4.88 -2.41
C TRP A 19 7.39 6.17 -2.54
N SER A 20 6.39 6.15 -3.41
CA SER A 20 5.49 7.22 -3.77
C SER A 20 4.08 6.69 -3.52
N TYR A 21 3.19 7.47 -2.91
CA TYR A 21 1.76 7.15 -2.88
C TYR A 21 1.19 7.27 -4.30
N SER A 22 -0.03 6.78 -4.50
CA SER A 22 -0.88 7.02 -5.64
C SER A 22 -2.28 7.19 -5.07
N GLY A 23 -3.18 6.24 -5.31
CA GLY A 23 -4.55 6.26 -4.81
C GLY A 23 -5.57 6.09 -5.92
N GLN A 24 -5.12 5.66 -7.08
CA GLN A 24 -5.94 5.38 -8.26
C GLN A 24 -6.61 4.03 -8.07
N ARG A 25 -7.93 4.04 -7.84
CA ARG A 25 -8.71 2.82 -8.00
C ARG A 25 -8.53 2.27 -9.41
N THR A 26 -8.34 0.97 -9.50
CA THR A 26 -8.35 0.20 -10.73
C THR A 26 -9.20 -1.06 -10.47
N GLU A 27 -9.14 -2.05 -11.35
CA GLU A 27 -9.79 -3.33 -11.19
C GLU A 27 -9.25 -4.10 -9.99
N LEU A 28 -7.93 -4.07 -9.80
CA LEU A 28 -7.22 -4.99 -8.90
C LEU A 28 -7.13 -4.47 -7.48
N GLY A 29 -7.76 -3.34 -7.20
CA GLY A 29 -7.61 -2.64 -5.96
C GLY A 29 -7.33 -1.18 -6.24
N VAL A 30 -6.84 -0.44 -5.25
CA VAL A 30 -6.36 0.93 -5.45
C VAL A 30 -4.82 0.93 -5.36
N GLU A 31 -4.17 1.70 -6.25
CA GLU A 31 -2.72 1.81 -6.39
C GLU A 31 -2.18 2.42 -5.09
N PHE A 32 -1.42 1.64 -4.32
CA PHE A 32 -0.88 2.06 -3.05
C PHE A 32 0.40 2.85 -3.22
N LEU A 33 1.43 2.20 -2.75
CA LEU A 33 2.82 2.64 -2.83
C LEU A 33 3.38 2.12 -4.14
N LYS A 34 4.01 2.99 -4.90
CA LYS A 34 4.83 2.67 -6.05
C LYS A 34 6.30 2.96 -5.74
N ARG A 35 7.24 2.18 -6.25
CA ARG A 35 8.68 2.48 -6.14
C ARG A 35 9.39 1.77 -7.26
N GLY A 36 10.13 2.49 -8.11
CA GLY A 36 10.88 1.88 -9.18
C GLY A 36 9.93 1.23 -10.15
N ASP A 37 9.87 -0.09 -10.10
CA ASP A 37 9.07 -0.99 -10.93
C ASP A 37 8.27 -1.89 -9.99
N LYS A 38 7.80 -1.34 -8.87
CA LYS A 38 7.04 -2.06 -7.86
C LYS A 38 5.75 -1.28 -7.61
N ILE A 39 4.63 -1.98 -7.48
CA ILE A 39 3.32 -1.38 -7.22
C ILE A 39 2.63 -2.23 -6.17
N VAL A 40 2.48 -1.67 -4.98
CA VAL A 40 1.60 -2.21 -3.95
C VAL A 40 0.19 -1.78 -4.30
N TYR A 41 -0.79 -2.61 -3.96
CA TYR A 41 -2.21 -2.35 -4.02
C TYR A 41 -2.73 -2.46 -2.59
N HIS A 42 -3.84 -1.79 -2.27
CA HIS A 42 -4.57 -2.02 -1.02
C HIS A 42 -6.05 -2.21 -1.36
N THR A 43 -6.80 -2.87 -0.47
CA THR A 43 -8.21 -3.11 -0.69
C THR A 43 -9.01 -1.87 -0.30
N LEU A 44 -10.16 -1.67 -0.96
CA LEU A 44 -11.07 -0.57 -0.65
C LEU A 44 -11.81 -0.76 0.67
N GLU A 45 -11.84 -1.98 1.24
CA GLU A 45 -12.63 -2.30 2.41
C GLU A 45 -11.75 -2.96 3.48
N SER A 46 -12.23 -2.95 4.72
CA SER A 46 -11.57 -3.53 5.88
C SER A 46 -11.70 -5.06 5.88
N PRO A 47 -10.77 -5.78 6.54
CA PRO A 47 -9.44 -5.29 6.89
C PRO A 47 -8.68 -5.02 5.59
N VAL A 48 -7.90 -3.94 5.60
CA VAL A 48 -7.18 -3.54 4.43
C VAL A 48 -6.03 -4.52 4.25
N GLU A 49 -6.11 -5.29 3.18
CA GLU A 49 -5.04 -6.17 2.74
C GLU A 49 -4.13 -5.34 1.83
N PHE A 50 -2.86 -5.73 1.74
CA PHE A 50 -1.83 -5.05 0.96
C PHE A 50 -1.23 -6.09 0.04
N HIS A 51 -1.15 -5.86 -1.26
CA HIS A 51 -0.62 -6.84 -2.19
C HIS A 51 0.50 -6.19 -2.97
N LEU A 52 1.52 -6.96 -3.31
CA LEU A 52 2.66 -6.49 -4.09
C LEU A 52 3.14 -7.56 -5.04
N ASP A 53 3.24 -7.20 -6.31
CA ASP A 53 3.70 -8.01 -7.45
C ASP A 53 2.65 -9.06 -7.81
N GLY A 54 2.26 -9.82 -6.81
CA GLY A 54 1.08 -10.64 -6.78
C GLY A 54 0.94 -11.34 -5.43
N GLU A 55 1.75 -10.99 -4.43
CA GLU A 55 1.80 -11.55 -3.10
C GLU A 55 1.17 -10.56 -2.15
N VAL A 56 0.05 -10.94 -1.57
CA VAL A 56 -0.52 -10.29 -0.41
C VAL A 56 0.37 -10.44 0.83
N LEU A 57 0.78 -9.29 1.34
CA LEU A 57 1.77 -9.08 2.38
C LEU A 57 1.05 -8.75 3.69
N SER A 58 1.66 -9.05 4.84
CA SER A 58 1.09 -8.62 6.12
C SER A 58 1.28 -7.11 6.24
N LEU A 59 0.60 -6.46 7.17
CA LEU A 59 0.77 -5.03 7.40
C LEU A 59 2.14 -4.77 7.98
N ASP A 60 2.48 -5.51 9.02
CA ASP A 60 3.72 -5.25 9.73
C ASP A 60 4.91 -5.61 8.83
N LYS A 61 4.75 -6.70 8.05
CA LYS A 61 5.71 -7.15 7.03
C LYS A 61 5.86 -6.05 6.00
N LEU A 62 4.77 -5.54 5.45
CA LEU A 62 4.75 -4.51 4.42
C LEU A 62 5.75 -3.42 4.79
N LYS A 63 5.64 -2.82 5.98
CA LYS A 63 6.54 -1.73 6.34
C LYS A 63 8.02 -2.14 6.24
N SER A 64 8.35 -3.33 6.76
CA SER A 64 9.69 -3.90 6.64
C SER A 64 10.09 -4.12 5.18
N LEU A 65 9.17 -4.61 4.33
CA LEU A 65 9.40 -4.88 2.92
C LEU A 65 9.59 -3.59 2.12
N LEU A 66 8.92 -2.52 2.52
CA LEU A 66 8.98 -1.22 1.85
C LEU A 66 10.29 -0.49 2.12
N SER A 67 10.99 -0.85 3.20
CA SER A 67 12.27 -0.25 3.54
C SER A 67 13.21 -0.37 2.34
N GLY A 1 -9.52 -1.23 11.74
CA GLY A 1 -8.28 -1.72 11.09
C GLY A 1 -7.08 -0.81 11.33
N SER A 2 -5.97 -1.35 11.84
CA SER A 2 -4.67 -0.66 11.90
C SER A 2 -4.10 -0.41 10.51
N GLU A 3 -4.60 -1.18 9.54
CA GLU A 3 -4.17 -1.20 8.16
C GLU A 3 -4.79 0.00 7.43
N GLU A 4 -6.04 0.35 7.75
CA GLU A 4 -6.72 1.55 7.28
C GLU A 4 -5.88 2.78 7.63
N HIS A 5 -5.36 2.80 8.87
CA HIS A 5 -4.52 3.89 9.36
C HIS A 5 -3.25 3.98 8.51
N PHE A 6 -2.67 2.87 8.05
CA PHE A 6 -1.52 2.95 7.17
C PHE A 6 -1.88 3.66 5.85
N VAL A 7 -3.02 3.31 5.25
CA VAL A 7 -3.48 3.97 4.03
C VAL A 7 -3.66 5.47 4.27
N GLU A 8 -4.23 5.85 5.41
CA GLU A 8 -4.38 7.26 5.76
C GLU A 8 -3.01 7.92 5.87
N THR A 9 -2.08 7.37 6.64
CA THR A 9 -0.83 8.06 6.95
C THR A 9 -0.02 8.33 5.69
N VAL A 10 0.10 7.33 4.80
CA VAL A 10 0.81 7.50 3.55
C VAL A 10 0.03 8.45 2.64
N SER A 11 -1.30 8.48 2.69
CA SER A 11 -2.07 9.50 1.98
C SER A 11 -1.63 10.89 2.40
N LEU A 12 -1.35 11.10 3.69
CA LEU A 12 -0.94 12.42 4.14
C LEU A 12 0.44 12.76 3.58
N ALA A 13 1.41 11.84 3.68
CA ALA A 13 2.76 12.09 3.23
C ALA A 13 2.88 12.14 1.70
N GLY A 14 1.98 11.48 0.99
CA GLY A 14 2.07 11.27 -0.45
C GLY A 14 3.19 10.28 -0.82
N SER A 15 3.80 9.57 0.13
CA SER A 15 4.98 8.74 -0.10
C SER A 15 5.31 7.95 1.18
N TYR A 16 6.24 7.00 1.07
CA TYR A 16 6.79 6.24 2.19
C TYR A 16 8.23 5.83 1.86
N ARG A 17 9.21 6.17 2.72
CA ARG A 17 10.64 5.89 2.55
C ARG A 17 11.21 6.45 1.23
N ASP A 18 11.05 5.68 0.16
CA ASP A 18 11.62 5.81 -1.18
C ASP A 18 10.54 5.56 -2.23
N TRP A 19 9.29 5.37 -1.79
CA TRP A 19 8.11 5.08 -2.59
C TRP A 19 7.24 6.33 -2.60
N SER A 20 6.26 6.34 -3.49
CA SER A 20 5.29 7.40 -3.74
C SER A 20 3.91 6.78 -3.52
N TYR A 21 3.00 7.50 -2.88
CA TYR A 21 1.58 7.16 -2.86
C TYR A 21 1.04 7.25 -4.30
N SER A 22 -0.17 6.76 -4.49
CA SER A 22 -0.95 6.83 -5.71
C SER A 22 -2.37 7.18 -5.26
N GLY A 23 -3.33 6.27 -5.40
CA GLY A 23 -4.73 6.56 -5.12
C GLY A 23 -5.48 6.52 -6.43
N GLN A 24 -5.32 5.42 -7.15
CA GLN A 24 -6.04 5.15 -8.36
C GLN A 24 -6.62 3.76 -8.26
N ARG A 25 -7.94 3.70 -8.28
CA ARG A 25 -8.70 2.47 -8.22
C ARG A 25 -8.63 1.83 -9.59
N THR A 26 -8.39 0.53 -9.64
CA THR A 26 -8.34 -0.28 -10.84
C THR A 26 -9.16 -1.53 -10.53
N GLU A 27 -9.23 -2.49 -11.43
CA GLU A 27 -9.76 -3.81 -11.13
C GLU A 27 -9.04 -4.45 -9.94
N LEU A 28 -7.71 -4.33 -9.91
CA LEU A 28 -6.82 -5.13 -9.05
C LEU A 28 -6.78 -4.63 -7.62
N GLY A 29 -7.54 -3.57 -7.34
CA GLY A 29 -7.48 -2.88 -6.08
C GLY A 29 -7.28 -1.39 -6.31
N VAL A 30 -6.86 -0.65 -5.30
CA VAL A 30 -6.39 0.72 -5.49
C VAL A 30 -4.87 0.73 -5.31
N GLU A 31 -4.18 1.41 -6.22
CA GLU A 31 -2.73 1.58 -6.22
C GLU A 31 -2.31 2.26 -4.91
N PHE A 32 -1.42 1.60 -4.16
CA PHE A 32 -0.83 2.11 -2.93
C PHE A 32 0.43 2.88 -3.20
N LEU A 33 1.48 2.28 -2.75
CA LEU A 33 2.86 2.75 -2.84
C LEU A 33 3.42 2.22 -4.15
N LYS A 34 3.85 3.12 -5.01
CA LYS A 34 4.61 2.84 -6.21
C LYS A 34 6.06 3.24 -5.98
N ARG A 35 6.99 2.37 -6.33
CA ARG A 35 8.41 2.69 -6.35
C ARG A 35 9.03 1.95 -7.51
N GLY A 36 9.77 2.64 -8.38
CA GLY A 36 10.43 2.04 -9.51
C GLY A 36 9.45 1.20 -10.30
N ASP A 37 9.61 -0.10 -10.25
CA ASP A 37 8.87 -1.14 -10.96
C ASP A 37 8.11 -2.04 -9.99
N LYS A 38 7.85 -1.56 -8.78
CA LYS A 38 7.10 -2.21 -7.72
C LYS A 38 5.83 -1.41 -7.50
N ILE A 39 4.71 -2.11 -7.32
CA ILE A 39 3.40 -1.50 -7.06
C ILE A 39 2.72 -2.29 -5.95
N VAL A 40 2.62 -1.67 -4.78
CA VAL A 40 1.74 -2.17 -3.73
C VAL A 40 0.34 -1.71 -4.10
N TYR A 41 -0.66 -2.51 -3.78
CA TYR A 41 -2.08 -2.24 -3.85
C TYR A 41 -2.62 -2.34 -2.42
N HIS A 42 -3.77 -1.74 -2.17
CA HIS A 42 -4.54 -1.96 -0.96
C HIS A 42 -6.00 -2.19 -1.35
N THR A 43 -6.78 -2.81 -0.47
CA THR A 43 -8.18 -3.07 -0.74
C THR A 43 -9.02 -1.84 -0.37
N LEU A 44 -10.19 -1.72 -1.01
CA LEU A 44 -11.14 -0.63 -0.81
C LEU A 44 -11.92 -0.73 0.51
N GLU A 45 -11.88 -1.88 1.18
CA GLU A 45 -12.66 -2.20 2.38
C GLU A 45 -11.75 -2.81 3.47
N SER A 46 -12.32 -3.01 4.66
CA SER A 46 -11.66 -3.55 5.84
C SER A 46 -11.89 -5.06 6.00
N PRO A 47 -10.90 -5.85 6.45
CA PRO A 47 -9.53 -5.42 6.63
C PRO A 47 -8.91 -5.04 5.30
N VAL A 48 -8.12 -3.97 5.38
CA VAL A 48 -7.29 -3.54 4.30
C VAL A 48 -6.17 -4.54 4.21
N GLU A 49 -6.20 -5.35 3.16
CA GLU A 49 -5.11 -6.21 2.80
C GLU A 49 -4.17 -5.39 1.91
N PHE A 50 -2.88 -5.69 1.97
CA PHE A 50 -1.84 -5.04 1.20
C PHE A 50 -1.22 -6.08 0.30
N HIS A 51 -1.13 -5.83 -0.99
CA HIS A 51 -0.56 -6.77 -1.93
C HIS A 51 0.54 -6.03 -2.66
N LEU A 52 1.58 -6.72 -3.07
CA LEU A 52 2.67 -6.20 -3.88
C LEU A 52 2.92 -7.19 -5.00
N ASP A 53 2.71 -6.72 -6.23
CA ASP A 53 2.97 -7.42 -7.50
C ASP A 53 1.93 -8.51 -7.76
N GLY A 54 1.52 -9.18 -6.68
CA GLY A 54 0.44 -10.12 -6.55
C GLY A 54 0.57 -10.92 -5.24
N GLU A 55 1.68 -10.82 -4.52
CA GLU A 55 1.88 -11.42 -3.20
C GLU A 55 1.21 -10.49 -2.22
N VAL A 56 0.17 -10.96 -1.55
CA VAL A 56 -0.36 -10.32 -0.38
C VAL A 56 0.41 -10.62 0.88
N LEU A 57 0.63 -9.52 1.60
CA LEU A 57 1.55 -9.40 2.71
C LEU A 57 0.78 -9.34 4.03
N SER A 58 1.43 -8.84 5.09
CA SER A 58 0.77 -8.38 6.29
C SER A 58 1.32 -7.00 6.65
N LEU A 59 0.66 -6.32 7.58
CA LEU A 59 0.91 -4.92 7.94
C LEU A 59 2.26 -4.71 8.62
N ASP A 60 2.86 -5.77 9.13
CA ASP A 60 4.16 -5.70 9.80
C ASP A 60 5.25 -6.03 8.78
N LYS A 61 5.01 -7.05 7.94
CA LYS A 61 5.89 -7.42 6.84
C LYS A 61 6.03 -6.25 5.89
N LEU A 62 4.92 -5.69 5.42
CA LEU A 62 4.90 -4.64 4.40
C LEU A 62 5.93 -3.56 4.72
N LYS A 63 5.94 -2.99 5.93
CA LYS A 63 6.92 -1.95 6.26
C LYS A 63 8.36 -2.43 6.02
N SER A 64 8.66 -3.62 6.53
CA SER A 64 9.94 -4.31 6.39
C SER A 64 10.29 -4.58 4.92
N LEU A 65 9.31 -4.68 4.02
CA LEU A 65 9.49 -4.85 2.58
C LEU A 65 9.66 -3.51 1.85
N LEU A 66 9.08 -2.43 2.36
CA LEU A 66 9.20 -1.09 1.79
C LEU A 66 10.57 -0.50 2.09
N SER A 67 11.11 -0.86 3.25
CA SER A 67 12.37 -0.44 3.83
C SER A 67 13.53 -1.10 3.09
N GLY A 1 -8.23 -1.71 12.82
CA GLY A 1 -7.01 -2.16 12.16
C GLY A 1 -5.89 -1.13 12.33
N SER A 2 -4.66 -1.62 12.24
CA SER A 2 -3.48 -0.83 11.92
C SER A 2 -3.47 -0.49 10.42
N GLU A 3 -4.21 -1.25 9.61
CA GLU A 3 -4.08 -1.28 8.16
C GLU A 3 -4.71 -0.04 7.51
N GLU A 4 -5.95 0.30 7.87
CA GLU A 4 -6.61 1.49 7.31
C GLU A 4 -5.84 2.73 7.74
N HIS A 5 -5.33 2.71 8.97
CA HIS A 5 -4.50 3.78 9.49
C HIS A 5 -3.20 3.87 8.69
N PHE A 6 -2.67 2.75 8.19
CA PHE A 6 -1.45 2.80 7.40
C PHE A 6 -1.69 3.44 6.04
N VAL A 7 -2.81 3.07 5.39
CA VAL A 7 -3.28 3.74 4.18
C VAL A 7 -3.38 5.23 4.44
N GLU A 8 -4.02 5.58 5.55
CA GLU A 8 -4.25 6.95 5.96
C GLU A 8 -2.90 7.67 6.02
N THR A 9 -1.96 7.17 6.84
CA THR A 9 -0.74 7.88 7.15
C THR A 9 0.09 8.16 5.90
N VAL A 10 0.22 7.16 5.03
CA VAL A 10 0.96 7.35 3.80
C VAL A 10 0.21 8.37 2.94
N SER A 11 -1.11 8.28 2.81
CA SER A 11 -1.91 9.22 2.03
C SER A 11 -1.70 10.66 2.50
N LEU A 12 -1.48 10.87 3.80
CA LEU A 12 -1.23 12.20 4.33
C LEU A 12 0.11 12.69 3.81
N ALA A 13 1.17 11.89 3.93
CA ALA A 13 2.50 12.27 3.47
C ALA A 13 2.59 12.35 1.94
N GLY A 14 1.76 11.61 1.22
CA GLY A 14 1.82 11.45 -0.21
C GLY A 14 3.03 10.62 -0.64
N SER A 15 3.82 10.05 0.28
CA SER A 15 4.80 9.01 0.04
C SER A 15 5.25 8.37 1.40
N TYR A 16 6.16 7.40 1.38
CA TYR A 16 6.65 6.57 2.48
C TYR A 16 8.06 6.07 2.12
N ARG A 17 9.04 6.25 3.03
CA ARG A 17 10.46 5.90 2.89
C ARG A 17 11.09 6.47 1.63
N ASP A 18 10.97 5.77 0.50
CA ASP A 18 11.56 6.11 -0.79
C ASP A 18 10.59 5.79 -1.95
N TRP A 19 9.40 5.28 -1.65
CA TRP A 19 8.33 5.02 -2.59
C TRP A 19 7.64 6.35 -2.91
N SER A 20 6.57 6.32 -3.69
CA SER A 20 5.61 7.39 -3.93
C SER A 20 4.23 6.85 -3.57
N TYR A 21 3.31 7.61 -2.97
CA TYR A 21 1.89 7.25 -2.93
C TYR A 21 1.35 7.44 -4.35
N SER A 22 0.22 6.82 -4.67
CA SER A 22 -0.49 6.92 -5.93
C SER A 22 -1.93 7.32 -5.60
N GLY A 23 -2.90 6.42 -5.80
CA GLY A 23 -4.31 6.72 -5.56
C GLY A 23 -5.11 6.49 -6.84
N GLN A 24 -4.81 5.41 -7.54
CA GLN A 24 -5.47 5.05 -8.77
C GLN A 24 -6.18 3.74 -8.55
N ARG A 25 -7.50 3.80 -8.45
CA ARG A 25 -8.32 2.62 -8.23
C ARG A 25 -8.33 1.82 -9.53
N THR A 26 -8.39 0.50 -9.42
CA THR A 26 -8.38 -0.40 -10.55
C THR A 26 -9.24 -1.62 -10.24
N GLU A 27 -9.42 -2.47 -11.25
CA GLU A 27 -9.95 -3.83 -11.22
C GLU A 27 -9.35 -4.69 -10.11
N LEU A 28 -8.11 -4.39 -9.72
CA LEU A 28 -7.24 -5.21 -8.87
C LEU A 28 -7.11 -4.69 -7.46
N GLY A 29 -7.76 -3.57 -7.14
CA GLY A 29 -7.51 -2.83 -5.93
C GLY A 29 -7.10 -1.41 -6.29
N VAL A 30 -6.83 -0.56 -5.31
CA VAL A 30 -6.22 0.75 -5.60
C VAL A 30 -4.70 0.65 -5.49
N GLU A 31 -4.00 1.32 -6.41
CA GLU A 31 -2.56 1.49 -6.38
C GLU A 31 -2.17 2.27 -5.13
N PHE A 32 -1.23 1.69 -4.39
CA PHE A 32 -0.70 2.21 -3.15
C PHE A 32 0.61 2.90 -3.37
N LEU A 33 1.60 2.27 -2.82
CA LEU A 33 2.99 2.69 -2.89
C LEU A 33 3.57 2.18 -4.19
N LYS A 34 4.10 3.10 -5.01
CA LYS A 34 4.90 2.80 -6.18
C LYS A 34 6.36 3.13 -5.90
N ARG A 35 7.31 2.25 -6.24
CA ARG A 35 8.73 2.57 -6.19
C ARG A 35 9.38 2.01 -7.42
N GLY A 36 9.72 2.89 -8.37
CA GLY A 36 10.12 2.46 -9.68
C GLY A 36 8.96 1.71 -10.29
N ASP A 37 9.22 0.45 -10.53
CA ASP A 37 8.32 -0.49 -11.18
C ASP A 37 7.48 -1.24 -10.15
N LYS A 38 7.82 -1.20 -8.86
CA LYS A 38 7.15 -1.99 -7.82
C LYS A 38 5.86 -1.28 -7.48
N ILE A 39 4.76 -2.01 -7.35
CA ILE A 39 3.43 -1.44 -7.09
C ILE A 39 2.76 -2.24 -5.99
N VAL A 40 2.65 -1.63 -4.83
CA VAL A 40 1.80 -2.14 -3.77
C VAL A 40 0.36 -1.73 -4.11
N TYR A 41 -0.60 -2.57 -3.76
CA TYR A 41 -2.03 -2.29 -3.77
C TYR A 41 -2.57 -2.36 -2.35
N HIS A 42 -3.72 -1.76 -2.12
CA HIS A 42 -4.53 -1.98 -0.92
C HIS A 42 -5.97 -2.16 -1.38
N THR A 43 -6.74 -2.87 -0.56
CA THR A 43 -8.15 -3.10 -0.79
C THR A 43 -8.94 -1.90 -0.25
N LEU A 44 -10.13 -1.68 -0.81
CA LEU A 44 -11.00 -0.53 -0.51
C LEU A 44 -11.95 -0.76 0.67
N GLU A 45 -11.87 -1.93 1.28
CA GLU A 45 -12.79 -2.40 2.32
C GLU A 45 -12.00 -3.01 3.48
N SER A 46 -12.66 -3.30 4.60
CA SER A 46 -11.99 -3.69 5.84
C SER A 46 -12.22 -5.16 6.20
N PRO A 47 -11.23 -5.82 6.82
CA PRO A 47 -9.88 -5.32 7.04
C PRO A 47 -9.17 -5.21 5.70
N VAL A 48 -8.36 -4.16 5.57
CA VAL A 48 -7.55 -3.91 4.39
C VAL A 48 -6.48 -4.99 4.38
N GLU A 49 -6.16 -5.41 3.17
CA GLU A 49 -5.02 -6.23 2.82
C GLU A 49 -4.13 -5.37 1.95
N PHE A 50 -2.90 -5.83 1.79
CA PHE A 50 -1.90 -5.15 0.99
C PHE A 50 -1.34 -6.19 0.05
N HIS A 51 -1.16 -5.87 -1.23
CA HIS A 51 -0.57 -6.81 -2.19
C HIS A 51 0.60 -6.15 -2.88
N LEU A 52 1.52 -6.92 -3.41
CA LEU A 52 2.68 -6.46 -4.17
C LEU A 52 3.09 -7.61 -5.08
N ASP A 53 3.18 -7.36 -6.39
CA ASP A 53 3.71 -8.32 -7.36
C ASP A 53 2.89 -9.63 -7.42
N GLY A 54 1.67 -9.62 -6.88
CA GLY A 54 0.80 -10.78 -6.79
C GLY A 54 0.83 -11.46 -5.43
N GLU A 55 1.81 -11.15 -4.58
CA GLU A 55 1.92 -11.65 -3.21
C GLU A 55 1.18 -10.66 -2.34
N VAL A 56 0.18 -11.10 -1.61
CA VAL A 56 -0.35 -10.38 -0.47
C VAL A 56 0.61 -10.53 0.68
N LEU A 57 0.76 -9.40 1.36
CA LEU A 57 1.68 -9.23 2.47
C LEU A 57 0.89 -9.07 3.76
N SER A 58 1.54 -9.23 4.91
CA SER A 58 0.99 -8.67 6.15
C SER A 58 1.19 -7.16 6.10
N LEU A 59 0.48 -6.44 6.97
CA LEU A 59 0.67 -5.02 7.14
C LEU A 59 2.03 -4.77 7.76
N ASP A 60 2.29 -5.46 8.86
CA ASP A 60 3.48 -5.15 9.62
C ASP A 60 4.72 -5.52 8.82
N LYS A 61 4.60 -6.60 8.03
CA LYS A 61 5.56 -7.01 7.03
C LYS A 61 5.71 -5.95 5.98
N LEU A 62 4.62 -5.42 5.43
CA LEU A 62 4.64 -4.41 4.39
C LEU A 62 5.60 -3.30 4.77
N LYS A 63 5.52 -2.76 5.99
CA LYS A 63 6.45 -1.69 6.38
C LYS A 63 7.90 -2.15 6.22
N SER A 64 8.21 -3.37 6.70
CA SER A 64 9.51 -4.02 6.51
C SER A 64 9.82 -4.33 5.04
N LEU A 65 8.84 -4.50 4.16
CA LEU A 65 9.06 -4.74 2.72
C LEU A 65 9.34 -3.43 2.00
N LEU A 66 8.75 -2.33 2.47
CA LEU A 66 8.97 -1.01 1.90
C LEU A 66 10.35 -0.52 2.34
N SER A 67 10.79 -0.90 3.53
CA SER A 67 12.14 -0.69 4.03
C SER A 67 13.13 -1.41 3.11
N GLY A 1 -8.40 1.80 13.74
CA GLY A 1 -7.89 0.73 12.85
C GLY A 1 -6.41 0.96 12.55
N SER A 2 -5.62 -0.09 12.32
CA SER A 2 -4.18 -0.02 12.07
C SER A 2 -3.90 -0.09 10.56
N GLU A 3 -4.51 -1.05 9.87
CA GLU A 3 -4.29 -1.28 8.43
C GLU A 3 -4.82 -0.07 7.66
N GLU A 4 -6.05 0.32 7.95
CA GLU A 4 -6.73 1.49 7.39
C GLU A 4 -5.87 2.74 7.61
N HIS A 5 -5.30 2.85 8.80
CA HIS A 5 -4.49 3.98 9.19
C HIS A 5 -3.14 3.99 8.46
N PHE A 6 -2.67 2.84 7.96
CA PHE A 6 -1.45 2.80 7.18
C PHE A 6 -1.67 3.48 5.83
N VAL A 7 -2.81 3.21 5.19
CA VAL A 7 -3.19 3.92 3.97
C VAL A 7 -3.30 5.42 4.29
N GLU A 8 -3.90 5.73 5.43
CA GLU A 8 -4.14 7.10 5.87
C GLU A 8 -2.81 7.84 5.98
N THR A 9 -1.84 7.30 6.71
CA THR A 9 -0.60 7.98 7.03
C THR A 9 0.19 8.29 5.77
N VAL A 10 0.34 7.31 4.88
CA VAL A 10 1.13 7.49 3.68
C VAL A 10 0.51 8.57 2.81
N SER A 11 -0.82 8.69 2.73
CA SER A 11 -1.47 9.76 1.97
C SER A 11 -1.03 11.13 2.47
N LEU A 12 -0.86 11.28 3.79
CA LEU A 12 -0.50 12.56 4.37
C LEU A 12 0.90 12.98 3.93
N ALA A 13 1.84 12.02 3.89
CA ALA A 13 3.19 12.24 3.37
C ALA A 13 3.21 12.27 1.84
N GLY A 14 2.24 11.65 1.18
CA GLY A 14 2.30 11.28 -0.23
C GLY A 14 3.40 10.24 -0.49
N SER A 15 3.98 9.59 0.52
CA SER A 15 5.16 8.76 0.33
C SER A 15 5.44 7.87 1.55
N TYR A 16 6.29 6.84 1.40
CA TYR A 16 6.77 6.01 2.50
C TYR A 16 8.18 5.49 2.25
N ARG A 17 9.11 5.71 3.19
CA ARG A 17 10.53 5.40 3.12
C ARG A 17 11.19 6.02 1.89
N ASP A 18 11.14 5.36 0.74
CA ASP A 18 11.67 5.81 -0.56
C ASP A 18 10.55 5.80 -1.62
N TRP A 19 9.41 5.16 -1.32
CA TRP A 19 8.27 4.95 -2.20
C TRP A 19 7.43 6.21 -2.28
N SER A 20 6.54 6.26 -3.27
CA SER A 20 5.66 7.35 -3.60
C SER A 20 4.24 6.80 -3.55
N TYR A 21 3.31 7.53 -2.93
CA TYR A 21 1.88 7.20 -2.92
C TYR A 21 1.30 7.26 -4.34
N SER A 22 0.06 6.79 -4.50
CA SER A 22 -0.74 6.80 -5.72
C SER A 22 -2.18 7.10 -5.32
N GLY A 23 -3.10 6.13 -5.43
CA GLY A 23 -4.52 6.29 -5.19
C GLY A 23 -5.35 6.11 -6.45
N GLN A 24 -4.72 5.68 -7.54
CA GLN A 24 -5.39 5.24 -8.76
C GLN A 24 -6.17 3.97 -8.40
N ARG A 25 -7.49 4.08 -8.24
CA ARG A 25 -8.32 2.89 -8.08
C ARG A 25 -8.34 2.12 -9.38
N THR A 26 -8.30 0.80 -9.33
CA THR A 26 -8.39 -0.08 -10.49
C THR A 26 -9.27 -1.27 -10.09
N GLU A 27 -9.39 -2.25 -10.99
CA GLU A 27 -10.13 -3.49 -10.73
C GLU A 27 -9.50 -4.33 -9.61
N LEU A 28 -8.19 -4.19 -9.42
CA LEU A 28 -7.40 -5.04 -8.54
C LEU A 28 -7.34 -4.50 -7.12
N GLY A 29 -7.90 -3.33 -6.88
CA GLY A 29 -7.67 -2.61 -5.65
C GLY A 29 -7.32 -1.17 -5.99
N VAL A 30 -6.87 -0.42 -4.99
CA VAL A 30 -6.37 0.93 -5.22
C VAL A 30 -4.85 0.86 -5.20
N GLU A 31 -4.19 1.48 -6.19
CA GLU A 31 -2.75 1.63 -6.21
C GLU A 31 -2.30 2.34 -4.94
N PHE A 32 -1.23 1.85 -4.35
CA PHE A 32 -0.69 2.32 -3.11
C PHE A 32 0.63 3.01 -3.34
N LEU A 33 1.62 2.36 -2.81
CA LEU A 33 3.01 2.78 -2.86
C LEU A 33 3.62 2.24 -4.15
N LYS A 34 4.07 3.13 -5.01
CA LYS A 34 4.97 2.86 -6.12
C LYS A 34 6.42 3.06 -5.66
N ARG A 35 7.35 2.22 -6.10
CA ARG A 35 8.80 2.49 -6.08
C ARG A 35 9.39 1.68 -7.22
N GLY A 36 10.12 2.31 -8.15
CA GLY A 36 10.53 1.64 -9.38
C GLY A 36 9.36 0.93 -10.02
N ASP A 37 9.56 -0.35 -10.31
CA ASP A 37 8.60 -1.24 -10.92
C ASP A 37 7.67 -1.89 -9.88
N LYS A 38 7.83 -1.60 -8.59
CA LYS A 38 7.03 -2.19 -7.54
C LYS A 38 5.82 -1.32 -7.29
N ILE A 39 4.64 -1.90 -7.38
CA ILE A 39 3.37 -1.23 -7.14
C ILE A 39 2.65 -2.07 -6.10
N VAL A 40 2.56 -1.52 -4.89
CA VAL A 40 1.68 -2.05 -3.87
C VAL A 40 0.29 -1.54 -4.24
N TYR A 41 -0.73 -2.32 -3.92
CA TYR A 41 -2.13 -1.98 -3.91
C TYR A 41 -2.64 -2.19 -2.50
N HIS A 42 -3.81 -1.63 -2.18
CA HIS A 42 -4.54 -1.97 -0.97
C HIS A 42 -5.97 -2.33 -1.34
N THR A 43 -6.60 -3.14 -0.51
CA THR A 43 -8.01 -3.44 -0.63
C THR A 43 -8.81 -2.21 -0.24
N LEU A 44 -10.01 -2.10 -0.80
CA LEU A 44 -11.01 -1.14 -0.35
C LEU A 44 -11.47 -1.49 1.06
N GLU A 45 -11.79 -2.77 1.28
CA GLU A 45 -12.36 -3.26 2.53
C GLU A 45 -11.26 -3.69 3.51
N SER A 46 -11.67 -3.80 4.77
CA SER A 46 -10.84 -4.20 5.89
C SER A 46 -10.98 -5.70 6.20
N PRO A 47 -9.97 -6.32 6.83
CA PRO A 47 -8.66 -5.74 7.09
C PRO A 47 -7.97 -5.45 5.78
N VAL A 48 -7.30 -4.30 5.74
CA VAL A 48 -6.76 -3.82 4.50
C VAL A 48 -5.54 -4.69 4.26
N GLU A 49 -5.66 -5.56 3.26
CA GLU A 49 -4.56 -6.35 2.79
C GLU A 49 -3.82 -5.52 1.76
N PHE A 50 -2.52 -5.79 1.61
CA PHE A 50 -1.61 -4.94 0.89
C PHE A 50 -0.91 -5.81 -0.14
N HIS A 51 -1.36 -5.79 -1.38
CA HIS A 51 -0.85 -6.70 -2.40
C HIS A 51 0.32 -6.01 -3.08
N LEU A 52 1.47 -6.68 -3.19
CA LEU A 52 2.58 -6.18 -3.97
C LEU A 52 2.84 -7.18 -5.07
N ASP A 53 2.65 -6.75 -6.32
CA ASP A 53 3.09 -7.43 -7.53
C ASP A 53 2.42 -8.79 -7.74
N GLY A 54 1.38 -9.10 -6.97
CA GLY A 54 0.70 -10.39 -6.99
C GLY A 54 0.99 -11.24 -5.75
N GLU A 55 1.64 -10.69 -4.72
CA GLU A 55 1.74 -11.31 -3.40
C GLU A 55 0.97 -10.41 -2.42
N VAL A 56 -0.14 -10.90 -1.89
CA VAL A 56 -0.84 -10.31 -0.76
C VAL A 56 0.09 -10.38 0.44
N LEU A 57 0.43 -9.22 0.98
CA LEU A 57 1.28 -9.05 2.13
C LEU A 57 0.40 -8.57 3.29
N SER A 58 0.94 -8.63 4.52
CA SER A 58 0.33 -8.17 5.75
C SER A 58 0.85 -6.80 6.16
N LEU A 59 0.28 -6.20 7.20
CA LEU A 59 0.63 -4.85 7.60
C LEU A 59 2.06 -4.82 8.12
N ASP A 60 2.42 -5.80 8.94
CA ASP A 60 3.73 -5.82 9.59
C ASP A 60 4.84 -6.06 8.60
N LYS A 61 4.68 -7.10 7.76
CA LYS A 61 5.70 -7.42 6.79
C LYS A 61 5.83 -6.25 5.84
N LEU A 62 4.73 -5.62 5.42
CA LEU A 62 4.74 -4.54 4.45
C LEU A 62 5.75 -3.48 4.87
N LYS A 63 5.69 -2.98 6.10
CA LYS A 63 6.62 -1.93 6.54
C LYS A 63 8.07 -2.36 6.34
N SER A 64 8.39 -3.58 6.75
CA SER A 64 9.69 -4.18 6.55
C SER A 64 10.08 -4.31 5.08
N LEU A 65 9.12 -4.66 4.20
CA LEU A 65 9.36 -4.80 2.76
C LEU A 65 9.52 -3.45 2.05
N LEU A 66 8.97 -2.38 2.63
CA LEU A 66 9.07 -1.05 2.08
C LEU A 66 10.37 -0.36 2.51
N SER A 67 11.11 -0.93 3.46
CA SER A 67 12.52 -0.56 3.66
C SER A 67 13.37 -1.00 2.45
N GLY A 1 -8.10 -1.71 12.68
CA GLY A 1 -7.62 -0.97 11.50
C GLY A 1 -6.21 -0.40 11.65
N SER A 2 -5.21 -1.18 12.08
CA SER A 2 -3.81 -0.77 11.86
C SER A 2 -3.55 -0.65 10.36
N GLU A 3 -4.24 -1.49 9.58
CA GLU A 3 -4.15 -1.61 8.15
C GLU A 3 -4.73 -0.32 7.53
N GLU A 4 -5.95 0.04 7.93
CA GLU A 4 -6.66 1.25 7.54
C GLU A 4 -5.78 2.48 7.76
N HIS A 5 -5.10 2.54 8.90
CA HIS A 5 -4.31 3.69 9.31
C HIS A 5 -3.04 3.84 8.50
N PHE A 6 -2.39 2.74 8.08
CA PHE A 6 -1.21 2.84 7.25
C PHE A 6 -1.57 3.53 5.93
N VAL A 7 -2.72 3.17 5.37
CA VAL A 7 -3.17 3.78 4.11
C VAL A 7 -3.31 5.29 4.27
N GLU A 8 -3.92 5.73 5.38
CA GLU A 8 -4.04 7.14 5.69
C GLU A 8 -2.66 7.79 5.88
N THR A 9 -1.77 7.22 6.69
CA THR A 9 -0.55 7.91 7.09
C THR A 9 0.32 8.28 5.90
N VAL A 10 0.34 7.41 4.88
CA VAL A 10 1.11 7.72 3.69
C VAL A 10 0.36 8.76 2.84
N SER A 11 -0.98 8.79 2.82
CA SER A 11 -1.70 9.82 2.09
C SER A 11 -1.32 11.21 2.63
N LEU A 12 -1.12 11.31 3.94
CA LEU A 12 -0.76 12.56 4.61
C LEU A 12 0.65 13.01 4.25
N ALA A 13 1.58 12.08 4.00
CA ALA A 13 2.96 12.37 3.65
C ALA A 13 3.16 12.44 2.13
N GLY A 14 2.23 11.92 1.34
CA GLY A 14 2.36 11.74 -0.09
C GLY A 14 3.46 10.75 -0.47
N SER A 15 4.11 10.07 0.47
CA SER A 15 5.16 9.10 0.19
C SER A 15 5.53 8.30 1.44
N TYR A 16 6.36 7.27 1.28
CA TYR A 16 6.96 6.45 2.32
C TYR A 16 8.45 6.36 1.98
N ARG A 17 9.18 5.41 2.55
CA ARG A 17 10.64 5.40 2.69
C ARG A 17 11.34 5.89 1.43
N ASP A 18 11.27 5.11 0.35
CA ASP A 18 11.73 5.50 -0.98
C ASP A 18 10.57 5.55 -1.98
N TRP A 19 9.37 5.14 -1.54
CA TRP A 19 8.20 4.95 -2.38
C TRP A 19 7.33 6.19 -2.39
N SER A 20 6.49 6.31 -3.40
CA SER A 20 5.64 7.43 -3.75
C SER A 20 4.19 7.02 -3.59
N TYR A 21 3.35 7.85 -2.95
CA TYR A 21 1.91 7.60 -2.91
C TYR A 21 1.30 7.76 -4.31
N SER A 22 0.06 7.30 -4.49
CA SER A 22 -0.71 7.30 -5.72
C SER A 22 -2.17 7.51 -5.35
N GLY A 23 -3.05 6.53 -5.51
CA GLY A 23 -4.44 6.62 -5.09
C GLY A 23 -5.43 6.37 -6.25
N GLN A 24 -4.93 6.13 -7.45
CA GLN A 24 -5.71 5.72 -8.61
C GLN A 24 -6.45 4.42 -8.29
N ARG A 25 -7.53 4.15 -9.00
CA ARG A 25 -8.32 2.93 -8.87
C ARG A 25 -8.04 2.08 -10.11
N THR A 26 -7.93 0.77 -9.97
CA THR A 26 -7.68 -0.16 -11.05
C THR A 26 -8.56 -1.40 -10.85
N GLU A 27 -8.37 -2.43 -11.68
CA GLU A 27 -9.00 -3.74 -11.47
C GLU A 27 -8.45 -4.42 -10.21
N LEU A 28 -7.17 -4.21 -9.94
CA LEU A 28 -6.40 -4.81 -8.86
C LEU A 28 -6.63 -4.09 -7.55
N GLY A 29 -7.31 -2.93 -7.54
CA GLY A 29 -7.61 -2.23 -6.31
C GLY A 29 -7.30 -0.74 -6.40
N VAL A 30 -7.28 -0.02 -5.27
CA VAL A 30 -6.63 1.28 -5.24
C VAL A 30 -5.10 1.08 -5.28
N GLU A 31 -4.39 1.87 -6.09
CA GLU A 31 -2.94 2.01 -6.08
C GLU A 31 -2.53 2.64 -4.75
N PHE A 32 -1.71 1.92 -4.00
CA PHE A 32 -1.03 2.40 -2.81
C PHE A 32 0.21 3.21 -3.14
N LEU A 33 1.29 2.60 -2.77
CA LEU A 33 2.68 3.03 -2.93
C LEU A 33 3.26 2.42 -4.20
N LYS A 34 3.78 3.30 -5.05
CA LYS A 34 4.60 2.95 -6.19
C LYS A 34 6.05 3.15 -5.82
N ARG A 35 6.93 2.35 -6.41
CA ARG A 35 8.37 2.53 -6.50
C ARG A 35 8.82 1.73 -7.71
N GLY A 36 10.12 1.63 -7.97
CA GLY A 36 10.70 1.03 -9.15
C GLY A 36 10.29 -0.39 -9.41
N ASP A 37 9.32 -0.47 -10.29
CA ASP A 37 8.64 -1.61 -10.84
C ASP A 37 7.63 -2.25 -9.88
N LYS A 38 7.36 -1.60 -8.74
CA LYS A 38 6.68 -2.16 -7.59
C LYS A 38 5.47 -1.30 -7.32
N ILE A 39 4.28 -1.87 -7.39
CA ILE A 39 3.02 -1.18 -7.15
C ILE A 39 2.28 -1.97 -6.07
N VAL A 40 2.14 -1.36 -4.90
CA VAL A 40 1.32 -1.91 -3.83
C VAL A 40 -0.13 -1.54 -4.14
N TYR A 41 -1.07 -2.39 -3.74
CA TYR A 41 -2.51 -2.18 -3.75
C TYR A 41 -3.02 -2.38 -2.32
N HIS A 42 -4.06 -1.66 -1.91
CA HIS A 42 -4.79 -1.87 -0.66
C HIS A 42 -6.30 -2.01 -0.85
N THR A 43 -6.93 -2.99 -0.21
CA THR A 43 -8.31 -3.32 -0.56
C THR A 43 -9.27 -2.22 -0.10
N LEU A 44 -10.43 -2.15 -0.77
CA LEU A 44 -11.52 -1.19 -0.55
C LEU A 44 -12.38 -1.47 0.69
N GLU A 45 -12.15 -2.58 1.38
CA GLU A 45 -12.87 -3.04 2.57
C GLU A 45 -11.90 -3.09 3.74
N SER A 46 -12.35 -3.64 4.87
CA SER A 46 -11.51 -3.91 6.02
C SER A 46 -11.67 -5.37 6.46
N PRO A 47 -10.62 -5.97 7.04
CA PRO A 47 -9.30 -5.38 7.16
C PRO A 47 -8.62 -5.29 5.80
N VAL A 48 -7.65 -4.39 5.73
CA VAL A 48 -7.14 -3.92 4.47
C VAL A 48 -5.97 -4.84 4.09
N GLU A 49 -6.12 -5.59 3.00
CA GLU A 49 -5.16 -6.59 2.56
C GLU A 49 -4.23 -6.02 1.51
N PHE A 50 -2.94 -5.98 1.84
CA PHE A 50 -1.96 -5.24 1.03
C PHE A 50 -1.42 -6.22 0.03
N HIS A 51 -1.52 -5.93 -1.26
CA HIS A 51 -0.94 -6.79 -2.29
C HIS A 51 0.19 -6.04 -2.94
N LEU A 52 1.20 -6.76 -3.39
CA LEU A 52 2.31 -6.17 -4.12
C LEU A 52 2.83 -7.24 -5.05
N ASP A 53 3.01 -6.90 -6.32
CA ASP A 53 3.63 -7.74 -7.34
C ASP A 53 2.78 -8.96 -7.73
N GLY A 54 1.70 -9.24 -6.99
CA GLY A 54 0.85 -10.41 -7.12
C GLY A 54 0.78 -11.19 -5.81
N GLU A 55 1.46 -10.75 -4.76
CA GLU A 55 1.51 -11.39 -3.45
C GLU A 55 0.76 -10.50 -2.46
N VAL A 56 -0.31 -11.02 -1.88
CA VAL A 56 -0.90 -10.44 -0.67
C VAL A 56 0.13 -10.57 0.45
N LEU A 57 0.68 -9.45 0.89
CA LEU A 57 1.57 -9.30 2.02
C LEU A 57 0.76 -9.19 3.31
N SER A 58 1.42 -9.01 4.45
CA SER A 58 0.82 -8.65 5.72
C SER A 58 1.04 -7.16 5.95
N LEU A 59 0.37 -6.57 6.94
CA LEU A 59 0.48 -5.14 7.17
C LEU A 59 1.85 -4.80 7.69
N ASP A 60 2.22 -5.55 8.72
CA ASP A 60 3.41 -5.24 9.46
C ASP A 60 4.65 -5.61 8.63
N LYS A 61 4.53 -6.73 7.90
CA LYS A 61 5.48 -7.18 6.90
C LYS A 61 5.67 -6.07 5.91
N LEU A 62 4.58 -5.61 5.27
CA LEU A 62 4.62 -4.61 4.22
C LEU A 62 5.56 -3.50 4.64
N LYS A 63 5.36 -2.90 5.82
CA LYS A 63 6.23 -1.81 6.27
C LYS A 63 7.71 -2.17 6.22
N SER A 64 8.07 -3.36 6.69
CA SER A 64 9.43 -3.87 6.60
C SER A 64 9.85 -4.06 5.13
N LEU A 65 9.01 -4.66 4.29
CA LEU A 65 9.29 -4.97 2.89
C LEU A 65 9.43 -3.72 2.01
N LEU A 66 8.86 -2.60 2.44
CA LEU A 66 8.97 -1.29 1.80
C LEU A 66 10.33 -0.67 2.09
N SER A 67 10.94 -1.00 3.22
CA SER A 67 12.29 -0.55 3.54
C SER A 67 13.29 -1.06 2.52
#